data_4PJX
#
_entry.id   4PJX
#
_cell.length_a   213.921
_cell.length_b   69.581
_cell.length_c   142.502
_cell.angle_alpha   90.00
_cell.angle_beta   103.74
_cell.angle_gamma   90.00
#
_symmetry.space_group_name_H-M   'C 1 2 1'
#
loop_
_entity.id
_entity.type
_entity.pdbx_description
1 polymer 'Major histocompatibility complex class I-related gene protein'
2 polymer Beta-2-microglobulin
3 polymer TCR-alpha
4 polymer TCR-beta
5 non-polymer N-(6-formyl-4-oxo-3,4-dihydropteridin-2-yl)acetamide
6 non-polymer 'CHLORIDE ION'
7 non-polymer GLYCEROL
8 non-polymer 2-[3-(2-HYDROXY-1,1-DIHYDROXYMETHYL-ETHYLAMINO)-PROPYLAMINO]-2-HYDROXYMETHYL-PROPANE-1,3-DIOL
9 water water
#
loop_
_entity_poly.entity_id
_entity_poly.type
_entity_poly.pdbx_seq_one_letter_code
_entity_poly.pdbx_strand_id
1 'polypeptide(L)'
;MRTHSLRYFRLGVSDPIHGVPEFISVGYVDSHPITTYDSVTRQKEPRAPWMAENLAPDHWERYTQLLRGWQQMFKVELKR
LQRHYNHSGSHTYQRMIGCELLEDGSTTGFLQYAYDGQDFLIFNKDTLSWLAVDNVAHTIKQAWEANQHELLYQKNWLEE
ECIAWLKRFLEYGKDTLQRTEPPLVRVNRKETFPGVTALFCKAHGFYPPEIYMTWMKNGEEIVQEIDYGDILPSGDGTYQ
AWASIELDPQSSNLYSCHVEHSGVHMVLQVP
;
A,C
2 'polypeptide(L)'
;MIQRTPKIQVYSRHPAENGKSNFLNCYVSGFHPSDIEVDLLKNGERIEKVEHSDLSFSKDWSFYLLYYTEFTPTEKDEYA
CRVNHVTLSQPKIVKWDRDM
;
B,D
3 'polypeptide(L)'
;HMGQNIDQPTEMTATEGAIVQINCTYQTSGFNGLFWYQQHAGEAPTFLSYNVLDGLEEKGRFSSFLSRSKGYSYLLLKEL
QMKDSASYLCAVRDSNYQLIWGAGTKLIIKPDIQNPDPAVYQLRDSKSSDKSVCLFTDFDSQTNVSQSKDSDVYITDKCV
LDMRSMDFKSNSAVAWSNKSDFACANAFNNSIIPEDTFFPSPESS
;
E,G
4 'polypeptide(L)'
;HMNAGVTQTPKFQVLKTGQSMTLQCAQDMNHNSMYWYRQDPGMGLRLIYYSASEGTTDKGEVPNGYNVSRLNKREFSLRL
ESAAPSQTSVYFCASSAAVEGGNTIYFGEGSRLTVLEDLKNVFPPEVAVFEPSEAEISHTQKATLVCLATGFYPDHVELS
WWVNGKEVHSGVCTDPQPLKEQPALNDSRYALSSRLRVSATFWQNPRNHFRCQVQFYGLSENDEWTQDRAKPVTQIVSAE
AWGRAD
;
F,H
#
loop_
_chem_comp.id
_chem_comp.type
_chem_comp.name
_chem_comp.formula
30W non-polymer N-(6-formyl-4-oxo-3,4-dihydropteridin-2-yl)acetamide 'C9 H7 N5 O3'
B3P non-polymer 2-[3-(2-HYDROXY-1,1-DIHYDROXYMETHYL-ETHYLAMINO)-PROPYLAMINO]-2-HYDROXYMETHYL-PROPANE-1,3-DIOL 'C11 H26 N2 O6'
CL non-polymer 'CHLORIDE ION' 'Cl -1'
GOL non-polymer GLYCEROL 'C3 H8 O3'
#
# COMPACT_ATOMS: atom_id res chain seq x y z
N MET A 1 -27.35 20.07 2.73
CA MET A 1 -26.05 20.13 2.10
C MET A 1 -25.47 18.71 1.93
N ARG A 2 -24.79 18.43 0.79
CA ARG A 2 -24.16 17.12 0.53
C ARG A 2 -22.92 17.03 1.35
N THR A 3 -22.25 15.87 1.31
CA THR A 3 -20.96 15.70 1.94
C THR A 3 -19.94 16.58 1.19
N HIS A 4 -19.06 17.24 1.93
CA HIS A 4 -18.02 18.07 1.37
C HIS A 4 -16.73 17.78 2.11
N SER A 5 -15.60 18.07 1.50
CA SER A 5 -14.32 17.84 2.15
C SER A 5 -13.33 18.94 1.83
N LEU A 6 -12.36 19.11 2.71
CA LEU A 6 -11.23 20.00 2.54
C LEU A 6 -9.97 19.14 2.73
N ARG A 7 -8.96 19.32 1.84
CA ARG A 7 -7.72 18.59 2.00
C ARG A 7 -6.55 19.35 1.42
N TYR A 8 -5.41 19.17 2.06
CA TYR A 8 -4.13 19.74 1.66
C TYR A 8 -3.16 18.63 1.46
N PHE A 9 -2.57 18.58 0.28
CA PHE A 9 -1.54 17.63 -0.11
C PHE A 9 -0.21 18.28 -0.17
N ARG A 10 0.85 17.53 0.15
CA ARG A 10 2.26 17.92 -0.01
C ARG A 10 2.97 16.80 -0.72
N LEU A 11 3.85 17.15 -1.68
CA LEU A 11 4.71 16.23 -2.42
C LEU A 11 6.11 16.76 -2.35
N GLY A 12 7.01 15.91 -1.88
CA GLY A 12 8.43 16.21 -1.78
C GLY A 12 9.13 15.17 -2.61
N VAL A 13 10.07 15.62 -3.46
CA VAL A 13 10.86 14.76 -4.35
C VAL A 13 12.34 15.02 -4.06
N SER A 14 13.12 13.95 -3.81
CA SER A 14 14.54 14.11 -3.59
C SER A 14 15.23 14.03 -4.95
N ASP A 15 16.36 14.72 -5.12
CA ASP A 15 17.10 14.72 -6.40
C ASP A 15 16.13 14.77 -7.63
N PRO A 16 15.26 15.81 -7.76
CA PRO A 16 14.33 15.83 -8.91
C PRO A 16 15.03 16.13 -10.24
N ILE A 17 14.38 15.74 -11.37
CA ILE A 17 14.82 15.99 -12.75
C ILE A 17 14.67 17.48 -13.05
N VAL A 20 10.83 19.25 -12.74
CA VAL A 20 10.05 18.78 -11.57
C VAL A 20 10.44 19.56 -10.28
N PRO A 21 9.48 20.24 -9.60
CA PRO A 21 9.83 20.95 -8.35
C PRO A 21 10.18 19.98 -7.24
N GLU A 22 11.02 20.39 -6.30
CA GLU A 22 11.40 19.60 -5.13
C GLU A 22 10.18 19.47 -4.18
N PHE A 23 9.32 20.50 -4.18
CA PHE A 23 8.18 20.48 -3.28
C PHE A 23 6.97 21.19 -3.88
N ILE A 24 5.80 20.55 -3.76
CA ILE A 24 4.51 21.08 -4.19
C ILE A 24 3.50 20.88 -3.05
N SER A 25 2.59 21.85 -2.89
CA SER A 25 1.46 21.74 -1.98
C SER A 25 0.21 22.21 -2.69
N VAL A 26 -0.85 21.40 -2.70
CA VAL A 26 -2.11 21.76 -3.35
C VAL A 26 -3.26 21.47 -2.39
N GLY A 27 -4.16 22.44 -2.25
CA GLY A 27 -5.37 22.31 -1.47
C GLY A 27 -6.57 22.06 -2.35
N TYR A 28 -7.56 21.31 -1.85
CA TYR A 28 -8.80 21.02 -2.56
C TYR A 28 -10.01 21.17 -1.65
N VAL A 29 -11.13 21.57 -2.25
CA VAL A 29 -12.45 21.54 -1.66
C VAL A 29 -13.17 20.61 -2.61
N ASP A 30 -13.48 19.36 -2.15
CA ASP A 30 -14.09 18.34 -2.99
C ASP A 30 -13.09 18.03 -4.13
N SER A 31 -13.51 18.15 -5.40
CA SER A 31 -12.63 17.89 -6.54
C SER A 31 -11.96 19.19 -7.07
N HIS A 32 -12.24 20.34 -6.46
CA HIS A 32 -11.76 21.65 -6.92
C HIS A 32 -10.46 22.09 -6.28
N PRO A 33 -9.41 22.30 -7.08
CA PRO A 33 -8.17 22.89 -6.52
C PRO A 33 -8.47 24.29 -5.97
N ILE A 34 -7.97 24.59 -4.77
CA ILE A 34 -8.24 25.91 -4.17
C ILE A 34 -6.97 26.71 -3.95
N THR A 35 -5.83 26.01 -3.73
CA THR A 35 -4.56 26.64 -3.41
C THR A 35 -3.40 25.88 -4.03
N THR A 36 -2.31 26.59 -4.30
CA THR A 36 -1.09 25.99 -4.82
C THR A 36 0.15 26.73 -4.31
N TYR A 37 1.19 25.94 -4.05
CA TYR A 37 2.49 26.37 -3.63
C TYR A 37 3.50 25.40 -4.21
N ASP A 38 4.65 25.93 -4.64
CA ASP A 38 5.72 25.05 -5.04
C ASP A 38 7.07 25.72 -4.76
N SER A 39 8.13 24.89 -4.76
CA SER A 39 9.50 25.30 -4.46
C SER A 39 10.10 26.23 -5.51
N VAL A 40 9.45 26.37 -6.70
CA VAL A 40 9.88 27.27 -7.76
C VAL A 40 9.30 28.67 -7.50
N THR A 41 7.95 28.77 -7.33
CA THR A 41 7.29 30.06 -7.11
C THR A 41 7.59 30.59 -5.68
N ARG A 42 7.67 29.68 -4.69
CA ARG A 42 7.86 29.98 -3.25
C ARG A 42 6.74 30.90 -2.74
N GLN A 43 5.56 30.82 -3.38
CA GLN A 43 4.35 31.60 -3.09
C GLN A 43 3.11 30.73 -3.04
N LYS A 44 2.25 30.96 -2.06
CA LYS A 44 0.96 30.30 -1.97
C LYS A 44 -0.07 31.18 -2.70
N GLU A 45 -0.72 30.63 -3.71
CA GLU A 45 -1.64 31.35 -4.58
C GLU A 45 -2.99 30.66 -4.63
N PRO A 46 -4.10 31.41 -4.82
CA PRO A 46 -5.41 30.74 -5.01
C PRO A 46 -5.49 30.04 -6.36
N ARG A 47 -6.30 28.97 -6.45
N ARG A 47 -6.32 29.00 -6.46
CA ARG A 47 -6.52 28.21 -7.69
CA ARG A 47 -6.50 28.31 -7.72
C ARG A 47 -7.95 28.40 -8.21
C ARG A 47 -7.98 28.21 -8.08
N ALA A 48 -8.80 29.02 -7.40
CA ALA A 48 -10.24 29.21 -7.67
C ALA A 48 -10.54 30.69 -7.54
N PRO A 49 -11.30 31.28 -8.49
CA PRO A 49 -11.56 32.73 -8.40
C PRO A 49 -12.29 33.10 -7.10
N TRP A 50 -13.15 32.22 -6.59
CA TRP A 50 -13.92 32.46 -5.36
C TRP A 50 -13.02 32.44 -4.10
N MET A 51 -11.79 31.87 -4.21
CA MET A 51 -10.77 31.88 -3.15
C MET A 51 -10.06 33.23 -3.19
N ALA A 52 -9.66 33.64 -4.40
CA ALA A 52 -8.97 34.90 -4.69
C ALA A 52 -9.84 36.10 -4.30
N GLU A 53 -11.13 36.05 -4.65
CA GLU A 53 -12.08 37.13 -4.38
C GLU A 53 -12.41 37.30 -2.90
N ASN A 54 -12.26 36.23 -2.09
CA ASN A 54 -12.70 36.26 -0.69
C ASN A 54 -11.62 36.24 0.37
N LEU A 55 -10.39 35.91 0.01
CA LEU A 55 -9.32 35.92 1.02
C LEU A 55 -8.41 37.08 0.72
N ALA A 56 -8.17 37.90 1.75
CA ALA A 56 -7.28 39.08 1.67
C ALA A 56 -5.81 38.63 1.49
N PRO A 57 -4.95 39.51 0.92
CA PRO A 57 -3.53 39.14 0.69
C PRO A 57 -2.77 38.62 1.91
N ASP A 58 -3.17 39.01 3.15
CA ASP A 58 -2.50 38.59 4.38
C ASP A 58 -2.64 37.09 4.61
N HIS A 59 -3.71 36.48 4.07
CA HIS A 59 -3.88 35.04 4.15
C HIS A 59 -2.75 34.36 3.33
N TRP A 60 -2.56 34.84 2.10
CA TRP A 60 -1.59 34.34 1.13
C TRP A 60 -0.17 34.64 1.59
N GLU A 61 0.03 35.80 2.25
CA GLU A 61 1.32 36.25 2.77
C GLU A 61 1.78 35.38 3.94
N ARG A 62 0.86 35.08 4.85
CA ARG A 62 1.12 34.26 6.01
C ARG A 62 1.35 32.80 5.65
N TYR A 63 0.48 32.25 4.81
CA TYR A 63 0.60 30.83 4.46
C TYR A 63 1.80 30.58 3.56
N THR A 64 2.27 31.58 2.80
CA THR A 64 3.52 31.50 2.00
C THR A 64 4.70 31.24 2.96
N GLN A 65 4.75 31.96 4.10
CA GLN A 65 5.82 31.80 5.10
C GLN A 65 5.80 30.42 5.72
N LEU A 66 4.61 29.93 6.08
CA LEU A 66 4.40 28.61 6.65
C LEU A 66 4.80 27.53 5.65
N LEU A 67 4.40 27.70 4.39
CA LEU A 67 4.72 26.73 3.34
C LEU A 67 6.23 26.67 3.08
N ARG A 68 6.93 27.81 3.18
CA ARG A 68 8.39 27.83 3.02
C ARG A 68 9.04 27.01 4.16
N GLY A 69 8.51 27.11 5.38
CA GLY A 69 8.98 26.31 6.49
C GLY A 69 8.64 24.83 6.34
N TRP A 70 7.42 24.51 5.86
CA TRP A 70 6.95 23.13 5.64
C TRP A 70 7.74 22.46 4.54
N GLN A 71 8.12 23.23 3.51
CA GLN A 71 8.97 22.79 2.41
C GLN A 71 10.31 22.31 2.96
N GLN A 72 10.93 23.13 3.80
CA GLN A 72 12.23 22.84 4.41
C GLN A 72 12.16 21.59 5.31
N MET A 73 11.09 21.46 6.11
CA MET A 73 10.84 20.33 7.01
C MET A 73 10.64 19.05 6.22
N PHE A 74 9.95 19.14 5.05
CA PHE A 74 9.74 18.01 4.14
C PHE A 74 11.05 17.48 3.57
N LYS A 75 11.98 18.39 3.19
CA LYS A 75 13.28 18.04 2.64
C LYS A 75 14.10 17.24 3.67
N VAL A 76 14.12 17.72 4.92
CA VAL A 76 14.86 17.11 6.04
C VAL A 76 14.24 15.74 6.40
N GLU A 77 12.91 15.65 6.40
CA GLU A 77 12.23 14.40 6.76
C GLU A 77 12.44 13.32 5.70
N LEU A 78 12.40 13.68 4.40
CA LEU A 78 12.65 12.73 3.32
C LEU A 78 14.12 12.21 3.39
N LYS A 79 15.07 13.10 3.72
CA LYS A 79 16.48 12.72 3.90
C LYS A 79 16.61 11.69 5.04
N ARG A 80 15.89 11.90 6.15
N ARG A 80 15.89 11.92 6.15
CA ARG A 80 15.91 10.98 7.29
CA ARG A 80 15.86 11.01 7.31
C ARG A 80 15.28 9.65 6.93
C ARG A 80 15.30 9.66 6.91
N LEU A 81 14.17 9.65 6.16
CA LEU A 81 13.52 8.41 5.69
C LEU A 81 14.45 7.61 4.79
N GLN A 82 15.12 8.29 3.84
CA GLN A 82 16.10 7.66 2.96
C GLN A 82 17.27 7.05 3.73
N ARG A 83 17.74 7.76 4.76
CA ARG A 83 18.80 7.25 5.60
C ARG A 83 18.31 6.01 6.35
N HIS A 84 17.09 6.04 6.91
CA HIS A 84 16.53 4.88 7.60
C HIS A 84 16.38 3.65 6.70
N TYR A 85 15.91 3.85 5.45
CA TYR A 85 15.72 2.79 4.46
C TYR A 85 17.01 2.42 3.76
N ASN A 86 18.07 3.26 3.90
CA ASN A 86 19.35 3.12 3.19
C ASN A 86 19.07 3.24 1.66
N HIS A 87 18.28 4.26 1.28
CA HIS A 87 17.91 4.47 -0.12
C HIS A 87 18.66 5.64 -0.74
N SER A 88 19.16 5.47 -1.95
CA SER A 88 19.82 6.54 -2.70
C SER A 88 18.91 6.88 -3.87
N GLY A 89 19.25 7.92 -4.62
CA GLY A 89 18.45 8.31 -5.77
C GLY A 89 17.23 9.11 -5.39
N SER A 90 16.26 9.21 -6.30
CA SER A 90 15.07 10.03 -6.15
C SER A 90 13.93 9.21 -5.52
N HIS A 91 13.40 9.73 -4.43
CA HIS A 91 12.30 9.14 -3.69
C HIS A 91 11.30 10.25 -3.41
N THR A 92 10.06 9.85 -3.08
CA THR A 92 8.97 10.78 -2.81
C THR A 92 8.47 10.63 -1.39
N TYR A 93 7.99 11.74 -0.88
CA TYR A 93 7.38 11.92 0.43
C TYR A 93 6.08 12.64 0.19
N GLN A 94 5.00 12.15 0.78
CA GLN A 94 3.71 12.75 0.57
C GLN A 94 2.97 12.89 1.86
N ARG A 95 2.10 13.90 1.92
CA ARG A 95 1.24 14.18 3.03
C ARG A 95 -0.17 14.55 2.53
N MET A 96 -1.18 14.12 3.30
CA MET A 96 -2.54 14.49 3.07
C MET A 96 -3.20 14.72 4.42
N ILE A 97 -3.74 15.91 4.58
CA ILE A 97 -4.50 16.28 5.76
C ILE A 97 -5.85 16.78 5.26
N GLY A 98 -6.91 16.52 6.02
CA GLY A 98 -8.19 17.06 5.63
C GLY A 98 -9.29 16.64 6.54
N CYS A 99 -10.50 17.05 6.18
CA CYS A 99 -11.71 16.75 6.94
C CYS A 99 -12.86 16.69 6.02
N GLU A 100 -13.94 16.04 6.47
CA GLU A 100 -15.20 15.95 5.78
C GLU A 100 -16.31 16.40 6.69
N LEU A 101 -17.26 17.12 6.13
CA LEU A 101 -18.50 17.52 6.78
C LEU A 101 -19.59 16.76 6.05
N LEU A 102 -20.13 15.73 6.70
CA LEU A 102 -21.16 14.89 6.12
C LEU A 102 -22.51 15.55 6.07
N GLU A 103 -23.36 15.07 5.15
CA GLU A 103 -24.73 15.55 4.92
C GLU A 103 -25.50 15.66 6.24
N ASP A 104 -25.38 14.62 7.11
CA ASP A 104 -26.02 14.49 8.44
C ASP A 104 -25.39 15.38 9.56
N GLY A 105 -24.36 16.16 9.23
CA GLY A 105 -23.73 17.07 10.17
C GLY A 105 -22.55 16.52 10.93
N SER A 106 -22.36 15.20 10.92
CA SER A 106 -21.20 14.57 11.54
C SER A 106 -19.88 14.88 10.69
N THR A 107 -18.73 14.60 11.28
CA THR A 107 -17.45 14.96 10.64
C THR A 107 -16.45 13.83 10.69
N THR A 108 -15.46 13.91 9.82
CA THR A 108 -14.30 12.99 9.75
C THR A 108 -13.10 13.87 9.58
N GLY A 109 -11.93 13.36 9.90
CA GLY A 109 -10.66 14.08 9.84
C GLY A 109 -9.59 13.04 9.61
N PHE A 110 -8.58 13.35 8.81
CA PHE A 110 -7.53 12.40 8.45
C PHE A 110 -6.25 13.13 8.24
N LEU A 111 -5.17 12.45 8.54
CA LEU A 111 -3.82 12.95 8.40
C LEU A 111 -2.95 11.72 8.15
N GLN A 112 -2.27 11.70 6.99
CA GLN A 112 -1.50 10.56 6.51
C GLN A 112 -0.25 10.98 5.79
N TYR A 113 0.77 10.11 5.80
CA TYR A 113 2.04 10.25 5.10
C TYR A 113 2.29 9.00 4.26
N ALA A 114 3.01 9.20 3.17
CA ALA A 114 3.36 8.17 2.22
C ALA A 114 4.81 8.31 1.82
N TYR A 115 5.50 7.18 1.64
CA TYR A 115 6.88 7.14 1.17
C TYR A 115 6.88 6.32 -0.09
N ASP A 116 7.35 6.91 -1.20
CA ASP A 116 7.36 6.29 -2.52
C ASP A 116 5.93 5.87 -2.97
N GLY A 117 4.96 6.70 -2.60
CA GLY A 117 3.56 6.58 -2.98
C GLY A 117 2.83 5.47 -2.26
N GLN A 118 3.41 4.97 -1.17
CA GLN A 118 2.78 3.93 -0.36
C GLN A 118 2.52 4.45 1.03
N ASP A 119 1.40 4.02 1.68
CA ASP A 119 1.08 4.36 3.07
C ASP A 119 2.28 4.22 3.96
N PHE A 120 2.52 5.22 4.82
CA PHE A 120 3.70 5.16 5.69
C PHE A 120 3.26 5.33 7.14
N LEU A 121 2.59 6.45 7.43
CA LEU A 121 2.09 6.77 8.77
C LEU A 121 0.67 7.28 8.65
N ILE A 122 -0.23 6.72 9.49
CA ILE A 122 -1.65 7.11 9.47
C ILE A 122 -2.01 7.61 10.84
N PHE A 123 -2.45 8.87 10.94
CA PHE A 123 -2.81 9.40 12.25
C PHE A 123 -4.16 8.89 12.68
N ASN A 124 -4.26 8.49 13.95
CA ASN A 124 -5.51 8.11 14.57
C ASN A 124 -5.87 9.18 15.60
N LYS A 125 -6.74 10.12 15.26
CA LYS A 125 -7.09 11.23 16.15
C LYS A 125 -7.98 10.76 17.34
N ASP A 126 -8.54 9.54 17.29
CA ASP A 126 -9.35 9.01 18.39
C ASP A 126 -8.49 8.41 19.49
N THR A 127 -7.32 7.84 19.15
CA THR A 127 -6.42 7.29 20.18
C THR A 127 -5.19 8.18 20.35
N LEU A 128 -5.09 9.26 19.52
CA LEU A 128 -3.95 10.18 19.48
C LEU A 128 -2.65 9.42 19.31
N SER A 129 -2.60 8.63 18.28
CA SER A 129 -1.42 7.85 17.95
C SER A 129 -1.29 7.73 16.43
N TRP A 130 -0.13 7.33 16.01
CA TRP A 130 0.20 7.08 14.62
C TRP A 130 0.26 5.61 14.35
N LEU A 131 -0.33 5.17 13.24
CA LEU A 131 -0.26 3.77 12.82
C LEU A 131 0.91 3.66 11.83
N ALA A 132 1.91 2.83 12.17
CA ALA A 132 3.12 2.61 11.38
C ALA A 132 3.00 1.34 10.53
N VAL A 133 3.41 1.41 9.25
CA VAL A 133 3.27 0.25 8.33
C VAL A 133 4.48 -0.69 8.40
N ASP A 134 5.65 -0.18 8.83
CA ASP A 134 6.88 -0.96 8.92
C ASP A 134 7.72 -0.41 10.06
N ASN A 135 8.94 -0.90 10.24
CA ASN A 135 9.80 -0.48 11.36
C ASN A 135 10.44 0.88 11.21
N VAL A 136 10.59 1.38 9.99
CA VAL A 136 11.09 2.74 9.77
C VAL A 136 9.96 3.68 10.23
N ALA A 137 8.72 3.41 9.79
CA ALA A 137 7.56 4.19 10.21
C ALA A 137 7.38 4.11 11.75
N HIS A 138 7.67 2.94 12.35
CA HIS A 138 7.57 2.73 13.78
C HIS A 138 8.56 3.64 14.54
N THR A 139 9.77 3.79 13.99
CA THR A 139 10.83 4.64 14.55
C THR A 139 10.35 6.10 14.51
N ILE A 140 9.73 6.53 13.42
CA ILE A 140 9.21 7.90 13.27
C ILE A 140 8.02 8.10 14.22
N LYS A 141 7.13 7.10 14.29
CA LYS A 141 5.97 7.10 15.18
C LYS A 141 6.43 7.35 16.64
N GLN A 142 7.47 6.63 17.11
CA GLN A 142 7.97 6.78 18.49
C GLN A 142 8.48 8.19 18.72
N ALA A 143 9.21 8.77 17.75
CA ALA A 143 9.71 10.13 17.86
C ALA A 143 8.57 11.17 17.90
N TRP A 144 7.61 11.05 16.99
CA TRP A 144 6.48 11.99 16.89
C TRP A 144 5.53 11.91 18.12
N GLU A 145 5.26 10.68 18.62
CA GLU A 145 4.38 10.50 19.79
C GLU A 145 4.98 11.05 21.10
N ALA A 146 6.30 11.32 21.13
CA ALA A 146 6.98 11.89 22.31
C ALA A 146 6.52 13.35 22.56
N ASN A 147 5.89 13.98 21.55
CA ASN A 147 5.38 15.35 21.64
C ASN A 147 3.87 15.34 21.71
N GLN A 148 3.33 15.13 22.91
CA GLN A 148 1.88 15.07 23.16
C GLN A 148 1.13 16.34 22.73
N HIS A 149 1.74 17.54 22.86
CA HIS A 149 1.13 18.82 22.47
C HIS A 149 0.78 18.87 21.02
N GLU A 150 1.68 18.38 20.17
CA GLU A 150 1.48 18.34 18.72
C GLU A 150 0.30 17.40 18.32
N LEU A 151 0.18 16.22 18.98
CA LEU A 151 -0.91 15.27 18.71
C LEU A 151 -2.26 15.89 19.02
N LEU A 152 -2.35 16.57 20.16
CA LEU A 152 -3.54 17.25 20.65
C LEU A 152 -3.89 18.40 19.71
N TYR A 153 -2.84 19.15 19.26
CA TYR A 153 -2.97 20.26 18.33
C TYR A 153 -3.57 19.77 17.01
N GLN A 154 -3.08 18.62 16.53
CA GLN A 154 -3.53 18.01 15.28
C GLN A 154 -4.96 17.54 15.42
N LYS A 155 -5.33 16.97 16.59
CA LYS A 155 -6.70 16.55 16.84
C LYS A 155 -7.63 17.77 16.79
N ASN A 156 -7.25 18.86 17.47
CA ASN A 156 -8.05 20.08 17.46
C ASN A 156 -8.18 20.64 16.04
N TRP A 157 -7.07 20.68 15.29
CA TRP A 157 -7.12 21.20 13.91
C TRP A 157 -8.07 20.37 13.03
N LEU A 158 -7.95 19.05 13.04
CA LEU A 158 -8.78 18.17 12.24
C LEU A 158 -10.26 18.27 12.58
N GLU A 159 -10.58 18.31 13.87
CA GLU A 159 -11.98 18.33 14.29
C GLU A 159 -12.63 19.70 14.28
N GLU A 160 -11.87 20.77 14.58
CA GLU A 160 -12.47 22.08 14.73
C GLU A 160 -12.08 23.07 13.64
N GLU A 161 -10.79 23.32 13.48
CA GLU A 161 -10.24 24.30 12.54
C GLU A 161 -10.48 23.93 11.08
N CYS A 162 -10.17 22.69 10.72
CA CYS A 162 -10.38 22.21 9.35
C CYS A 162 -11.86 22.38 8.92
N ILE A 163 -12.80 21.96 9.78
CA ILE A 163 -14.22 22.03 9.51
C ILE A 163 -14.66 23.52 9.38
N ALA A 164 -14.14 24.44 10.21
CA ALA A 164 -14.50 25.86 10.13
C ALA A 164 -13.98 26.46 8.80
N TRP A 165 -12.77 26.07 8.35
CA TRP A 165 -12.20 26.47 7.05
C TRP A 165 -13.09 25.95 5.92
N LEU A 166 -13.45 24.65 5.99
CA LEU A 166 -14.32 24.03 5.02
C LEU A 166 -15.68 24.78 4.95
N LYS A 167 -16.32 25.12 6.09
CA LYS A 167 -17.57 25.84 6.07
C LYS A 167 -17.39 27.23 5.44
N ARG A 168 -16.28 27.89 5.72
CA ARG A 168 -15.95 29.22 5.20
C ARG A 168 -15.77 29.17 3.67
N PHE A 169 -15.01 28.18 3.17
CA PHE A 169 -14.72 28.00 1.74
C PHE A 169 -15.97 27.55 0.98
N LEU A 170 -16.85 26.74 1.59
N LEU A 170 -16.84 26.76 1.62
CA LEU A 170 -18.09 26.30 0.96
CA LEU A 170 -18.13 26.29 1.10
C LEU A 170 -19.05 27.47 0.74
C LEU A 170 -19.03 27.46 0.76
N GLU A 171 -18.99 28.50 1.63
CA GLU A 171 -19.77 29.73 1.48
C GLU A 171 -19.15 30.53 0.31
N TYR A 172 -17.82 30.75 0.32
CA TYR A 172 -17.11 31.42 -0.78
C TYR A 172 -17.42 30.80 -2.15
N GLY A 173 -17.32 29.46 -2.25
CA GLY A 173 -17.55 28.75 -3.50
C GLY A 173 -18.95 28.23 -3.73
N LYS A 174 -19.94 28.73 -2.98
CA LYS A 174 -21.36 28.31 -2.97
C LYS A 174 -21.94 28.08 -4.38
N ASP A 175 -21.76 29.05 -5.29
CA ASP A 175 -22.28 28.99 -6.65
C ASP A 175 -21.69 27.86 -7.48
N THR A 176 -20.48 27.43 -7.14
CA THR A 176 -19.80 26.34 -7.81
C THR A 176 -20.09 25.03 -7.09
N LEU A 177 -19.74 24.96 -5.81
CA LEU A 177 -19.75 23.75 -4.99
C LEU A 177 -21.12 23.22 -4.60
N GLN A 178 -22.13 24.08 -4.45
CA GLN A 178 -23.43 23.64 -3.95
C GLN A 178 -24.47 23.59 -5.06
N ARG A 179 -24.03 23.72 -6.33
CA ARG A 179 -24.93 23.66 -7.48
C ARG A 179 -25.21 22.21 -7.88
N THR A 180 -26.27 22.02 -8.66
CA THR A 180 -26.61 20.72 -9.21
C THR A 180 -26.79 20.86 -10.70
N GLU A 181 -26.04 20.08 -11.44
CA GLU A 181 -26.22 19.99 -12.88
C GLU A 181 -26.64 18.55 -13.12
N PRO A 182 -27.94 18.32 -13.42
CA PRO A 182 -28.45 16.92 -13.51
C PRO A 182 -27.85 16.18 -14.70
N PRO A 183 -27.75 14.83 -14.65
CA PRO A 183 -27.12 14.13 -15.79
C PRO A 183 -28.02 14.02 -17.03
N LEU A 184 -27.37 13.94 -18.17
CA LEU A 184 -27.94 13.65 -19.48
C LEU A 184 -27.69 12.17 -19.68
N VAL A 185 -28.72 11.33 -19.63
CA VAL A 185 -28.49 9.88 -19.70
C VAL A 185 -29.14 9.24 -20.93
N ARG A 186 -28.42 8.32 -21.56
CA ARG A 186 -28.91 7.57 -22.70
C ARG A 186 -28.50 6.10 -22.58
N VAL A 187 -29.30 5.24 -23.20
CA VAL A 187 -28.99 3.83 -23.33
C VAL A 187 -28.73 3.58 -24.81
N ASN A 188 -27.60 2.93 -25.14
CA ASN A 188 -27.23 2.51 -26.47
C ASN A 188 -27.21 0.98 -26.47
N ARG A 189 -27.80 0.41 -27.51
CA ARG A 189 -27.92 -1.02 -27.73
C ARG A 189 -27.22 -1.38 -29.07
N LYS A 190 -26.42 -2.43 -29.04
CA LYS A 190 -25.73 -2.88 -30.24
C LYS A 190 -25.47 -4.38 -30.21
N GLU A 191 -25.67 -5.06 -31.35
CA GLU A 191 -25.27 -6.45 -31.53
C GLU A 191 -23.76 -6.36 -31.77
N THR A 192 -22.95 -7.03 -30.96
CA THR A 192 -21.51 -6.86 -31.16
C THR A 192 -21.03 -8.09 -31.89
N PHE A 193 -20.47 -9.05 -31.13
CA PHE A 193 -20.08 -10.36 -31.64
C PHE A 193 -21.41 -11.05 -31.97
N PRO A 194 -21.55 -11.88 -33.03
CA PRO A 194 -22.88 -12.42 -33.38
C PRO A 194 -23.62 -13.05 -32.19
N GLY A 195 -24.90 -12.69 -32.04
CA GLY A 195 -25.75 -13.19 -30.96
C GLY A 195 -25.55 -12.52 -29.61
N VAL A 196 -24.57 -11.61 -29.52
CA VAL A 196 -24.23 -10.89 -28.31
C VAL A 196 -24.68 -9.41 -28.43
N THR A 197 -25.54 -8.96 -27.49
CA THR A 197 -25.95 -7.56 -27.43
C THR A 197 -25.27 -6.88 -26.23
N ALA A 198 -24.65 -5.72 -26.48
CA ALA A 198 -24.07 -4.92 -25.44
C ALA A 198 -24.98 -3.72 -25.21
N LEU A 199 -25.23 -3.45 -23.92
CA LEU A 199 -26.03 -2.33 -23.48
C LEU A 199 -25.14 -1.38 -22.70
N PHE A 200 -25.10 -0.13 -23.14
CA PHE A 200 -24.34 0.92 -22.49
C PHE A 200 -25.30 1.96 -21.94
N CYS A 201 -25.08 2.33 -20.70
CA CYS A 201 -25.82 3.40 -20.08
C CYS A 201 -24.83 4.54 -19.89
N LYS A 202 -25.01 5.65 -20.61
CA LYS A 202 -24.02 6.73 -20.58
C LYS A 202 -24.62 8.00 -20.04
N ALA A 203 -23.91 8.64 -19.10
CA ALA A 203 -24.30 9.89 -18.48
C ALA A 203 -23.22 10.94 -18.70
N HIS A 204 -23.62 12.17 -18.89
CA HIS A 204 -22.70 13.30 -19.06
C HIS A 204 -23.43 14.57 -18.63
N GLY A 205 -22.66 15.66 -18.51
CA GLY A 205 -23.11 16.99 -18.15
C GLY A 205 -23.52 17.14 -16.71
N PHE A 206 -23.07 16.25 -15.83
CA PHE A 206 -23.52 16.34 -14.44
C PHE A 206 -22.51 16.91 -13.48
N TYR A 207 -23.05 17.51 -12.44
CA TYR A 207 -22.31 18.04 -11.31
C TYR A 207 -23.21 17.92 -10.11
N PRO A 208 -22.73 17.45 -8.92
CA PRO A 208 -21.36 16.99 -8.60
C PRO A 208 -20.95 15.68 -9.27
N PRO A 209 -19.63 15.31 -9.24
CA PRO A 209 -19.19 14.06 -9.90
C PRO A 209 -19.78 12.77 -9.31
N GLU A 210 -20.17 12.75 -8.05
CA GLU A 210 -20.76 11.58 -7.42
C GLU A 210 -22.10 11.20 -8.10
N ILE A 211 -22.07 10.04 -8.74
CA ILE A 211 -23.21 9.49 -9.46
C ILE A 211 -23.26 8.01 -9.21
N TYR A 212 -24.48 7.48 -9.08
CA TYR A 212 -24.73 6.06 -8.96
C TYR A 212 -25.46 5.59 -10.22
N MET A 213 -24.92 4.57 -10.86
CA MET A 213 -25.50 3.93 -12.04
C MET A 213 -25.45 2.42 -11.85
N THR A 214 -26.48 1.71 -12.27
CA THR A 214 -26.49 0.27 -12.26
C THR A 214 -27.51 -0.25 -13.28
N TRP A 215 -27.36 -1.54 -13.61
CA TRP A 215 -28.23 -2.28 -14.48
C TRP A 215 -29.01 -3.25 -13.65
N MET A 216 -30.31 -3.26 -13.87
CA MET A 216 -31.25 -4.14 -13.21
C MET A 216 -31.93 -5.05 -14.24
N LYS A 217 -32.38 -6.23 -13.77
CA LYS A 217 -33.09 -7.23 -14.57
C LYS A 217 -34.44 -7.47 -13.89
N ASN A 218 -35.53 -7.21 -14.64
CA ASN A 218 -36.94 -7.35 -14.23
C ASN A 218 -37.23 -6.52 -12.95
N GLY A 219 -36.64 -5.33 -12.91
CA GLY A 219 -36.77 -4.36 -11.81
C GLY A 219 -36.06 -4.72 -10.53
N GLU A 220 -35.97 -6.02 -10.22
CA GLU A 220 -35.40 -6.52 -8.98
C GLU A 220 -33.86 -6.63 -8.98
N GLU A 221 -33.31 -7.83 -9.26
CA GLU A 221 -31.88 -8.13 -9.19
C GLU A 221 -30.99 -7.21 -10.00
N ILE A 222 -29.80 -6.92 -9.43
CA ILE A 222 -28.74 -6.21 -10.13
C ILE A 222 -28.20 -7.26 -11.12
N VAL A 223 -27.86 -6.82 -12.33
CA VAL A 223 -27.30 -7.70 -13.37
C VAL A 223 -25.88 -8.13 -12.94
N GLN A 224 -25.54 -9.41 -13.17
CA GLN A 224 -24.20 -9.93 -12.90
C GLN A 224 -23.26 -9.37 -13.98
N GLU A 225 -21.98 -9.23 -13.67
CA GLU A 225 -20.93 -8.74 -14.59
C GLU A 225 -21.31 -7.44 -15.32
N ILE A 226 -21.35 -6.34 -14.57
CA ILE A 226 -21.53 -4.99 -15.08
C ILE A 226 -20.13 -4.38 -15.23
N ASP A 227 -19.84 -3.71 -16.37
N ASP A 227 -19.85 -3.71 -16.35
CA ASP A 227 -18.56 -3.00 -16.57
CA ASP A 227 -18.56 -3.03 -16.51
C ASP A 227 -18.82 -1.52 -16.25
C ASP A 227 -18.81 -1.54 -16.25
N TYR A 228 -18.01 -0.95 -15.37
CA TYR A 228 -18.19 0.46 -14.98
C TYR A 228 -17.18 1.35 -15.58
N GLY A 229 -17.65 2.46 -16.08
CA GLY A 229 -16.77 3.50 -16.61
C GLY A 229 -16.42 4.44 -15.50
N ASP A 230 -15.18 4.95 -15.50
CA ASP A 230 -14.77 5.93 -14.48
C ASP A 230 -15.57 7.21 -14.64
N ILE A 231 -15.69 7.97 -13.55
CA ILE A 231 -16.33 9.27 -13.55
C ILE A 231 -15.24 10.20 -14.07
N LEU A 232 -15.42 10.77 -15.26
CA LEU A 232 -14.40 11.58 -15.91
C LEU A 232 -14.77 13.04 -16.04
N PRO A 233 -13.78 13.96 -15.86
CA PRO A 233 -14.08 15.39 -16.06
C PRO A 233 -14.24 15.69 -17.55
N SER A 234 -15.31 16.40 -17.93
CA SER A 234 -15.55 16.76 -19.33
C SER A 234 -14.82 18.03 -19.75
N GLY A 235 -14.27 18.76 -18.78
CA GLY A 235 -13.44 19.95 -19.00
C GLY A 235 -14.16 21.27 -18.86
N ASP A 236 -15.48 21.23 -18.74
CA ASP A 236 -16.34 22.41 -18.62
C ASP A 236 -16.97 22.49 -17.19
N GLY A 237 -16.40 21.77 -16.22
CA GLY A 237 -16.86 21.75 -14.85
C GLY A 237 -17.86 20.65 -14.57
N THR A 238 -18.28 19.91 -15.61
CA THR A 238 -19.19 18.78 -15.47
C THR A 238 -18.43 17.45 -15.72
N TYR A 239 -19.13 16.35 -15.48
CA TYR A 239 -18.57 15.01 -15.52
C TYR A 239 -19.39 14.06 -16.35
N GLN A 240 -18.76 12.95 -16.72
CA GLN A 240 -19.36 11.88 -17.51
C GLN A 240 -18.94 10.50 -16.96
N ALA A 241 -19.80 9.51 -17.16
CA ALA A 241 -19.61 8.13 -16.71
C ALA A 241 -20.54 7.22 -17.48
N TRP A 242 -20.37 5.90 -17.30
CA TRP A 242 -21.19 4.90 -17.95
C TRP A 242 -21.16 3.58 -17.20
N ALA A 243 -22.08 2.70 -17.59
CA ALA A 243 -22.13 1.33 -17.07
C ALA A 243 -22.60 0.42 -18.20
N SER A 244 -22.01 -0.76 -18.35
CA SER A 244 -22.48 -1.60 -19.44
C SER A 244 -22.69 -3.02 -19.00
N ILE A 245 -23.51 -3.73 -19.80
CA ILE A 245 -23.84 -5.15 -19.64
C ILE A 245 -23.99 -5.81 -21.02
N GLU A 246 -23.87 -7.13 -21.01
CA GLU A 246 -24.08 -8.03 -22.12
C GLU A 246 -25.48 -8.62 -21.94
N LEU A 247 -26.35 -8.51 -22.97
CA LEU A 247 -27.73 -9.02 -22.92
C LEU A 247 -27.86 -10.39 -23.62
N LEU A 254 -35.97 -8.38 -19.62
CA LEU A 254 -36.32 -6.97 -19.38
C LEU A 254 -35.25 -6.24 -18.53
N TYR A 255 -34.45 -5.40 -19.21
CA TYR A 255 -33.35 -4.68 -18.58
C TYR A 255 -33.60 -3.19 -18.47
N SER A 256 -33.12 -2.61 -17.37
CA SER A 256 -33.26 -1.18 -17.16
C SER A 256 -32.01 -0.61 -16.52
N CYS A 257 -31.66 0.62 -16.90
CA CYS A 257 -30.55 1.34 -16.30
C CYS A 257 -31.11 2.24 -15.20
N HIS A 258 -30.51 2.17 -14.03
CA HIS A 258 -30.89 2.96 -12.85
C HIS A 258 -29.79 3.93 -12.54
N VAL A 259 -30.15 5.22 -12.46
CA VAL A 259 -29.20 6.31 -12.20
C VAL A 259 -29.72 7.10 -11.02
N GLU A 260 -28.83 7.38 -10.06
CA GLU A 260 -29.16 8.22 -8.91
C GLU A 260 -28.11 9.36 -8.85
N HIS A 261 -28.59 10.60 -8.81
CA HIS A 261 -27.72 11.77 -8.74
C HIS A 261 -28.40 12.86 -7.97
N SER A 262 -27.75 13.36 -6.92
CA SER A 262 -28.20 14.41 -5.99
C SER A 262 -29.70 14.36 -5.62
N GLY A 263 -30.13 13.24 -5.04
CA GLY A 263 -31.51 13.06 -4.59
C GLY A 263 -32.52 12.78 -5.69
N VAL A 264 -32.06 12.55 -6.95
CA VAL A 264 -33.01 12.26 -8.01
C VAL A 264 -32.70 10.86 -8.55
N HIS A 265 -33.75 10.05 -8.67
CA HIS A 265 -33.65 8.69 -9.19
C HIS A 265 -34.22 8.66 -10.62
N MET A 266 -33.54 7.96 -11.52
CA MET A 266 -33.88 7.88 -12.93
C MET A 266 -33.80 6.43 -13.44
N VAL A 267 -34.79 6.01 -14.22
CA VAL A 267 -34.83 4.66 -14.78
C VAL A 267 -34.97 4.78 -16.29
N LEU A 268 -34.14 4.05 -17.01
CA LEU A 268 -34.18 3.97 -18.46
C LEU A 268 -34.38 2.50 -18.85
N GLN A 269 -35.63 2.16 -19.14
CA GLN A 269 -36.05 0.80 -19.55
C GLN A 269 -35.65 0.55 -21.00
N VAL A 270 -35.09 -0.64 -21.27
CA VAL A 270 -34.70 -1.14 -22.59
C VAL A 270 -35.77 -2.11 -23.08
N MET B 1 10.46 -0.59 -4.60
CA MET B 1 9.68 0.61 -4.93
C MET B 1 8.69 0.33 -6.03
N ILE B 2 7.42 0.70 -5.79
CA ILE B 2 6.32 0.46 -6.72
C ILE B 2 6.06 1.71 -7.58
N GLN B 3 6.26 1.56 -8.88
CA GLN B 3 5.98 2.60 -9.86
C GLN B 3 4.67 2.21 -10.53
N ARG B 4 3.76 3.18 -10.70
CA ARG B 4 2.46 2.88 -11.27
C ARG B 4 2.32 3.59 -12.58
N THR B 5 2.04 2.80 -13.61
CA THR B 5 1.92 3.28 -14.98
C THR B 5 0.61 4.10 -15.14
N PRO B 6 0.62 5.16 -15.96
CA PRO B 6 -0.62 5.96 -16.11
C PRO B 6 -1.74 5.27 -16.88
N LYS B 7 -2.96 5.51 -16.45
CA LYS B 7 -4.19 5.16 -17.13
C LYS B 7 -4.47 6.36 -18.03
N ILE B 8 -4.70 6.11 -19.31
CA ILE B 8 -4.86 7.16 -20.32
C ILE B 8 -6.23 6.99 -20.95
N GLN B 9 -7.10 7.99 -20.76
CA GLN B 9 -8.45 7.93 -21.29
C GLN B 9 -8.68 9.14 -22.20
N VAL B 10 -9.02 8.85 -23.46
CA VAL B 10 -9.24 9.89 -24.48
C VAL B 10 -10.72 9.87 -24.80
N TYR B 11 -11.36 11.02 -24.70
CA TYR B 11 -12.82 11.11 -24.90
C TYR B 11 -13.22 12.53 -25.23
N SER B 12 -14.37 12.69 -25.84
CA SER B 12 -14.87 14.03 -26.15
C SER B 12 -15.71 14.58 -24.97
N ARG B 13 -15.77 15.92 -24.83
CA ARG B 13 -16.58 16.60 -23.81
C ARG B 13 -18.07 16.24 -23.96
N HIS B 14 -18.61 16.36 -25.17
CA HIS B 14 -20.01 16.02 -25.49
C HIS B 14 -20.04 14.84 -26.44
N PRO B 15 -21.16 14.08 -26.56
CA PRO B 15 -21.23 13.04 -27.63
C PRO B 15 -20.78 13.60 -28.99
N ALA B 16 -19.78 12.95 -29.60
CA ALA B 16 -19.18 13.40 -30.85
C ALA B 16 -20.08 13.20 -32.08
N GLU B 17 -20.04 14.18 -32.98
CA GLU B 17 -20.72 14.21 -34.27
C GLU B 17 -19.76 14.84 -35.26
N ASN B 18 -19.42 14.13 -36.35
CA ASN B 18 -18.50 14.66 -37.36
C ASN B 18 -19.05 15.97 -37.92
N GLY B 19 -18.23 17.01 -37.86
CA GLY B 19 -18.63 18.34 -38.34
C GLY B 19 -19.03 19.34 -37.27
N LYS B 20 -19.40 18.83 -36.08
CA LYS B 20 -19.83 19.64 -34.93
C LYS B 20 -18.67 19.89 -33.98
N SER B 21 -18.42 21.18 -33.65
CA SER B 21 -17.36 21.63 -32.76
C SER B 21 -17.44 20.95 -31.40
N ASN B 22 -16.30 20.48 -30.88
CA ASN B 22 -16.23 19.78 -29.61
C ASN B 22 -14.92 20.06 -28.87
N PHE B 23 -14.65 19.30 -27.79
CA PHE B 23 -13.41 19.32 -27.02
C PHE B 23 -12.92 17.88 -26.83
N LEU B 24 -11.66 17.62 -27.15
CA LEU B 24 -11.08 16.30 -26.98
C LEU B 24 -10.28 16.30 -25.70
N ASN B 25 -10.67 15.44 -24.78
CA ASN B 25 -9.99 15.33 -23.49
C ASN B 25 -9.06 14.12 -23.48
N CYS B 26 -7.97 14.24 -22.74
CA CYS B 26 -7.08 13.16 -22.39
C CYS B 26 -6.88 13.21 -20.89
N TYR B 27 -7.47 12.26 -20.18
CA TYR B 27 -7.34 12.18 -18.73
C TYR B 27 -6.27 11.15 -18.41
N VAL B 28 -5.18 11.60 -17.80
CA VAL B 28 -4.03 10.75 -17.46
C VAL B 28 -4.00 10.58 -15.94
N SER B 29 -4.13 9.35 -15.44
CA SER B 29 -4.28 9.17 -14.01
C SER B 29 -3.66 7.89 -13.45
N GLY B 30 -3.61 7.84 -12.12
CA GLY B 30 -3.13 6.72 -11.34
C GLY B 30 -1.65 6.45 -11.47
N PHE B 31 -0.92 7.45 -11.87
CA PHE B 31 0.52 7.28 -12.08
C PHE B 31 1.32 7.73 -10.85
N HIS B 32 2.47 7.11 -10.69
CA HIS B 32 3.47 7.40 -9.66
C HIS B 32 4.83 6.92 -10.16
N PRO B 33 5.91 7.76 -10.16
CA PRO B 33 6.03 9.13 -9.61
C PRO B 33 5.38 10.18 -10.56
N SER B 34 5.46 11.46 -10.16
CA SER B 34 4.76 12.59 -10.78
C SER B 34 5.25 13.04 -12.16
N ASP B 35 6.52 12.83 -12.51
CA ASP B 35 7.07 13.28 -13.79
C ASP B 35 6.36 12.57 -14.94
N ILE B 36 5.77 13.38 -15.82
CA ILE B 36 4.98 12.90 -16.93
C ILE B 36 4.99 13.94 -18.07
N GLU B 37 4.90 13.43 -19.31
CA GLU B 37 4.82 14.21 -20.53
C GLU B 37 3.57 13.78 -21.25
N VAL B 38 2.73 14.75 -21.67
CA VAL B 38 1.49 14.45 -22.39
C VAL B 38 1.36 15.39 -23.60
N ASP B 39 1.02 14.82 -24.75
CA ASP B 39 0.72 15.57 -25.95
C ASP B 39 -0.52 15.02 -26.64
N LEU B 40 -1.35 15.91 -27.20
CA LEU B 40 -2.50 15.56 -28.01
C LEU B 40 -2.04 15.63 -29.45
N LEU B 41 -2.37 14.60 -30.25
CA LEU B 41 -1.96 14.50 -31.64
C LEU B 41 -3.15 14.47 -32.61
N LYS B 42 -2.96 15.12 -33.77
CA LYS B 42 -3.91 15.12 -34.89
C LYS B 42 -3.13 14.57 -36.09
N ASN B 43 -3.42 13.31 -36.44
CA ASN B 43 -2.80 12.53 -37.53
C ASN B 43 -1.28 12.43 -37.32
N GLY B 44 -0.88 12.16 -36.07
CA GLY B 44 0.51 11.98 -35.67
C GLY B 44 1.29 13.22 -35.27
N GLU B 45 0.76 14.42 -35.56
CA GLU B 45 1.44 15.68 -35.26
C GLU B 45 0.88 16.31 -33.98
N ARG B 46 1.77 16.91 -33.15
CA ARG B 46 1.42 17.57 -31.89
C ARG B 46 0.56 18.81 -32.13
N ILE B 47 -0.53 18.93 -31.37
CA ILE B 47 -1.45 20.07 -31.41
C ILE B 47 -0.86 21.15 -30.48
N GLU B 48 -0.67 22.36 -31.03
CA GLU B 48 -0.04 23.48 -30.30
C GLU B 48 -0.97 24.12 -29.27
N LYS B 49 -2.24 24.37 -29.63
CA LYS B 49 -3.23 25.00 -28.75
C LYS B 49 -3.88 23.92 -27.85
N VAL B 50 -3.11 23.45 -26.83
CA VAL B 50 -3.56 22.40 -25.90
C VAL B 50 -3.51 22.93 -24.46
N GLU B 51 -4.68 22.97 -23.82
CA GLU B 51 -4.82 23.38 -22.42
C GLU B 51 -4.69 22.17 -21.49
N HIS B 52 -4.26 22.40 -20.26
CA HIS B 52 -4.15 21.34 -19.29
C HIS B 52 -4.30 21.85 -17.85
N SER B 53 -4.84 21.01 -17.00
CA SER B 53 -4.95 21.28 -15.58
C SER B 53 -3.56 21.11 -14.94
N ASP B 54 -3.35 21.68 -13.75
CA ASP B 54 -2.12 21.46 -13.01
C ASP B 54 -2.08 20.01 -12.54
N LEU B 55 -0.89 19.52 -12.15
CA LEU B 55 -0.77 18.17 -11.56
C LEU B 55 -1.75 18.07 -10.35
N SER B 56 -2.47 16.96 -10.28
CA SER B 56 -3.46 16.78 -9.22
C SER B 56 -3.13 15.56 -8.38
N PHE B 57 -3.64 15.57 -7.14
CA PHE B 57 -3.32 14.57 -6.15
C PHE B 57 -4.50 13.71 -5.77
N SER B 58 -4.32 12.38 -5.83
CA SER B 58 -5.31 11.44 -5.35
C SER B 58 -4.94 10.99 -3.95
N LYS B 59 -5.99 10.60 -3.19
CA LYS B 59 -5.93 10.07 -1.82
C LYS B 59 -5.11 8.75 -1.77
N ASP B 60 -4.99 8.02 -2.90
CA ASP B 60 -4.20 6.77 -2.99
C ASP B 60 -2.72 7.08 -3.35
N TRP B 61 -2.32 8.35 -3.28
CA TRP B 61 -0.94 8.88 -3.52
C TRP B 61 -0.51 8.96 -4.98
N SER B 62 -1.36 8.55 -5.89
CA SER B 62 -1.08 8.68 -7.31
C SER B 62 -1.51 10.08 -7.77
N PHE B 63 -1.19 10.41 -9.03
CA PHE B 63 -1.45 11.71 -9.62
C PHE B 63 -2.35 11.59 -10.85
N TYR B 64 -2.96 12.72 -11.25
CA TYR B 64 -3.83 12.84 -12.40
C TYR B 64 -3.72 14.22 -12.99
N LEU B 65 -4.01 14.34 -14.30
CA LEU B 65 -3.96 15.53 -15.15
C LEU B 65 -5.00 15.42 -16.21
N LEU B 66 -5.51 16.54 -16.68
CA LEU B 66 -6.45 16.64 -17.78
C LEU B 66 -5.85 17.56 -18.85
N TYR B 67 -5.63 17.01 -20.05
CA TYR B 67 -5.18 17.71 -21.24
C TYR B 67 -6.38 17.76 -22.17
N TYR B 68 -6.67 18.94 -22.73
CA TYR B 68 -7.80 19.09 -23.62
C TYR B 68 -7.54 20.14 -24.72
N THR B 69 -8.31 20.06 -25.78
CA THR B 69 -8.24 21.00 -26.90
C THR B 69 -9.57 21.02 -27.63
N GLU B 70 -9.89 22.18 -28.23
CA GLU B 70 -11.08 22.38 -29.05
C GLU B 70 -10.82 21.74 -30.41
N PHE B 71 -11.78 20.99 -30.93
CA PHE B 71 -11.64 20.29 -32.20
C PHE B 71 -12.99 20.09 -32.88
N THR B 72 -12.92 19.83 -34.20
CA THR B 72 -14.10 19.50 -34.95
C THR B 72 -13.81 18.14 -35.57
N PRO B 73 -14.36 17.05 -34.98
CA PRO B 73 -14.11 15.70 -35.55
C PRO B 73 -14.60 15.57 -36.99
N THR B 74 -13.84 14.83 -37.80
CA THR B 74 -14.13 14.51 -39.19
C THR B 74 -13.86 13.01 -39.37
N GLU B 75 -14.38 12.39 -40.45
CA GLU B 75 -14.16 10.96 -40.72
C GLU B 75 -12.67 10.62 -40.94
N LYS B 76 -11.93 11.50 -41.66
CA LYS B 76 -10.53 11.33 -42.03
C LYS B 76 -9.52 11.62 -40.90
N ASP B 77 -9.86 12.51 -39.93
CA ASP B 77 -8.93 12.88 -38.87
C ASP B 77 -8.82 11.84 -37.77
N GLU B 78 -7.57 11.51 -37.40
CA GLU B 78 -7.21 10.55 -36.37
C GLU B 78 -6.61 11.31 -35.19
N TYR B 79 -7.25 11.22 -34.04
CA TYR B 79 -6.79 11.90 -32.85
C TYR B 79 -6.22 10.93 -31.86
N ALA B 80 -5.25 11.39 -31.09
CA ALA B 80 -4.57 10.54 -30.13
C ALA B 80 -3.97 11.35 -29.00
N CYS B 81 -3.57 10.63 -27.95
CA CYS B 81 -2.91 11.17 -26.76
C CYS B 81 -1.61 10.41 -26.57
N ARG B 82 -0.48 11.14 -26.56
CA ARG B 82 0.86 10.58 -26.42
C ARG B 82 1.38 10.90 -25.03
N VAL B 83 1.68 9.83 -24.27
CA VAL B 83 2.10 9.96 -22.89
C VAL B 83 3.45 9.29 -22.66
N ASN B 84 4.32 9.94 -21.87
CA ASN B 84 5.60 9.36 -21.47
C ASN B 84 5.74 9.47 -19.96
N HIS B 85 6.25 8.39 -19.34
CA HIS B 85 6.41 8.22 -17.88
C HIS B 85 7.60 7.29 -17.67
N VAL B 86 8.18 7.27 -16.46
CA VAL B 86 9.35 6.41 -16.17
C VAL B 86 9.02 4.90 -16.35
N THR B 87 7.74 4.51 -16.14
CA THR B 87 7.26 3.13 -16.28
C THR B 87 7.18 2.70 -17.76
N LEU B 88 7.29 3.67 -18.70
CA LEU B 88 7.18 3.40 -20.12
C LEU B 88 8.56 3.45 -20.76
N SER B 89 8.89 2.44 -21.59
CA SER B 89 10.19 2.36 -22.26
C SER B 89 10.20 3.30 -23.48
N GLN B 90 9.01 3.64 -23.98
CA GLN B 90 8.79 4.54 -25.10
C GLN B 90 7.44 5.24 -24.92
N PRO B 91 7.24 6.45 -25.52
CA PRO B 91 5.92 7.11 -25.39
C PRO B 91 4.78 6.21 -25.87
N LYS B 92 3.67 6.21 -25.13
CA LYS B 92 2.49 5.45 -25.43
C LYS B 92 1.50 6.38 -26.15
N ILE B 93 1.08 5.96 -27.33
CA ILE B 93 0.13 6.69 -28.17
C ILE B 93 -1.18 5.98 -28.02
N VAL B 94 -2.17 6.71 -27.46
CA VAL B 94 -3.50 6.17 -27.22
C VAL B 94 -4.45 6.92 -28.14
N LYS B 95 -5.01 6.19 -29.10
CA LYS B 95 -5.93 6.69 -30.11
C LYS B 95 -7.30 6.93 -29.50
N TRP B 96 -8.00 7.98 -29.94
CA TRP B 96 -9.38 8.25 -29.56
C TRP B 96 -10.28 7.26 -30.30
N ASP B 97 -11.16 6.55 -29.57
CA ASP B 97 -12.08 5.55 -30.10
C ASP B 97 -13.24 6.19 -30.92
N ARG B 98 -13.20 7.52 -31.14
CA ARG B 98 -14.20 8.28 -31.91
C ARG B 98 -15.63 8.23 -31.29
N ASP B 99 -15.74 7.90 -29.97
CA ASP B 99 -16.98 7.88 -29.19
C ASP B 99 -18.01 6.87 -29.70
N MET C 1 26.56 -20.37 -35.52
CA MET C 1 25.15 -20.39 -35.91
C MET C 1 24.60 -18.99 -35.97
N ARG C 2 23.84 -18.69 -37.03
CA ARG C 2 23.12 -17.41 -37.23
C ARG C 2 22.02 -17.30 -36.19
N THR C 3 21.35 -16.14 -36.09
CA THR C 3 20.17 -15.93 -35.26
C THR C 3 19.03 -16.80 -35.82
N HIS C 4 18.28 -17.45 -34.95
CA HIS C 4 17.14 -18.24 -35.32
C HIS C 4 15.99 -17.91 -34.40
N SER C 5 14.76 -18.17 -34.84
CA SER C 5 13.61 -17.90 -34.01
C SER C 5 12.56 -18.97 -34.15
N LEU C 6 11.73 -19.11 -33.12
CA LEU C 6 10.55 -19.97 -33.12
C LEU C 6 9.37 -19.08 -32.80
N ARG C 7 8.28 -19.16 -33.58
CA ARG C 7 7.06 -18.42 -33.29
C ARG C 7 5.79 -19.19 -33.64
N TYR C 8 4.75 -19.01 -32.81
CA TYR C 8 3.40 -19.55 -32.98
C TYR C 8 2.43 -18.40 -33.05
N PHE C 9 1.70 -18.34 -34.13
CA PHE C 9 0.66 -17.35 -34.38
C PHE C 9 -0.67 -17.98 -34.26
N ARG C 10 -1.66 -17.21 -33.80
CA ARG C 10 -3.08 -17.58 -33.76
C ARG C 10 -3.87 -16.44 -34.39
N LEU C 11 -4.84 -16.76 -35.24
CA LEU C 11 -5.79 -15.84 -35.86
C LEU C 11 -7.20 -16.32 -35.55
N GLY C 12 -8.00 -15.44 -34.99
CA GLY C 12 -9.39 -15.67 -34.67
C GLY C 12 -10.18 -14.62 -35.41
N VAL C 13 -11.28 -15.02 -36.06
CA VAL C 13 -12.15 -14.14 -36.84
C VAL C 13 -13.59 -14.33 -36.34
N SER C 14 -14.29 -13.23 -36.01
CA SER C 14 -15.68 -13.28 -35.61
C SER C 14 -16.53 -13.18 -36.85
N ASP C 15 -17.70 -13.80 -36.87
CA ASP C 15 -18.57 -13.77 -38.05
C ASP C 15 -17.74 -13.93 -39.39
N PRO C 16 -16.96 -15.04 -39.59
CA PRO C 16 -16.20 -15.15 -40.85
C PRO C 16 -17.12 -15.45 -42.06
N ILE C 17 -16.63 -15.14 -43.29
CA ILE C 17 -17.30 -15.42 -44.57
C ILE C 17 -17.35 -16.94 -44.77
N HIS C 18 -18.37 -17.44 -45.53
CA HIS C 18 -18.67 -18.86 -45.81
C HIS C 18 -17.41 -19.76 -45.83
N GLY C 19 -16.37 -19.31 -46.53
CA GLY C 19 -15.10 -20.02 -46.61
C GLY C 19 -14.29 -20.00 -45.32
N VAL C 20 -13.55 -18.88 -45.12
CA VAL C 20 -12.62 -18.52 -44.05
C VAL C 20 -12.85 -19.24 -42.70
N PRO C 21 -11.79 -19.88 -42.12
CA PRO C 21 -11.95 -20.52 -40.81
C PRO C 21 -12.09 -19.47 -39.71
N GLU C 22 -12.78 -19.83 -38.63
CA GLU C 22 -12.95 -18.99 -37.46
C GLU C 22 -11.60 -18.88 -36.70
N PHE C 23 -10.76 -19.91 -36.80
CA PHE C 23 -9.52 -19.97 -36.04
C PHE C 23 -8.44 -20.71 -36.82
N ILE C 24 -7.22 -20.15 -36.85
CA ILE C 24 -6.03 -20.71 -37.49
C ILE C 24 -4.84 -20.52 -36.53
N SER C 25 -3.96 -21.51 -36.47
CA SER C 25 -2.69 -21.42 -35.75
C SER C 25 -1.58 -21.93 -36.63
N VAL C 26 -0.52 -21.12 -36.83
CA VAL C 26 0.63 -21.53 -37.65
C VAL C 26 1.91 -21.24 -36.85
N GLY C 27 2.79 -22.24 -36.81
CA GLY C 27 4.12 -22.13 -36.21
C GLY C 27 5.18 -21.93 -37.27
N TYR C 28 6.25 -21.20 -36.94
CA TYR C 28 7.38 -20.95 -37.81
C TYR C 28 8.71 -21.13 -37.09
N VAL C 29 9.70 -21.58 -37.84
CA VAL C 29 11.10 -21.57 -37.44
C VAL C 29 11.70 -20.66 -38.51
N ASP C 30 12.10 -19.43 -38.13
CA ASP C 30 12.61 -18.41 -39.05
C ASP C 30 11.47 -18.11 -40.04
N SER C 31 11.69 -18.24 -41.35
CA SER C 31 10.65 -17.97 -42.34
C SER C 31 9.89 -19.25 -42.77
N HIS C 32 10.23 -20.41 -42.19
CA HIS C 32 9.64 -21.70 -42.56
C HIS C 32 8.44 -22.10 -41.73
N PRO C 33 7.28 -22.27 -42.38
CA PRO C 33 6.12 -22.83 -41.62
C PRO C 33 6.46 -24.23 -41.11
N ILE C 34 6.14 -24.51 -39.84
CA ILE C 34 6.46 -25.82 -39.28
C ILE C 34 5.22 -26.59 -38.86
N THR C 35 4.15 -25.86 -38.48
CA THR C 35 2.92 -26.46 -37.98
C THR C 35 1.70 -25.66 -38.43
N THR C 36 0.55 -26.35 -38.52
CA THR C 36 -0.72 -25.72 -38.86
C THR C 36 -1.87 -26.42 -38.15
N TYR C 37 -2.85 -25.62 -37.80
CA TYR C 37 -4.09 -26.04 -37.17
C TYR C 37 -5.15 -25.04 -37.59
N ASP C 38 -6.37 -25.53 -37.84
CA ASP C 38 -7.48 -24.64 -38.06
C ASP C 38 -8.78 -25.27 -37.57
N SER C 39 -9.81 -24.44 -37.39
CA SER C 39 -11.13 -24.79 -36.88
C SER C 39 -11.89 -25.73 -37.82
N VAL C 40 -11.44 -25.89 -39.08
CA VAL C 40 -12.05 -26.79 -40.06
C VAL C 40 -11.43 -28.19 -39.91
N THR C 41 -10.11 -28.31 -39.93
CA THR C 41 -9.41 -29.60 -39.82
C THR C 41 -9.49 -30.14 -38.39
N ARG C 42 -9.39 -29.23 -37.38
CA ARG C 42 -9.39 -29.53 -35.94
C ARG C 42 -8.22 -30.47 -35.60
N GLN C 43 -7.15 -30.41 -36.41
CA GLN C 43 -5.93 -31.22 -36.29
C GLN C 43 -4.69 -30.37 -36.44
N LYS C 44 -3.68 -30.62 -35.59
CA LYS C 44 -2.38 -29.98 -35.69
C LYS C 44 -1.51 -30.88 -36.54
N GLU C 45 -1.01 -30.33 -37.67
CA GLU C 45 -0.24 -31.08 -38.67
C GLU C 45 1.09 -30.44 -38.90
N PRO C 46 2.12 -31.21 -39.26
CA PRO C 46 3.41 -30.58 -39.66
C PRO C 46 3.30 -29.86 -41.00
N ARG C 47 4.11 -28.84 -41.21
CA ARG C 47 4.15 -28.10 -42.48
C ARG C 47 5.53 -28.21 -43.14
N ALA C 48 6.43 -28.96 -42.51
CA ALA C 48 7.80 -29.19 -43.00
C ALA C 48 8.07 -30.67 -42.92
N PRO C 49 8.66 -31.28 -43.97
CA PRO C 49 8.92 -32.74 -43.90
C PRO C 49 9.81 -33.13 -42.72
N TRP C 50 10.77 -32.26 -42.34
CA TRP C 50 11.70 -32.52 -41.25
C TRP C 50 11.01 -32.48 -39.88
N MET C 51 9.80 -31.87 -39.81
CA MET C 51 8.96 -31.86 -38.61
C MET C 51 8.20 -33.19 -38.54
N ALA C 52 7.61 -33.59 -39.68
CA ALA C 52 6.85 -34.83 -39.84
C ALA C 52 7.75 -36.05 -39.57
N GLU C 53 8.99 -36.04 -40.11
CA GLU C 53 9.94 -37.14 -39.97
C GLU C 53 10.48 -37.30 -38.56
N ASN C 54 10.47 -36.23 -37.75
CA ASN C 54 11.12 -36.26 -36.43
C ASN C 54 10.21 -36.20 -35.21
N LEU C 55 8.95 -35.83 -35.39
CA LEU C 55 8.05 -35.81 -34.24
C LEU C 55 7.08 -36.96 -34.38
N ALA C 56 6.99 -37.79 -33.32
CA ALA C 56 6.08 -38.92 -33.24
C ALA C 56 4.60 -38.45 -33.21
N PRO C 57 3.65 -39.34 -33.64
CA PRO C 57 2.22 -38.94 -33.66
C PRO C 57 1.68 -38.39 -32.33
N ASP C 58 2.25 -38.79 -31.16
CA ASP C 58 1.80 -38.33 -29.85
C ASP C 58 2.00 -36.84 -29.66
N HIS C 59 2.98 -36.25 -30.37
CA HIS C 59 3.20 -34.80 -30.31
C HIS C 59 1.99 -34.12 -30.97
N TRP C 60 1.60 -34.60 -32.17
CA TRP C 60 0.50 -34.08 -32.97
C TRP C 60 -0.84 -34.35 -32.29
N GLU C 61 -0.97 -35.51 -31.62
CA GLU C 61 -2.17 -35.92 -30.90
C GLU C 61 -2.42 -35.03 -29.69
N ARG C 62 -1.37 -34.76 -28.92
CA ARG C 62 -1.44 -33.93 -27.73
C ARG C 62 -1.69 -32.46 -28.08
N TYR C 63 -0.95 -31.91 -29.05
CA TYR C 63 -1.10 -30.52 -29.39
C TYR C 63 -2.41 -30.24 -30.10
N THR C 64 -3.00 -31.22 -30.78
CA THR C 64 -4.35 -31.11 -31.38
C THR C 64 -5.38 -30.85 -30.26
N GLN C 65 -5.27 -31.57 -29.12
CA GLN C 65 -6.18 -31.39 -27.97
C GLN C 65 -6.05 -29.99 -27.36
N LEU C 66 -4.80 -29.52 -27.20
CA LEU C 66 -4.49 -28.21 -26.68
C LEU C 66 -5.02 -27.12 -27.61
N LEU C 67 -4.80 -27.29 -28.93
CA LEU C 67 -5.26 -26.33 -29.92
C LEU C 67 -6.79 -26.25 -29.95
N ARG C 68 -7.49 -27.37 -29.72
CA ARG C 68 -8.96 -27.36 -29.66
C ARG C 68 -9.43 -26.52 -28.46
N GLY C 69 -8.73 -26.61 -27.34
CA GLY C 69 -9.02 -25.77 -26.18
C GLY C 69 -8.68 -24.30 -26.42
N TRP C 70 -7.54 -24.02 -27.08
CA TRP C 70 -7.05 -22.67 -27.37
C TRP C 70 -7.96 -21.98 -28.37
N GLN C 71 -8.51 -22.76 -29.31
CA GLN C 71 -9.48 -22.30 -30.29
C GLN C 71 -10.73 -21.76 -29.54
N GLN C 72 -11.26 -22.57 -28.59
CA GLN C 72 -12.45 -22.22 -27.82
C GLN C 72 -12.20 -20.95 -26.98
N MET C 73 -11.03 -20.86 -26.33
CA MET C 73 -10.60 -19.71 -25.52
C MET C 73 -10.49 -18.45 -26.38
N PHE C 74 -9.99 -18.59 -27.64
CA PHE C 74 -9.87 -17.47 -28.59
C PHE C 74 -11.24 -16.92 -28.98
N LYS C 75 -12.22 -17.80 -29.19
CA LYS C 75 -13.58 -17.41 -29.54
C LYS C 75 -14.21 -16.57 -28.42
N VAL C 76 -14.07 -17.04 -27.16
CA VAL C 76 -14.62 -16.38 -25.95
C VAL C 76 -13.92 -15.01 -25.74
N GLU C 77 -12.59 -14.95 -25.95
CA GLU C 77 -11.84 -13.73 -25.74
C GLU C 77 -12.19 -12.68 -26.78
N LEU C 78 -12.34 -13.06 -28.07
CA LEU C 78 -12.72 -12.12 -29.13
C LEU C 78 -14.15 -11.58 -28.88
N LYS C 79 -15.08 -12.43 -28.35
CA LYS C 79 -16.44 -12.01 -28.01
C LYS C 79 -16.39 -10.95 -26.91
N ARG C 80 -15.53 -11.18 -25.89
CA ARG C 80 -15.30 -10.26 -24.79
C ARG C 80 -14.75 -8.92 -25.32
N LEU C 81 -13.78 -8.94 -26.23
CA LEU C 81 -13.18 -7.74 -26.83
C LEU C 81 -14.18 -6.93 -27.63
N GLN C 82 -14.85 -7.58 -28.57
CA GLN C 82 -15.84 -6.91 -29.43
C GLN C 82 -16.99 -6.29 -28.61
N ARG C 83 -17.38 -6.95 -27.52
CA ARG C 83 -18.40 -6.45 -26.59
C ARG C 83 -17.89 -5.19 -25.86
N HIS C 84 -16.62 -5.20 -25.39
CA HIS C 84 -16.02 -4.06 -24.67
C HIS C 84 -15.70 -2.88 -25.63
N TYR C 85 -15.43 -3.15 -26.92
CA TYR C 85 -15.23 -2.07 -27.89
C TYR C 85 -16.51 -1.54 -28.42
N ASN C 86 -17.62 -2.28 -28.17
CA ASN C 86 -18.94 -1.98 -28.71
C ASN C 86 -18.88 -2.03 -30.26
N HIS C 87 -18.25 -3.11 -30.80
CA HIS C 87 -18.06 -3.30 -32.23
C HIS C 87 -18.98 -4.34 -32.82
N SER C 88 -19.56 -4.02 -34.00
CA SER C 88 -20.41 -4.90 -34.83
C SER C 88 -19.59 -5.51 -35.97
N GLY C 89 -20.12 -6.52 -36.60
CA GLY C 89 -19.49 -7.20 -37.71
C GLY C 89 -18.32 -8.10 -37.34
N SER C 90 -17.47 -8.29 -38.34
CA SER C 90 -16.33 -9.16 -38.27
C SER C 90 -15.09 -8.43 -37.82
N HIS C 91 -14.43 -8.99 -36.81
CA HIS C 91 -13.20 -8.48 -36.22
C HIS C 91 -12.23 -9.63 -35.98
N THR C 92 -10.94 -9.29 -35.89
CA THR C 92 -9.86 -10.26 -35.75
C THR C 92 -9.18 -10.12 -34.42
N TYR C 93 -8.68 -11.24 -33.94
CA TYR C 93 -7.91 -11.43 -32.72
C TYR C 93 -6.67 -12.20 -33.12
N GLN C 94 -5.52 -11.73 -32.69
CA GLN C 94 -4.29 -12.39 -33.06
C GLN C 94 -3.37 -12.54 -31.90
N ARG C 95 -2.57 -13.58 -31.94
CA ARG C 95 -1.58 -13.83 -30.93
C ARG C 95 -0.29 -14.23 -31.57
N MET C 96 0.77 -13.84 -30.94
CA MET C 96 2.06 -14.29 -31.34
C MET C 96 2.95 -14.52 -30.10
N ILE C 97 3.53 -15.68 -30.07
CA ILE C 97 4.47 -16.09 -29.02
C ILE C 97 5.71 -16.63 -29.68
N GLY C 98 6.85 -16.40 -29.06
CA GLY C 98 8.06 -16.96 -29.59
C GLY C 98 9.31 -16.56 -28.87
N CYS C 99 10.44 -16.99 -29.45
CA CYS C 99 11.76 -16.71 -28.89
C CYS C 99 12.77 -16.68 -29.97
N GLU C 100 13.91 -16.06 -29.68
CA GLU C 100 15.06 -16.01 -30.57
C GLU C 100 16.29 -16.46 -29.83
N LEU C 101 17.13 -17.21 -30.53
CA LEU C 101 18.45 -17.63 -30.07
C LEU C 101 19.43 -16.89 -30.98
N LEU C 102 20.07 -15.86 -30.44
CA LEU C 102 21.00 -15.03 -31.20
C LEU C 102 22.32 -15.73 -31.44
N GLU C 103 23.03 -15.27 -32.49
CA GLU C 103 24.33 -15.77 -32.92
C GLU C 103 25.29 -15.90 -31.72
N ASP C 104 25.33 -14.83 -30.87
CA ASP C 104 26.16 -14.66 -29.66
C ASP C 104 25.70 -15.52 -28.44
N GLY C 105 24.64 -16.31 -28.59
CA GLY C 105 24.15 -17.20 -27.55
C GLY C 105 23.09 -16.64 -26.64
N SER C 106 22.90 -15.30 -26.66
CA SER C 106 21.86 -14.65 -25.88
C SER C 106 20.44 -14.94 -26.48
N THR C 107 19.40 -14.64 -25.72
CA THR C 107 18.04 -14.99 -26.12
C THR C 107 17.08 -13.86 -25.93
N THR C 108 15.97 -13.92 -26.64
CA THR C 108 14.83 -12.99 -26.52
C THR C 108 13.59 -13.88 -26.47
N GLY C 109 12.50 -13.32 -26.00
CA GLY C 109 11.24 -14.02 -25.82
C GLY C 109 10.16 -12.99 -25.87
N PHE C 110 9.05 -13.32 -26.54
CA PHE C 110 8.01 -12.33 -26.75
C PHE C 110 6.67 -12.98 -26.81
N LEU C 111 5.67 -12.23 -26.41
CA LEU C 111 4.30 -12.68 -26.36
C LEU C 111 3.44 -11.46 -26.48
N GLN C 112 2.60 -11.44 -27.50
CA GLN C 112 1.72 -10.30 -27.75
C GLN C 112 0.41 -10.74 -28.40
N TYR C 113 -0.55 -9.81 -28.33
CA TYR C 113 -1.90 -9.93 -28.85
C TYR C 113 -2.23 -8.69 -29.65
N ALA C 114 -3.11 -8.86 -30.64
CA ALA C 114 -3.56 -7.84 -31.53
C ALA C 114 -5.04 -7.93 -31.76
N TYR C 115 -5.69 -6.77 -31.88
CA TYR C 115 -7.13 -6.69 -32.19
C TYR C 115 -7.24 -5.87 -33.45
N ASP C 116 -7.86 -6.44 -34.48
CA ASP C 116 -8.00 -5.83 -35.81
C ASP C 116 -6.60 -5.47 -36.42
N GLY C 117 -5.64 -6.34 -36.16
CA GLY C 117 -4.28 -6.26 -36.67
C GLY C 117 -3.42 -5.18 -36.06
N GLN C 118 -3.87 -4.67 -34.90
CA GLN C 118 -3.13 -3.62 -34.18
C GLN C 118 -2.74 -4.14 -32.83
N ASP C 119 -1.54 -3.76 -32.33
CA ASP C 119 -1.07 -4.13 -30.98
C ASP C 119 -2.17 -3.92 -29.95
N PHE C 120 -2.36 -4.89 -29.08
CA PHE C 120 -3.41 -4.82 -28.07
C PHE C 120 -2.79 -5.00 -26.67
N LEU C 121 -2.09 -6.12 -26.47
CA LEU C 121 -1.43 -6.44 -25.21
C LEU C 121 -0.06 -6.97 -25.50
N ILE C 122 0.95 -6.43 -24.82
CA ILE C 122 2.35 -6.84 -25.02
C ILE C 122 2.89 -7.31 -23.71
N PHE C 123 3.34 -8.58 -23.65
CA PHE C 123 3.87 -9.09 -22.41
C PHE C 123 5.29 -8.62 -22.18
N ASN C 124 5.55 -8.21 -20.94
CA ASN C 124 6.89 -7.83 -20.49
C ASN C 124 7.35 -8.91 -19.49
N LYS C 125 8.17 -9.86 -19.95
CA LYS C 125 8.61 -10.98 -19.11
C LYS C 125 9.65 -10.53 -18.05
N ASP C 126 10.22 -9.33 -18.17
CA ASP C 126 11.17 -8.81 -17.18
C ASP C 126 10.47 -8.17 -15.98
N THR C 127 9.29 -7.55 -16.19
CA THR C 127 8.52 -6.95 -15.11
C THR C 127 7.30 -7.81 -14.76
N LEU C 128 7.07 -8.90 -15.53
CA LEU C 128 5.92 -9.81 -15.40
C LEU C 128 4.62 -9.03 -15.41
N SER C 129 4.45 -8.26 -16.46
CA SER C 129 3.25 -7.46 -16.62
C SER C 129 2.92 -7.35 -18.10
N TRP C 130 1.70 -6.94 -18.36
CA TRP C 130 1.18 -6.72 -19.68
C TRP C 130 1.12 -5.23 -19.96
N LEU C 131 1.57 -4.80 -21.15
CA LEU C 131 1.44 -3.43 -21.57
C LEU C 131 0.14 -3.33 -22.37
N ALA C 132 -0.79 -2.47 -21.91
CA ALA C 132 -2.11 -2.25 -22.52
C ALA C 132 -2.08 -0.97 -23.38
N VAL C 133 -2.60 -1.04 -24.62
CA VAL C 133 -2.56 0.09 -25.54
C VAL C 133 -3.77 1.01 -25.37
N ASP C 134 -4.87 0.49 -24.79
CA ASP C 134 -6.10 1.26 -24.60
C ASP C 134 -6.82 0.72 -23.38
N ASN C 135 -8.01 1.25 -23.06
CA ASN C 135 -8.70 0.88 -21.81
C ASN C 135 -9.40 -0.46 -21.85
N VAL C 136 -9.67 -0.98 -23.05
CA VAL C 136 -10.22 -2.34 -23.19
C VAL C 136 -9.07 -3.29 -22.83
N ALA C 137 -7.87 -3.06 -23.41
CA ALA C 137 -6.67 -3.83 -23.11
C ALA C 137 -6.33 -3.73 -21.62
N HIS C 138 -6.53 -2.55 -21.02
CA HIS C 138 -6.26 -2.34 -19.60
C HIS C 138 -7.17 -3.21 -18.71
N THR C 139 -8.44 -3.34 -19.10
CA THR C 139 -9.44 -4.17 -18.42
C THR C 139 -8.99 -5.64 -18.48
N ILE C 140 -8.52 -6.10 -19.65
CA ILE C 140 -8.03 -7.47 -19.84
C ILE C 140 -6.72 -7.66 -19.03
N LYS C 141 -5.80 -6.68 -19.11
CA LYS C 141 -4.54 -6.67 -18.36
C LYS C 141 -4.82 -6.89 -16.84
N GLN C 142 -5.77 -6.16 -16.27
CA GLN C 142 -6.10 -6.29 -14.84
C GLN C 142 -6.61 -7.68 -14.52
N ALA C 143 -7.46 -8.26 -15.39
CA ALA C 143 -7.97 -9.64 -15.19
C ALA C 143 -6.84 -10.69 -15.30
N TRP C 144 -5.97 -10.57 -16.30
CA TRP C 144 -4.87 -11.50 -16.54
C TRP C 144 -3.79 -11.40 -15.46
N GLU C 145 -3.44 -10.19 -15.00
CA GLU C 145 -2.42 -10.00 -13.96
C GLU C 145 -2.86 -10.53 -12.57
N ALA C 146 -4.17 -10.80 -12.37
CA ALA C 146 -4.70 -11.36 -11.12
C ALA C 146 -4.25 -12.82 -10.94
N ASN C 147 -3.74 -13.45 -12.02
CA ASN C 147 -3.24 -14.83 -12.03
C ASN C 147 -1.72 -14.80 -12.20
N GLN C 148 -1.02 -14.57 -11.10
CA GLN C 148 0.44 -14.50 -11.07
C GLN C 148 1.11 -15.79 -11.57
N HIS C 149 0.51 -16.98 -11.33
CA HIS C 149 1.04 -18.28 -11.77
C HIS C 149 1.19 -18.35 -13.29
N GLU C 150 0.19 -17.84 -14.02
CA GLU C 150 0.21 -17.83 -15.46
C GLU C 150 1.34 -16.93 -16.03
N LEU C 151 1.58 -15.74 -15.42
CA LEU C 151 2.64 -14.81 -15.85
C LEU C 151 4.02 -15.46 -15.68
N LEU C 152 4.24 -16.12 -14.55
CA LEU C 152 5.47 -16.82 -14.21
C LEU C 152 5.67 -17.98 -15.18
N TYR C 153 4.58 -18.72 -15.46
CA TYR C 153 4.56 -19.85 -16.37
C TYR C 153 4.98 -19.41 -17.77
N GLN C 154 4.47 -18.26 -18.20
CA GLN C 154 4.78 -17.68 -19.50
C GLN C 154 6.23 -17.22 -19.54
N LYS C 155 6.74 -16.64 -18.44
CA LYS C 155 8.16 -16.25 -18.38
C LYS C 155 9.04 -17.50 -18.53
N ASN C 156 8.73 -18.57 -17.79
CA ASN C 156 9.52 -19.79 -17.87
C ASN C 156 9.46 -20.38 -19.27
N TRP C 157 8.26 -20.42 -19.88
CA TRP C 157 8.10 -20.96 -21.24
C TRP C 157 8.95 -20.18 -22.26
N LEU C 158 8.85 -18.84 -22.26
CA LEU C 158 9.58 -17.98 -23.18
C LEU C 158 11.09 -18.12 -23.03
N GLU C 159 11.59 -18.16 -21.80
CA GLU C 159 13.04 -18.18 -21.58
C GLU C 159 13.66 -19.57 -21.67
N GLU C 160 12.91 -20.63 -21.26
CA GLU C 160 13.52 -21.96 -21.18
C GLU C 160 12.97 -22.95 -22.18
N GLU C 161 11.66 -23.18 -22.15
CA GLU C 161 10.95 -24.15 -22.99
C GLU C 161 10.99 -23.80 -24.48
N CYS C 162 10.65 -22.57 -24.81
CA CYS C 162 10.67 -22.11 -26.20
C CYS C 162 12.07 -22.30 -26.84
N ILE C 163 13.12 -21.90 -26.15
CA ILE C 163 14.51 -22.00 -26.61
C ILE C 163 14.89 -23.51 -26.80
N ALA C 164 14.48 -24.41 -25.88
CA ALA C 164 14.76 -25.85 -25.99
C ALA C 164 14.03 -26.44 -27.23
N TRP C 165 12.78 -26.01 -27.49
CA TRP C 165 12.01 -26.42 -28.70
C TRP C 165 12.74 -25.94 -29.95
N LEU C 166 13.11 -24.66 -29.97
CA LEU C 166 13.85 -24.05 -31.06
C LEU C 166 15.15 -24.83 -31.32
N LYS C 167 15.94 -25.18 -30.27
CA LYS C 167 17.19 -25.94 -30.48
C LYS C 167 16.87 -27.32 -31.05
N ARG C 168 15.79 -27.94 -30.61
CA ARG C 168 15.36 -29.26 -31.08
C ARG C 168 14.96 -29.21 -32.58
N PHE C 169 14.13 -28.23 -32.96
CA PHE C 169 13.65 -28.04 -34.32
C PHE C 169 14.79 -27.63 -35.27
N LEU C 170 15.74 -26.83 -34.75
CA LEU C 170 16.89 -26.41 -35.53
C LEU C 170 17.73 -27.59 -35.94
N GLU C 171 17.83 -28.61 -35.06
CA GLU C 171 18.56 -29.86 -35.33
C GLU C 171 17.76 -30.64 -36.39
N TYR C 172 16.44 -30.83 -36.19
CA TYR C 172 15.57 -31.51 -37.17
C TYR C 172 15.68 -30.91 -38.59
N GLY C 173 15.60 -29.58 -38.68
CA GLY C 173 15.67 -28.86 -39.95
C GLY C 173 17.03 -28.39 -40.41
N LYS C 174 18.14 -28.87 -39.80
CA LYS C 174 19.56 -28.48 -40.03
C LYS C 174 19.92 -28.31 -41.51
N ASP C 175 19.57 -29.30 -42.35
CA ASP C 175 19.86 -29.30 -43.79
C ASP C 175 19.20 -28.12 -44.52
N THR C 176 18.06 -27.68 -44.02
CA THR C 176 17.32 -26.57 -44.59
C THR C 176 17.74 -25.25 -43.92
N LEU C 177 17.60 -25.18 -42.60
CA LEU C 177 17.76 -23.96 -41.80
C LEU C 177 19.19 -23.46 -41.62
N GLN C 178 20.19 -24.35 -41.62
CA GLN C 178 21.56 -23.95 -41.33
C GLN C 178 22.43 -23.91 -42.57
N ARG C 179 21.81 -24.01 -43.76
CA ARG C 179 22.50 -23.96 -45.02
C ARG C 179 22.73 -22.50 -45.46
N THR C 180 23.65 -22.31 -46.37
CA THR C 180 23.93 -21.01 -46.97
C THR C 180 23.91 -21.17 -48.47
N GLU C 181 23.06 -20.40 -49.12
CA GLU C 181 23.03 -20.33 -50.57
C GLU C 181 23.41 -18.90 -50.89
N PRO C 182 24.67 -18.67 -51.32
CA PRO C 182 25.15 -17.30 -51.55
C PRO C 182 24.40 -16.59 -52.67
N PRO C 183 24.29 -15.24 -52.64
CA PRO C 183 23.52 -14.57 -53.71
C PRO C 183 24.26 -14.48 -55.05
N LEU C 184 23.46 -14.45 -56.11
CA LEU C 184 23.87 -14.22 -57.50
C LEU C 184 23.60 -12.75 -57.73
N VAL C 185 24.63 -11.91 -57.81
CA VAL C 185 24.40 -10.46 -57.90
C VAL C 185 24.86 -9.85 -59.23
N ARG C 186 24.05 -8.95 -59.79
CA ARG C 186 24.37 -8.24 -61.03
C ARG C 186 23.94 -6.78 -60.94
N VAL C 187 24.46 -5.95 -61.86
CA VAL C 187 24.12 -4.53 -61.99
C VAL C 187 23.51 -4.30 -63.38
N ASN C 188 22.33 -3.62 -63.46
CA ASN C 188 21.58 -3.30 -64.69
C ASN C 188 21.28 -1.79 -64.81
N ARG C 189 21.25 -1.26 -66.07
CA ARG C 189 20.99 0.13 -66.44
C ARG C 189 19.64 0.28 -67.10
N ALA C 198 18.87 4.91 -64.20
CA ALA C 198 19.07 4.32 -62.88
C ALA C 198 19.88 3.02 -62.89
N LEU C 199 20.62 2.75 -61.81
CA LEU C 199 21.41 1.53 -61.66
C LEU C 199 20.68 0.60 -60.71
N PHE C 200 20.37 -0.64 -61.15
CA PHE C 200 19.69 -1.65 -60.35
C PHE C 200 20.65 -2.77 -59.95
N CYS C 201 20.84 -2.94 -58.65
CA CYS C 201 21.66 -4.00 -58.11
C CYS C 201 20.72 -5.11 -57.76
N LYS C 202 20.79 -6.27 -58.46
CA LYS C 202 19.83 -7.33 -58.25
C LYS C 202 20.51 -8.59 -57.76
N ALA C 203 19.93 -9.18 -56.72
CA ALA C 203 20.42 -10.41 -56.13
C ALA C 203 19.31 -11.46 -56.15
N HIS C 204 19.66 -12.71 -56.38
CA HIS C 204 18.72 -13.82 -56.38
C HIS C 204 19.50 -15.09 -56.00
N GLY C 205 18.73 -16.16 -55.76
CA GLY C 205 19.24 -17.48 -55.41
C GLY C 205 19.83 -17.59 -54.04
N PHE C 206 19.52 -16.66 -53.13
CA PHE C 206 20.15 -16.73 -51.82
C PHE C 206 19.26 -17.27 -50.70
N TYR C 207 19.93 -17.87 -49.74
CA TYR C 207 19.36 -18.35 -48.52
C TYR C 207 20.43 -18.22 -47.43
N PRO C 208 20.12 -17.72 -46.20
CA PRO C 208 18.83 -17.24 -45.69
C PRO C 208 18.34 -15.92 -46.34
N PRO C 209 17.04 -15.55 -46.13
CA PRO C 209 16.52 -14.30 -46.74
C PRO C 209 17.19 -13.02 -46.26
N GLU C 210 17.77 -13.00 -45.04
CA GLU C 210 18.45 -11.82 -44.52
C GLU C 210 19.66 -11.43 -45.40
N ILE C 211 19.58 -10.24 -46.00
CA ILE C 211 20.62 -9.71 -46.87
C ILE C 211 20.66 -8.19 -46.69
N TYR C 212 21.83 -7.58 -46.88
CA TYR C 212 21.97 -6.13 -46.84
C TYR C 212 22.57 -5.72 -48.18
N MET C 213 21.89 -4.80 -48.88
CA MET C 213 22.22 -4.27 -50.20
C MET C 213 22.19 -2.77 -50.18
N THR C 214 23.29 -2.13 -50.60
CA THR C 214 23.36 -0.66 -50.61
C THR C 214 24.23 -0.19 -51.79
N TRP C 215 24.14 1.12 -52.07
CA TRP C 215 24.92 1.77 -53.13
C TRP C 215 25.85 2.73 -52.49
N MET C 216 27.05 2.79 -53.02
CA MET C 216 28.08 3.71 -52.54
C MET C 216 28.52 4.59 -53.68
N LYS C 217 28.90 5.84 -53.35
CA LYS C 217 29.44 6.84 -54.29
C LYS C 217 30.84 7.23 -53.84
N ASN C 218 31.85 6.92 -54.67
CA ASN C 218 33.28 7.20 -54.42
C ASN C 218 33.75 6.59 -53.06
N ILE C 226 18.36 6.08 -52.09
CA ILE C 226 18.38 4.70 -52.53
C ILE C 226 16.97 4.14 -52.44
N ASP C 227 16.53 3.50 -53.52
CA ASP C 227 15.25 2.84 -53.60
C ASP C 227 15.50 1.36 -53.35
N TYR C 228 15.06 0.89 -52.19
CA TYR C 228 15.26 -0.49 -51.79
C TYR C 228 14.08 -1.35 -52.18
N GLY C 229 14.40 -2.51 -52.73
CA GLY C 229 13.41 -3.53 -53.08
C GLY C 229 13.23 -4.53 -51.96
N ASP C 230 12.02 -5.13 -51.86
CA ASP C 230 11.74 -6.12 -50.82
C ASP C 230 12.49 -7.43 -51.07
N ILE C 231 12.75 -8.18 -50.00
CA ILE C 231 13.32 -9.51 -50.07
C ILE C 231 12.14 -10.41 -50.41
N LEU C 232 12.15 -11.01 -51.62
CA LEU C 232 11.03 -11.78 -52.10
C LEU C 232 11.33 -13.26 -52.24
N PRO C 233 10.35 -14.15 -51.89
CA PRO C 233 10.57 -15.58 -52.10
C PRO C 233 10.50 -15.92 -53.59
N SER C 234 11.48 -16.70 -54.06
CA SER C 234 11.50 -17.09 -55.48
C SER C 234 10.64 -18.34 -55.73
N GLY C 235 10.26 -19.03 -54.66
CA GLY C 235 9.38 -20.20 -54.72
C GLY C 235 10.10 -21.54 -54.67
N ASP C 236 11.43 -21.52 -54.80
CA ASP C 236 12.27 -22.71 -54.76
C ASP C 236 13.11 -22.82 -53.43
N GLY C 237 12.70 -22.08 -52.40
CA GLY C 237 13.41 -22.05 -51.13
C GLY C 237 14.46 -20.97 -51.04
N THR C 238 14.71 -20.24 -52.14
CA THR C 238 15.66 -19.12 -52.16
C THR C 238 14.90 -17.79 -52.35
N TYR C 239 15.64 -16.70 -52.25
CA TYR C 239 15.10 -15.36 -52.24
C TYR C 239 15.80 -14.45 -53.21
N GLN C 240 15.15 -13.34 -53.54
CA GLN C 240 15.65 -12.29 -54.42
C GLN C 240 15.36 -10.88 -53.82
N ALA C 241 16.20 -9.92 -54.19
CA ALA C 241 16.10 -8.55 -53.71
C ALA C 241 16.89 -7.65 -54.65
N TRP C 242 16.63 -6.33 -54.57
CA TRP C 242 17.32 -5.32 -55.35
C TRP C 242 17.37 -4.00 -54.57
N ALA C 243 18.14 -3.04 -55.13
CA ALA C 243 18.33 -1.67 -54.67
C ALA C 243 18.77 -0.82 -55.88
N SER C 244 18.13 0.33 -56.08
CA SER C 244 18.47 1.22 -57.18
C SER C 244 18.81 2.62 -56.71
N ILE C 245 19.57 3.33 -57.55
CA ILE C 245 19.96 4.73 -57.41
C ILE C 245 19.81 5.42 -58.76
N GLU C 246 19.39 6.70 -58.74
CA GLU C 246 19.32 7.55 -59.93
C GLU C 246 20.71 8.13 -60.13
N LEU C 247 21.33 7.93 -61.32
CA LEU C 247 22.71 8.34 -61.63
C LEU C 247 22.77 9.66 -62.41
N ASN C 253 31.38 10.55 -61.16
CA ASN C 253 31.10 9.88 -59.88
C ASN C 253 31.11 8.35 -60.04
N LEU C 254 31.84 7.65 -59.15
CA LEU C 254 31.97 6.20 -59.18
C LEU C 254 30.96 5.50 -58.26
N TYR C 255 30.06 4.68 -58.85
CA TYR C 255 29.06 3.96 -58.07
C TYR C 255 29.43 2.49 -57.90
N SER C 256 29.09 1.93 -56.72
CA SER C 256 29.37 0.54 -56.38
C SER C 256 28.27 -0.05 -55.54
N CYS C 257 27.89 -1.27 -55.89
CA CYS C 257 26.89 -1.95 -55.12
C CYS C 257 27.57 -2.80 -54.06
N HIS C 258 27.10 -2.66 -52.80
CA HIS C 258 27.62 -3.41 -51.67
C HIS C 258 26.58 -4.38 -51.18
N VAL C 259 26.94 -5.65 -51.10
CA VAL C 259 26.05 -6.71 -50.68
C VAL C 259 26.70 -7.49 -49.53
N GLU C 260 25.94 -7.69 -48.45
CA GLU C 260 26.40 -8.47 -47.32
C GLU C 260 25.38 -9.59 -47.08
N HIS C 261 25.87 -10.84 -47.02
CA HIS C 261 25.02 -12.02 -46.81
C HIS C 261 25.81 -13.06 -46.06
N SER C 262 25.27 -13.53 -44.92
CA SER C 262 25.83 -14.58 -44.02
C SER C 262 27.35 -14.47 -43.80
N GLY C 263 27.82 -13.31 -43.31
CA GLY C 263 29.23 -13.10 -43.01
C GLY C 263 30.13 -12.86 -44.21
N VAL C 264 29.55 -12.68 -45.42
CA VAL C 264 30.37 -12.45 -46.60
C VAL C 264 29.99 -11.10 -47.21
N HIS C 265 31.00 -10.29 -47.52
CA HIS C 265 30.82 -8.96 -48.08
C HIS C 265 31.23 -9.00 -49.57
N MET C 266 30.43 -8.34 -50.42
CA MET C 266 30.62 -8.31 -51.87
C MET C 266 30.47 -6.90 -52.42
N VAL C 267 31.36 -6.53 -53.33
CA VAL C 267 31.32 -5.20 -53.97
C VAL C 267 31.29 -5.39 -55.49
N LEU C 268 30.36 -4.70 -56.14
CA LEU C 268 30.25 -4.67 -57.59
C LEU C 268 30.40 -3.23 -58.05
N GLN C 269 31.59 -2.87 -58.50
CA GLN C 269 31.93 -1.53 -59.03
C GLN C 269 31.33 -1.35 -60.43
N VAL C 270 30.71 -0.19 -60.67
CA VAL C 270 30.13 0.20 -61.97
C VAL C 270 31.08 1.20 -62.63
N ILE D 2 -8.36 -0.13 -38.69
CA ILE D 2 -7.33 0.08 -39.73
C ILE D 2 -7.24 -1.18 -40.62
N GLN D 3 -7.63 -1.00 -41.87
CA GLN D 3 -7.53 -2.02 -42.90
C GLN D 3 -6.30 -1.65 -43.76
N ARG D 4 -5.47 -2.66 -44.07
CA ARG D 4 -4.25 -2.39 -44.81
C ARG D 4 -4.33 -3.07 -46.15
N THR D 5 -4.17 -2.25 -47.19
CA THR D 5 -4.26 -2.68 -48.56
C THR D 5 -3.03 -3.58 -48.92
N PRO D 6 -3.23 -4.60 -49.77
CA PRO D 6 -2.09 -5.46 -50.14
C PRO D 6 -1.06 -4.80 -51.06
N LYS D 7 0.20 -5.10 -50.82
CA LYS D 7 1.33 -4.81 -51.68
C LYS D 7 1.39 -5.99 -52.65
N ILE D 8 1.42 -5.69 -53.94
CA ILE D 8 1.39 -6.71 -54.98
C ILE D 8 2.66 -6.61 -55.80
N GLN D 9 3.47 -7.69 -55.79
CA GLN D 9 4.72 -7.71 -56.54
C GLN D 9 4.72 -8.92 -57.49
N VAL D 10 4.86 -8.62 -58.80
CA VAL D 10 4.86 -9.61 -59.90
C VAL D 10 6.27 -9.74 -60.43
N TYR D 11 6.84 -10.97 -60.41
CA TYR D 11 8.23 -11.21 -60.80
C TYR D 11 8.46 -12.67 -61.16
N SER D 12 9.52 -12.94 -61.90
CA SER D 12 9.85 -14.32 -62.26
C SER D 12 10.80 -14.90 -61.20
N ARG D 13 10.79 -16.25 -61.02
CA ARG D 13 11.66 -16.98 -60.10
C ARG D 13 13.16 -16.72 -60.44
N HIS D 14 13.53 -16.89 -61.71
CA HIS D 14 14.89 -16.65 -62.18
C HIS D 14 14.87 -15.47 -63.14
N PRO D 15 16.00 -14.75 -63.40
CA PRO D 15 15.98 -13.72 -64.46
C PRO D 15 15.38 -14.28 -65.77
N ALA D 16 14.33 -13.62 -66.29
CA ALA D 16 13.57 -14.06 -67.45
C ALA D 16 14.36 -13.95 -68.77
N GLU D 17 14.20 -14.98 -69.61
CA GLU D 17 14.74 -15.10 -70.96
C GLU D 17 13.64 -15.67 -71.83
N ASN D 18 13.23 -14.93 -72.88
CA ASN D 18 12.14 -15.38 -73.76
C ASN D 18 12.50 -16.73 -74.35
N GLY D 19 11.59 -17.69 -74.17
CA GLY D 19 11.76 -19.06 -74.66
C GLY D 19 12.20 -20.08 -73.63
N LYS D 20 12.78 -19.61 -72.51
CA LYS D 20 13.27 -20.45 -71.41
C LYS D 20 12.20 -20.59 -70.32
N SER D 21 11.87 -21.84 -69.95
CA SER D 21 10.88 -22.19 -68.93
C SER D 21 11.21 -21.52 -67.59
N ASN D 22 10.20 -20.94 -66.95
CA ASN D 22 10.35 -20.21 -65.70
C ASN D 22 9.10 -20.36 -64.81
N PHE D 23 9.04 -19.56 -63.74
CA PHE D 23 7.91 -19.46 -62.83
C PHE D 23 7.56 -18.00 -62.63
N LEU D 24 6.27 -17.65 -62.78
CA LEU D 24 5.81 -16.28 -62.57
C LEU D 24 5.20 -16.20 -61.20
N ASN D 25 5.77 -15.36 -60.35
CA ASN D 25 5.29 -15.20 -58.99
C ASN D 25 4.50 -13.90 -58.82
N CYS D 26 3.52 -13.97 -57.95
CA CYS D 26 2.79 -12.82 -57.45
C CYS D 26 2.82 -12.87 -55.93
N TYR D 27 3.58 -11.99 -55.33
CA TYR D 27 3.70 -11.94 -53.89
C TYR D 27 2.79 -10.85 -53.38
N VAL D 28 1.77 -11.25 -52.61
CA VAL D 28 0.74 -10.35 -52.07
C VAL D 28 0.99 -10.25 -50.56
N SER D 29 1.26 -9.04 -50.07
CA SER D 29 1.65 -8.92 -48.67
C SER D 29 1.20 -7.63 -48.00
N GLY D 30 1.36 -7.61 -46.68
CA GLY D 30 1.08 -6.48 -45.80
C GLY D 30 -0.39 -6.15 -45.69
N PHE D 31 -1.26 -7.12 -46.02
CA PHE D 31 -2.67 -6.85 -46.00
C PHE D 31 -3.31 -7.29 -44.68
N HIS D 32 -4.40 -6.63 -44.34
CA HIS D 32 -5.22 -6.92 -43.17
C HIS D 32 -6.62 -6.37 -43.46
N PRO D 33 -7.73 -7.14 -43.29
CA PRO D 33 -7.83 -8.55 -42.79
C PRO D 33 -7.36 -9.58 -43.83
N SER D 34 -7.44 -10.87 -43.46
CA SER D 34 -6.89 -12.02 -44.22
C SER D 34 -7.60 -12.39 -45.53
N ASP D 35 -8.91 -12.12 -45.69
CA ASP D 35 -9.67 -12.48 -46.87
C ASP D 35 -9.12 -11.76 -48.10
N ILE D 36 -8.72 -12.55 -49.10
CA ILE D 36 -8.11 -12.03 -50.30
C ILE D 36 -8.37 -12.99 -51.48
N GLU D 37 -8.45 -12.42 -52.69
CA GLU D 37 -8.64 -13.13 -53.95
C GLU D 37 -7.51 -12.73 -54.88
N VAL D 38 -6.84 -13.72 -55.45
CA VAL D 38 -5.69 -13.47 -56.32
C VAL D 38 -5.78 -14.38 -57.55
N ASP D 39 -5.57 -13.77 -58.72
CA ASP D 39 -5.52 -14.47 -60.00
C ASP D 39 -4.35 -13.98 -60.84
N LEU D 40 -3.68 -14.92 -61.51
CA LEU D 40 -2.61 -14.63 -62.46
C LEU D 40 -3.25 -14.63 -63.82
N LEU D 41 -2.92 -13.62 -64.63
CA LEU D 41 -3.51 -13.46 -65.95
C LEU D 41 -2.46 -13.51 -67.07
N LYS D 42 -2.84 -14.11 -68.20
CA LYS D 42 -2.07 -14.19 -69.44
C LYS D 42 -2.92 -13.54 -70.52
N ASN D 43 -2.55 -12.30 -70.90
CA ASN D 43 -3.22 -11.44 -71.88
C ASN D 43 -4.68 -11.17 -71.46
N GLY D 44 -4.89 -10.91 -70.17
CA GLY D 44 -6.18 -10.60 -69.57
C GLY D 44 -7.04 -11.77 -69.10
N GLU D 45 -6.67 -13.02 -69.48
CA GLU D 45 -7.44 -14.22 -69.11
C GLU D 45 -6.79 -14.92 -67.93
N ARG D 46 -7.62 -15.46 -67.02
CA ARG D 46 -7.17 -16.17 -65.81
C ARG D 46 -6.48 -17.49 -66.16
N ILE D 47 -5.32 -17.73 -65.51
CA ILE D 47 -4.53 -18.94 -65.65
C ILE D 47 -5.11 -19.98 -64.67
N GLU D 48 -5.51 -21.16 -65.18
CA GLU D 48 -6.17 -22.21 -64.41
C GLU D 48 -5.20 -22.96 -63.47
N LYS D 49 -4.01 -23.35 -63.99
CA LYS D 49 -3.00 -24.08 -63.23
C LYS D 49 -2.14 -23.09 -62.42
N VAL D 50 -2.71 -22.55 -61.31
CA VAL D 50 -2.02 -21.59 -60.46
C VAL D 50 -1.95 -22.09 -59.00
N GLU D 51 -0.71 -22.32 -58.54
CA GLU D 51 -0.40 -22.78 -57.20
C GLU D 51 -0.24 -21.59 -56.24
N HIS D 52 -0.48 -21.83 -54.96
CA HIS D 52 -0.30 -20.79 -53.96
C HIS D 52 0.07 -21.36 -52.60
N SER D 53 0.88 -20.63 -51.88
CA SER D 53 1.29 -20.97 -50.53
C SER D 53 0.09 -20.79 -49.60
N ASP D 54 0.16 -21.38 -48.41
CA ASP D 54 -0.88 -21.16 -47.40
C ASP D 54 -0.77 -19.71 -46.91
N LEU D 55 -1.87 -19.18 -46.34
CA LEU D 55 -1.82 -17.85 -45.74
C LEU D 55 -0.66 -17.79 -44.71
N SER D 56 0.10 -16.72 -44.76
CA SER D 56 1.24 -16.59 -43.86
C SER D 56 1.10 -15.38 -42.97
N PHE D 57 1.76 -15.42 -41.81
CA PHE D 57 1.64 -14.43 -40.77
C PHE D 57 2.91 -13.65 -40.57
N SER D 58 2.78 -12.31 -40.56
CA SER D 58 3.90 -11.41 -40.25
C SER D 58 3.77 -10.93 -38.82
N LYS D 59 4.92 -10.58 -38.22
CA LYS D 59 5.08 -10.09 -36.84
C LYS D 59 4.34 -8.74 -36.64
N ASP D 60 4.10 -7.99 -37.76
CA ASP D 60 3.35 -6.73 -37.72
C ASP D 60 1.81 -6.97 -37.85
N TRP D 61 1.37 -8.23 -37.74
CA TRP D 61 -0.04 -8.71 -37.78
C TRP D 61 -0.67 -8.78 -39.15
N SER D 62 0.06 -8.36 -40.18
CA SER D 62 -0.45 -8.44 -41.54
C SER D 62 -0.17 -9.86 -42.09
N PHE D 63 -0.71 -10.15 -43.28
CA PHE D 63 -0.60 -11.44 -43.93
C PHE D 63 0.12 -11.32 -45.27
N TYR D 64 0.62 -12.46 -45.76
CA TYR D 64 1.28 -12.60 -47.04
C TYR D 64 1.00 -13.97 -47.60
N LEU D 65 1.04 -14.05 -48.93
CA LEU D 65 0.79 -15.21 -49.78
C LEU D 65 1.63 -15.11 -51.02
N LEU D 66 1.96 -16.25 -51.58
CA LEU D 66 2.66 -16.35 -52.84
C LEU D 66 1.82 -17.17 -53.79
N TYR D 67 1.44 -16.57 -54.92
CA TYR D 67 0.74 -17.21 -56.03
C TYR D 67 1.74 -17.35 -57.15
N TYR D 68 1.84 -18.53 -57.74
CA TYR D 68 2.81 -18.78 -58.79
C TYR D 68 2.30 -19.77 -59.81
N THR D 69 2.94 -19.78 -60.97
CA THR D 69 2.63 -20.69 -62.06
C THR D 69 3.86 -20.85 -62.93
N GLU D 70 4.02 -22.05 -63.51
CA GLU D 70 5.08 -22.35 -64.45
C GLU D 70 4.69 -21.73 -65.78
N PHE D 71 5.61 -21.02 -66.41
CA PHE D 71 5.35 -20.36 -67.67
C PHE D 71 6.63 -20.25 -68.48
N THR D 72 6.50 -19.92 -69.78
CA THR D 72 7.61 -19.71 -70.67
C THR D 72 7.38 -18.31 -71.28
N PRO D 73 8.13 -17.29 -70.79
CA PRO D 73 7.91 -15.92 -71.33
C PRO D 73 8.17 -15.81 -72.84
N THR D 74 7.29 -15.06 -73.54
CA THR D 74 7.37 -14.77 -74.99
C THR D 74 7.12 -13.28 -75.19
N GLU D 75 7.82 -12.67 -76.17
CA GLU D 75 7.74 -11.24 -76.53
C GLU D 75 6.29 -10.71 -76.60
N LYS D 76 5.36 -11.50 -77.20
CA LYS D 76 3.94 -11.16 -77.38
C LYS D 76 3.07 -11.31 -76.12
N ASP D 77 3.36 -12.29 -75.22
CA ASP D 77 2.55 -12.60 -74.02
C ASP D 77 2.73 -11.62 -72.85
N GLU D 78 1.61 -10.97 -72.44
CA GLU D 78 1.52 -10.02 -71.34
C GLU D 78 0.99 -10.71 -70.06
N TYR D 79 1.77 -10.63 -68.96
CA TYR D 79 1.41 -11.28 -67.70
C TYR D 79 1.07 -10.29 -66.60
N ALA D 80 0.01 -10.59 -65.84
CA ALA D 80 -0.44 -9.72 -64.77
C ALA D 80 -0.93 -10.52 -63.56
N CYS D 81 -1.12 -9.80 -62.44
CA CYS D 81 -1.67 -10.33 -61.21
C CYS D 81 -2.86 -9.48 -60.81
N ARG D 82 -4.03 -10.12 -60.64
CA ARG D 82 -5.29 -9.47 -60.30
C ARG D 82 -5.65 -9.81 -58.86
N VAL D 83 -5.74 -8.77 -58.03
CA VAL D 83 -5.98 -8.94 -56.60
C VAL D 83 -7.24 -8.20 -56.15
N ASN D 84 -8.04 -8.83 -55.27
CA ASN D 84 -9.20 -8.22 -54.65
C ASN D 84 -9.12 -8.42 -53.12
N HIS D 85 -9.43 -7.34 -52.40
CA HIS D 85 -9.39 -7.25 -50.94
C HIS D 85 -10.44 -6.27 -50.51
N VAL D 86 -10.87 -6.29 -49.24
CA VAL D 86 -11.93 -5.39 -48.75
C VAL D 86 -11.52 -3.88 -48.93
N THR D 87 -10.22 -3.57 -48.88
CA THR D 87 -9.68 -2.21 -49.04
C THR D 87 -9.77 -1.71 -50.48
N LEU D 88 -10.04 -2.62 -51.43
CA LEU D 88 -10.13 -2.29 -52.85
C LEU D 88 -11.59 -2.22 -53.28
N SER D 89 -11.94 -1.12 -54.00
CA SER D 89 -13.27 -0.84 -54.53
C SER D 89 -13.53 -1.70 -55.76
N GLN D 90 -12.46 -2.12 -56.43
CA GLN D 90 -12.48 -2.98 -57.61
C GLN D 90 -11.17 -3.79 -57.65
N PRO D 91 -11.14 -4.96 -58.32
CA PRO D 91 -9.88 -5.72 -58.40
C PRO D 91 -8.75 -4.87 -59.01
N LYS D 92 -7.55 -4.99 -58.44
CA LYS D 92 -6.36 -4.29 -58.89
C LYS D 92 -5.54 -5.24 -59.78
N ILE D 93 -5.25 -4.79 -61.00
CA ILE D 93 -4.49 -5.55 -61.98
C ILE D 93 -3.09 -4.96 -61.97
N VAL D 94 -2.10 -5.80 -61.66
CA VAL D 94 -0.70 -5.39 -61.61
C VAL D 94 0.06 -6.19 -62.67
N LYS D 95 0.55 -5.49 -63.68
CA LYS D 95 1.29 -6.06 -64.80
C LYS D 95 2.72 -6.45 -64.41
N TRP D 96 3.23 -7.54 -65.02
CA TRP D 96 4.61 -7.99 -64.88
C TRP D 96 5.50 -7.11 -65.77
N ASP D 97 6.56 -6.51 -65.20
CA ASP D 97 7.48 -5.62 -65.90
C ASP D 97 8.45 -6.42 -66.80
N GLN E 4 -9.54 40.83 16.78
CA GLN E 4 -8.94 39.79 17.61
C GLN E 4 -8.41 40.38 18.91
N ASN E 5 -8.90 39.86 20.06
CA ASN E 5 -8.55 40.33 21.39
C ASN E 5 -8.26 39.18 22.36
N ILE E 6 -7.30 39.43 23.26
CA ILE E 6 -6.88 38.56 24.34
C ILE E 6 -7.02 39.41 25.60
N ASP E 7 -7.84 38.95 26.58
CA ASP E 7 -8.03 39.75 27.78
C ASP E 7 -7.72 38.99 29.04
N GLN E 8 -6.87 39.57 29.86
CA GLN E 8 -6.50 39.08 31.17
C GLN E 8 -6.43 40.28 32.15
N PRO E 9 -6.73 40.11 33.46
CA PRO E 9 -6.67 41.27 34.38
C PRO E 9 -5.28 41.92 34.37
N THR E 10 -5.20 43.23 34.65
CA THR E 10 -3.92 43.94 34.69
C THR E 10 -3.10 43.46 35.89
N GLU E 11 -3.76 43.32 37.02
CA GLU E 11 -3.11 42.99 38.26
C GLU E 11 -4.07 42.22 39.18
N MET E 12 -3.49 41.34 39.97
CA MET E 12 -4.17 40.53 40.97
C MET E 12 -3.32 40.46 42.20
N THR E 13 -3.99 40.51 43.35
CA THR E 13 -3.36 40.45 44.64
C THR E 13 -4.01 39.33 45.42
N ALA E 14 -3.19 38.46 45.98
CA ALA E 14 -3.65 37.36 46.86
C ALA E 14 -2.67 37.21 47.97
N THR E 15 -3.03 36.42 49.00
CA THR E 15 -2.23 36.23 50.19
C THR E 15 -1.40 34.96 50.05
N GLU E 16 -0.22 34.98 50.67
CA GLU E 16 0.71 33.85 50.77
C GLU E 16 -0.02 32.62 51.36
N GLY E 17 0.18 31.45 50.74
CA GLY E 17 -0.42 30.18 51.15
C GLY E 17 -1.81 29.93 50.60
N ALA E 18 -2.41 30.95 49.93
CA ALA E 18 -3.75 30.86 49.37
C ALA E 18 -3.71 30.44 47.90
N ILE E 19 -4.83 30.61 47.18
CA ILE E 19 -5.03 30.23 45.78
C ILE E 19 -5.41 31.46 44.93
N VAL E 20 -4.90 31.53 43.70
CA VAL E 20 -5.28 32.60 42.78
C VAL E 20 -5.59 31.98 41.42
N GLN E 21 -6.66 32.47 40.79
CA GLN E 21 -7.07 32.02 39.47
C GLN E 21 -6.92 33.18 38.52
N ILE E 22 -6.04 33.04 37.53
CA ILE E 22 -5.79 34.09 36.56
C ILE E 22 -6.54 33.74 35.29
N ASN E 23 -7.53 34.56 34.93
CA ASN E 23 -8.34 34.30 33.75
C ASN E 23 -7.80 34.93 32.49
N CYS E 24 -8.05 34.26 31.36
CA CYS E 24 -7.69 34.71 30.06
C CYS E 24 -8.85 34.43 29.12
N THR E 25 -9.44 35.46 28.53
CA THR E 25 -10.48 35.23 27.52
C THR E 25 -9.95 35.66 26.19
N TYR E 26 -10.33 34.96 25.13
CA TYR E 26 -9.85 35.35 23.81
C TYR E 26 -11.00 35.36 22.81
N GLN E 27 -10.96 36.32 21.90
CA GLN E 27 -11.88 36.48 20.78
C GLN E 27 -11.00 36.46 19.57
N THR E 28 -10.92 35.31 18.90
CA THR E 28 -10.06 35.09 17.71
C THR E 28 -10.91 34.49 16.57
N SER E 29 -10.46 34.53 15.31
CA SER E 29 -11.32 33.91 14.26
C SER E 29 -11.28 32.36 14.38
N GLY E 30 -10.12 31.84 14.76
CA GLY E 30 -9.92 30.42 14.96
C GLY E 30 -9.05 30.19 16.17
N PHE E 31 -8.75 28.93 16.46
CA PHE E 31 -8.01 28.59 17.65
C PHE E 31 -7.05 27.47 17.42
N ASN E 32 -5.77 27.67 17.77
CA ASN E 32 -4.77 26.61 17.59
C ASN E 32 -3.93 26.38 18.82
N GLY E 33 -4.46 26.78 19.98
CA GLY E 33 -3.77 26.59 21.25
C GLY E 33 -3.58 27.86 22.03
N LEU E 34 -3.38 27.68 23.32
CA LEU E 34 -3.25 28.73 24.30
C LEU E 34 -2.08 28.41 25.19
N PHE E 35 -1.20 29.39 25.32
CA PHE E 35 -0.03 29.34 26.17
C PHE E 35 -0.19 30.23 27.38
N TRP E 36 0.51 29.82 28.47
CA TRP E 36 0.75 30.54 29.69
C TRP E 36 2.23 30.63 29.90
N TYR E 37 2.70 31.86 30.16
CA TYR E 37 4.10 32.10 30.45
C TYR E 37 4.19 32.83 31.77
N GLN E 38 5.32 32.61 32.45
CA GLN E 38 5.63 33.32 33.66
C GLN E 38 6.75 34.29 33.34
N GLN E 39 6.63 35.54 33.77
CA GLN E 39 7.74 36.47 33.55
C GLN E 39 8.05 37.22 34.83
N HIS E 40 9.19 36.90 35.44
CA HIS E 40 9.67 37.64 36.61
C HIS E 40 10.16 39.01 36.14
N ALA E 41 10.05 40.02 37.03
CA ALA E 41 10.49 41.39 36.76
C ALA E 41 11.95 41.40 36.29
N GLY E 42 12.18 42.00 35.12
CA GLY E 42 13.49 42.13 34.51
C GLY E 42 14.04 40.84 33.95
N GLU E 43 13.20 39.80 33.85
CA GLU E 43 13.62 38.48 33.35
C GLU E 43 12.88 38.12 32.05
N ALA E 44 13.31 37.04 31.41
CA ALA E 44 12.70 36.55 30.20
C ALA E 44 11.41 35.79 30.54
N PRO E 45 10.38 35.77 29.64
CA PRO E 45 9.22 34.91 29.89
C PRO E 45 9.63 33.43 29.79
N THR E 46 9.04 32.56 30.64
CA THR E 46 9.36 31.14 30.64
C THR E 46 8.07 30.36 30.53
N PHE E 47 8.10 29.27 29.77
CA PHE E 47 6.91 28.47 29.51
C PHE E 47 6.30 27.85 30.77
N LEU E 48 4.97 27.91 30.89
CA LEU E 48 4.25 27.21 31.97
C LEU E 48 3.39 26.11 31.39
N SER E 49 2.58 26.42 30.35
CA SER E 49 1.65 25.44 29.80
C SER E 49 1.18 25.76 28.42
N TYR E 50 0.66 24.71 27.76
CA TYR E 50 0.04 24.82 26.43
C TYR E 50 -1.22 24.04 26.52
N ASN E 51 -2.35 24.65 26.14
CA ASN E 51 -3.65 23.95 26.12
C ASN E 51 -4.28 24.16 24.76
N VAL E 52 -4.84 23.10 24.19
CA VAL E 52 -5.51 23.15 22.88
C VAL E 52 -6.82 22.31 22.96
N LEU E 53 -6.90 21.30 23.82
CA LEU E 53 -8.17 20.56 24.01
C LEU E 53 -8.78 20.95 25.35
N ASP E 54 -10.04 20.59 25.58
CA ASP E 54 -10.77 20.96 26.79
C ASP E 54 -10.30 20.18 28.02
N GLY E 55 -10.16 20.89 29.11
CA GLY E 55 -9.78 20.26 30.36
C GLY E 55 -8.78 21.01 31.19
N LEU E 56 -8.48 20.43 32.34
CA LEU E 56 -7.58 20.92 33.34
C LEU E 56 -6.30 20.10 33.37
N GLU E 57 -5.15 20.76 33.23
CA GLU E 57 -3.83 20.13 33.27
C GLU E 57 -3.06 20.66 34.48
N GLU E 58 -2.69 19.77 35.42
CA GLU E 58 -2.01 20.10 36.69
C GLU E 58 -0.54 19.79 36.62
N LYS E 59 0.29 20.76 36.97
CA LYS E 59 1.76 20.64 36.96
C LYS E 59 2.30 21.23 38.26
N GLY E 60 2.34 20.39 39.29
CA GLY E 60 2.75 20.81 40.63
C GLY E 60 1.70 21.68 41.28
N ARG E 61 2.09 22.90 41.66
CA ARG E 61 1.16 23.85 42.31
C ARG E 61 0.33 24.63 41.26
N PHE E 62 0.67 24.49 39.97
CA PHE E 62 0.01 25.21 38.86
C PHE E 62 -0.86 24.30 38.02
N SER E 63 -2.04 24.80 37.67
CA SER E 63 -3.01 24.13 36.82
C SER E 63 -3.42 25.06 35.69
N SER E 64 -3.62 24.54 34.51
CA SER E 64 -4.09 25.30 33.34
C SER E 64 -5.34 24.66 32.79
N PHE E 65 -6.42 25.45 32.71
CA PHE E 65 -7.73 24.98 32.24
C PHE E 65 -8.04 25.59 30.92
N LEU E 66 -8.80 24.88 30.10
CA LEU E 66 -9.24 25.44 28.84
C LEU E 66 -10.64 25.00 28.52
N SER E 67 -11.45 25.98 28.12
CA SER E 67 -12.77 25.76 27.55
C SER E 67 -12.79 26.42 26.19
N ARG E 68 -12.76 25.63 25.12
CA ARG E 68 -12.74 26.18 23.76
C ARG E 68 -14.08 26.83 23.36
N SER E 69 -15.19 26.28 23.83
CA SER E 69 -16.51 26.79 23.48
C SER E 69 -16.78 28.13 24.16
N LYS E 70 -16.22 28.31 25.35
CA LYS E 70 -16.36 29.53 26.12
C LYS E 70 -15.23 30.52 25.75
N GLY E 71 -14.22 30.07 25.02
CA GLY E 71 -13.08 30.90 24.63
C GLY E 71 -12.42 31.42 25.90
N TYR E 72 -12.12 30.52 26.81
CA TYR E 72 -11.63 30.88 28.10
C TYR E 72 -10.62 29.89 28.66
N SER E 73 -9.60 30.43 29.30
CA SER E 73 -8.61 29.66 30.03
C SER E 73 -8.32 30.31 31.39
N TYR E 74 -7.83 29.51 32.32
CA TYR E 74 -7.33 30.07 33.56
C TYR E 74 -6.07 29.35 33.94
N LEU E 75 -5.21 30.08 34.62
CA LEU E 75 -4.03 29.61 35.27
C LEU E 75 -4.35 29.63 36.77
N LEU E 76 -4.35 28.46 37.43
CA LEU E 76 -4.63 28.35 38.85
C LEU E 76 -3.35 28.09 39.61
N LEU E 77 -3.01 28.96 40.55
CA LEU E 77 -1.82 28.81 41.37
C LEU E 77 -2.25 28.49 42.78
N LYS E 78 -1.78 27.35 43.30
CA LYS E 78 -2.12 26.89 44.65
C LYS E 78 -0.95 27.08 45.60
N GLU E 79 -1.24 27.14 46.91
CA GLU E 79 -0.24 27.26 48.01
C GLU E 79 0.78 28.36 47.68
N LEU E 80 0.25 29.55 47.36
CA LEU E 80 1.01 30.74 46.95
C LEU E 80 2.21 31.07 47.80
N GLN E 81 3.33 31.29 47.12
CA GLN E 81 4.61 31.65 47.73
C GLN E 81 5.01 32.99 47.18
N MET E 82 5.90 33.71 47.89
CA MET E 82 6.40 35.02 47.45
C MET E 82 7.07 34.94 46.08
N LYS E 83 7.78 33.84 45.80
CA LYS E 83 8.48 33.62 44.52
C LYS E 83 7.48 33.57 43.32
N ASP E 84 6.15 33.47 43.58
CA ASP E 84 5.10 33.45 42.54
C ASP E 84 4.76 34.88 42.06
N SER E 85 5.30 35.90 42.73
CA SER E 85 5.13 37.31 42.33
C SER E 85 5.84 37.49 41.06
N ALA E 86 5.09 37.72 40.00
CA ALA E 86 5.55 37.81 38.62
C ALA E 86 4.39 38.22 37.75
N SER E 87 4.67 38.48 36.48
CA SER E 87 3.63 38.66 35.48
C SER E 87 3.36 37.31 34.83
N TYR E 88 2.10 37.08 34.48
CA TYR E 88 1.61 35.86 33.84
C TYR E 88 0.99 36.27 32.55
N LEU E 89 1.59 35.80 31.46
CA LEU E 89 1.16 36.15 30.10
C LEU E 89 0.42 35.01 29.43
N CYS E 90 -0.77 35.29 28.85
CA CYS E 90 -1.41 34.24 28.06
C CYS E 90 -1.30 34.64 26.60
N ALA E 91 -1.22 33.64 25.75
CA ALA E 91 -1.09 33.88 24.32
C ALA E 91 -1.92 32.85 23.60
N VAL E 92 -2.59 33.27 22.54
CA VAL E 92 -3.45 32.40 21.74
C VAL E 92 -2.95 32.43 20.33
N ARG E 93 -2.85 31.22 19.74
CA ARG E 93 -2.50 31.05 18.33
C ARG E 93 -3.80 31.05 17.56
N ASP E 94 -3.91 31.98 16.62
CA ASP E 94 -5.15 32.15 15.84
C ASP E 94 -5.17 31.18 14.65
N SER E 95 -6.16 31.30 13.77
CA SER E 95 -6.38 30.42 12.62
C SER E 95 -5.23 30.45 11.61
N ASN E 96 -4.41 31.53 11.60
CA ASN E 96 -3.28 31.71 10.69
C ASN E 96 -1.97 31.51 11.43
N TYR E 97 -2.04 30.86 12.60
CA TYR E 97 -0.92 30.50 13.48
C TYR E 97 -0.13 31.73 14.00
N GLN E 98 -0.74 32.92 13.93
CA GLN E 98 -0.20 34.11 14.51
C GLN E 98 -0.37 34.00 16.06
N LEU E 99 0.72 34.17 16.81
CA LEU E 99 0.65 34.14 18.27
C LEU E 99 0.26 35.54 18.80
N ILE E 100 -0.96 35.68 19.39
CA ILE E 100 -1.49 36.93 19.96
C ILE E 100 -1.26 36.88 21.46
N TRP E 101 -0.44 37.80 21.95
CA TRP E 101 -0.07 37.90 23.35
C TRP E 101 -0.96 38.84 24.15
N GLY E 102 -1.41 38.38 25.33
CA GLY E 102 -2.13 39.22 26.29
C GLY E 102 -1.17 40.20 26.93
N ALA E 103 -1.70 41.31 27.46
CA ALA E 103 -0.89 42.39 28.10
C ALA E 103 -0.24 41.89 29.40
N GLY E 104 -0.73 40.77 29.93
CA GLY E 104 -0.14 40.17 31.11
C GLY E 104 -0.87 40.55 32.37
N THR E 105 -0.78 39.66 33.39
CA THR E 105 -1.31 39.89 34.71
C THR E 105 -0.17 39.94 35.70
N LYS E 106 -0.02 41.07 36.38
CA LYS E 106 0.96 41.20 37.44
C LYS E 106 0.36 40.59 38.70
N LEU E 107 0.99 39.54 39.23
CA LEU E 107 0.47 38.91 40.44
C LEU E 107 1.30 39.38 41.64
N ILE E 108 0.62 39.93 42.66
CA ILE E 108 1.19 40.45 43.90
C ILE E 108 0.80 39.51 45.03
N ILE E 109 1.78 39.02 45.78
CA ILE E 109 1.55 38.13 46.91
C ILE E 109 1.75 38.94 48.19
N LYS E 110 0.72 38.97 49.03
CA LYS E 110 0.79 39.64 50.32
C LYS E 110 1.38 38.64 51.32
N PRO E 111 2.52 38.92 51.98
CA PRO E 111 3.06 37.94 52.93
C PRO E 111 2.21 37.85 54.17
N ASP E 112 2.20 36.69 54.82
CA ASP E 112 1.47 36.56 56.07
C ASP E 112 2.35 37.11 57.22
N ILE E 113 2.04 38.33 57.73
CA ILE E 113 2.84 38.95 58.80
C ILE E 113 2.29 38.45 60.15
N GLN E 114 3.05 37.52 60.77
CA GLN E 114 2.72 36.86 62.03
C GLN E 114 2.78 37.84 63.22
N ASN E 115 3.86 38.63 63.34
CA ASN E 115 3.99 39.56 64.46
C ASN E 115 4.19 41.01 63.94
N PRO E 116 3.09 41.72 63.55
CA PRO E 116 3.27 43.11 63.08
C PRO E 116 3.81 44.01 64.18
N ASP E 117 4.71 44.92 63.82
CA ASP E 117 5.36 45.84 64.74
C ASP E 117 5.63 47.18 63.99
N PRO E 118 4.54 47.89 63.54
CA PRO E 118 4.72 49.11 62.73
C PRO E 118 5.59 50.19 63.38
N ALA E 119 6.57 50.70 62.61
CA ALA E 119 7.50 51.72 63.07
C ALA E 119 8.11 52.53 61.93
N VAL E 120 8.46 53.81 62.23
CA VAL E 120 9.14 54.69 61.31
C VAL E 120 10.49 55.02 61.94
N TYR E 121 11.57 54.61 61.30
CA TYR E 121 12.92 54.82 61.81
C TYR E 121 13.74 55.76 60.95
N GLN E 122 14.72 56.40 61.57
CA GLN E 122 15.65 57.29 60.88
C GLN E 122 17.02 56.63 60.82
N LEU E 123 17.52 56.50 59.57
CA LEU E 123 18.84 55.94 59.26
C LEU E 123 19.81 57.09 58.90
N ARG E 124 21.14 56.86 59.00
CA ARG E 124 22.19 57.86 58.70
C ARG E 124 23.24 57.28 57.75
N ASP E 125 23.83 58.14 56.87
CA ASP E 125 24.84 57.70 55.87
C ASP E 125 26.15 57.22 56.54
N SER E 132 19.59 62.02 55.33
CA SER E 132 19.02 60.89 56.07
C SER E 132 17.81 60.23 55.32
N VAL E 133 17.53 58.97 55.69
CA VAL E 133 16.48 58.12 55.16
C VAL E 133 15.50 57.76 56.28
N CYS E 134 14.19 57.71 55.95
CA CYS E 134 13.10 57.30 56.83
C CYS E 134 12.59 55.94 56.36
N LEU E 135 12.61 54.96 57.28
CA LEU E 135 12.17 53.61 56.98
C LEU E 135 10.87 53.27 57.69
N PHE E 136 9.79 53.04 56.91
CA PHE E 136 8.50 52.57 57.43
C PHE E 136 8.56 51.07 57.30
N THR E 137 8.56 50.35 58.43
CA THR E 137 8.73 48.90 58.37
C THR E 137 7.88 48.13 59.41
N ASP E 138 7.85 46.80 59.22
CA ASP E 138 7.24 45.79 60.09
C ASP E 138 5.70 45.92 60.23
N PHE E 139 5.07 46.65 59.30
CA PHE E 139 3.61 46.79 59.24
C PHE E 139 3.01 45.53 58.52
N ASP E 140 1.69 45.27 58.76
CA ASP E 140 0.92 44.16 58.17
C ASP E 140 0.71 44.46 56.70
N SER E 141 0.47 43.40 55.90
CA SER E 141 0.30 43.50 54.44
C SER E 141 -0.93 44.31 54.01
N GLN E 142 -1.90 44.56 54.92
CA GLN E 142 -3.09 45.34 54.61
C GLN E 142 -2.75 46.84 54.44
N THR E 143 -1.61 47.30 55.00
CA THR E 143 -1.16 48.69 54.91
C THR E 143 -0.66 49.01 53.50
N ASN E 144 -1.15 50.12 52.92
CA ASN E 144 -0.75 50.62 51.62
C ASN E 144 0.06 51.91 51.81
N VAL E 145 1.14 52.06 51.03
CA VAL E 145 2.04 53.21 51.09
C VAL E 145 1.75 54.12 49.89
N SER E 146 1.35 55.35 50.16
CA SER E 146 1.07 56.34 49.12
C SER E 146 2.35 57.07 48.71
N GLN E 147 2.40 57.46 47.42
CA GLN E 147 3.51 58.24 46.85
C GLN E 147 3.46 59.65 47.42
N SER E 148 4.61 60.35 47.37
CA SER E 148 4.80 61.70 47.89
C SER E 148 4.07 62.77 47.07
N LYS E 149 3.43 63.70 47.79
CA LYS E 149 2.73 64.84 47.22
C LYS E 149 3.75 65.92 46.84
N ASP E 150 4.82 66.06 47.68
CA ASP E 150 5.91 67.02 47.50
C ASP E 150 6.97 66.44 46.54
N SER E 151 7.33 67.25 45.52
CA SER E 151 8.28 66.94 44.44
C SER E 151 9.69 66.59 44.95
N ASP E 152 10.19 67.29 46.01
CA ASP E 152 11.53 67.00 46.53
C ASP E 152 11.52 65.99 47.72
N VAL E 153 10.40 65.25 47.87
CA VAL E 153 10.23 64.15 48.81
C VAL E 153 9.99 62.88 47.98
N TYR E 154 10.79 61.84 48.21
CA TYR E 154 10.73 60.58 47.46
C TYR E 154 10.34 59.44 48.37
N ILE E 155 9.28 58.71 48.00
CA ILE E 155 8.76 57.57 48.75
C ILE E 155 8.67 56.36 47.80
N THR E 156 9.33 55.27 48.17
CA THR E 156 9.30 54.04 47.40
C THR E 156 8.08 53.23 47.78
N ASP E 157 7.68 52.29 46.93
CA ASP E 157 6.54 51.43 47.27
C ASP E 157 6.97 50.39 48.32
N LYS E 158 5.99 49.72 48.97
CA LYS E 158 6.33 48.68 49.94
C LYS E 158 7.02 47.49 49.23
N CYS E 159 8.03 46.96 49.90
CA CYS E 159 8.90 45.87 49.47
C CYS E 159 8.94 44.79 50.59
N VAL E 160 8.90 43.52 50.21
CA VAL E 160 8.91 42.40 51.14
C VAL E 160 10.27 41.74 51.19
N LEU E 161 10.88 41.68 52.36
CA LEU E 161 12.13 40.93 52.45
C LEU E 161 11.91 39.68 53.30
N ASP E 162 12.69 38.65 53.01
CA ASP E 162 12.59 37.37 53.66
C ASP E 162 13.93 36.99 54.25
N MET E 163 14.00 36.91 55.59
CA MET E 163 15.20 36.46 56.26
C MET E 163 15.07 34.96 56.47
N PHE E 168 11.55 34.61 58.73
CA PHE E 168 10.98 35.92 59.00
C PHE E 168 10.78 36.77 57.72
N LYS E 169 9.55 37.24 57.48
CA LYS E 169 9.26 38.11 56.35
C LYS E 169 8.69 39.42 56.86
N SER E 170 9.11 40.55 56.28
CA SER E 170 8.60 41.87 56.66
C SER E 170 8.49 42.80 55.46
N ASN E 171 7.58 43.79 55.61
CA ASN E 171 7.29 44.85 54.65
C ASN E 171 8.07 46.07 55.01
N SER E 172 8.42 46.91 54.03
CA SER E 172 9.09 48.18 54.29
C SER E 172 8.94 49.12 53.13
N ALA E 173 8.98 50.41 53.43
CA ALA E 173 8.95 51.49 52.45
C ALA E 173 9.98 52.54 52.90
N VAL E 174 10.66 53.17 51.94
CA VAL E 174 11.68 54.16 52.24
C VAL E 174 11.20 55.55 51.78
N ALA E 175 11.49 56.59 52.60
CA ALA E 175 11.23 58.00 52.29
C ALA E 175 12.50 58.81 52.51
N TRP E 176 12.82 59.71 51.59
CA TRP E 176 14.00 60.56 51.73
C TRP E 176 13.79 61.92 51.09
N SER E 177 14.64 62.87 51.46
CA SER E 177 14.62 64.27 51.03
C SER E 177 15.85 64.98 51.56
N ASN E 178 16.19 66.13 50.96
CA ASN E 178 17.29 66.98 51.41
C ASN E 178 16.70 68.34 51.85
N LYS E 179 15.34 68.43 51.84
CA LYS E 179 14.58 69.59 52.28
C LYS E 179 14.67 69.74 53.81
N SER E 180 14.88 70.97 54.28
CA SER E 180 15.03 71.32 55.71
C SER E 180 13.80 70.93 56.55
N ASP E 181 12.58 71.10 55.98
CA ASP E 181 11.29 70.80 56.63
C ASP E 181 11.01 69.29 56.75
N PHE E 182 11.81 68.43 56.09
CA PHE E 182 11.60 66.98 56.11
C PHE E 182 12.03 66.35 57.44
N ALA E 183 11.08 65.66 58.08
CA ALA E 183 11.22 64.90 59.32
C ALA E 183 10.56 63.54 59.13
N CYS E 184 11.04 62.51 59.84
CA CYS E 184 10.49 61.16 59.75
C CYS E 184 9.07 61.07 60.32
N ALA E 185 8.73 61.99 61.23
CA ALA E 185 7.42 62.12 61.88
C ALA E 185 6.33 62.46 60.85
N ASN E 186 6.72 63.19 59.78
CA ASN E 186 5.84 63.69 58.73
C ASN E 186 6.03 62.99 57.36
N ALA E 187 7.10 62.17 57.19
CA ALA E 187 7.46 61.47 55.96
C ALA E 187 6.32 60.72 55.29
N PHE E 188 5.52 59.96 56.06
CA PHE E 188 4.46 59.15 55.49
C PHE E 188 3.08 59.69 55.84
N ASN E 189 2.93 61.02 55.95
CA ASN E 189 1.65 61.67 56.29
C ASN E 189 0.56 61.48 55.23
N ASN E 190 0.95 61.25 53.96
CA ASN E 190 0.02 61.03 52.84
C ASN E 190 -0.50 59.56 52.83
N SER E 191 0.04 58.67 53.69
CA SER E 191 -0.37 57.27 53.78
C SER E 191 -1.27 57.01 54.98
N ILE E 192 -2.13 55.98 54.88
CA ILE E 192 -2.94 55.54 56.01
C ILE E 192 -2.07 54.50 56.74
N ILE E 193 -1.40 54.93 57.82
CA ILE E 193 -0.47 54.11 58.59
C ILE E 193 -1.13 53.57 59.88
N PRO E 194 -0.67 52.42 60.45
CA PRO E 194 -1.31 51.90 61.68
C PRO E 194 -1.27 52.90 62.84
N GLU E 195 -2.33 52.87 63.69
CA GLU E 195 -2.48 53.76 64.85
C GLU E 195 -1.36 53.55 65.87
N ASP E 196 -0.92 52.30 66.01
CA ASP E 196 0.11 51.89 66.97
C ASP E 196 1.55 52.01 66.41
N THR E 197 1.77 52.81 65.33
CA THR E 197 3.10 53.01 64.72
C THR E 197 4.08 53.66 65.73
N PHE E 198 5.24 53.00 65.94
CA PHE E 198 6.31 53.44 66.82
C PHE E 198 7.17 54.51 66.15
N PHE E 199 7.18 55.71 66.77
CA PHE E 199 7.97 56.86 66.32
C PHE E 199 9.04 57.18 67.36
N PRO E 200 10.23 56.53 67.28
CA PRO E 200 11.30 56.83 68.27
C PRO E 200 11.70 58.31 68.29
N GLY F 5 19.69 27.08 25.13
CA GLY F 5 18.58 27.96 24.84
C GLY F 5 18.88 29.04 23.81
N VAL F 6 18.37 30.25 24.05
CA VAL F 6 18.44 31.41 23.17
C VAL F 6 19.42 32.43 23.79
N THR F 7 20.45 32.80 23.02
CA THR F 7 21.44 33.77 23.45
C THR F 7 21.29 35.03 22.64
N GLN F 8 21.02 36.15 23.28
CA GLN F 8 20.93 37.43 22.58
C GLN F 8 21.83 38.46 23.26
N THR F 9 22.39 39.36 22.46
CA THR F 9 23.25 40.43 22.93
C THR F 9 22.90 41.74 22.20
N PRO F 10 23.19 42.94 22.77
CA PRO F 10 23.70 43.20 24.14
C PRO F 10 22.54 43.20 25.14
N LYS F 11 22.81 43.10 26.46
CA LYS F 11 21.79 43.16 27.51
C LYS F 11 21.23 44.59 27.67
N PHE F 12 22.09 45.59 27.50
CA PHE F 12 21.80 47.02 27.60
C PHE F 12 22.53 47.78 26.51
N GLN F 13 21.94 48.87 26.06
CA GLN F 13 22.50 49.75 25.03
C GLN F 13 21.83 51.11 25.08
N VAL F 14 22.66 52.13 25.06
CA VAL F 14 22.25 53.54 24.96
C VAL F 14 22.57 53.95 23.50
N LEU F 15 21.59 54.52 22.81
CA LEU F 15 21.81 54.98 21.45
C LEU F 15 21.39 56.38 21.34
N LYS F 16 22.01 57.11 20.42
CA LYS F 16 21.62 58.46 20.07
C LYS F 16 20.64 58.34 18.86
N THR F 17 19.64 59.24 18.78
CA THR F 17 18.68 59.31 17.66
C THR F 17 19.48 59.40 16.35
N GLY F 18 19.16 58.49 15.43
CA GLY F 18 19.80 58.42 14.11
C GLY F 18 20.86 57.36 13.96
N GLN F 19 21.38 56.82 15.08
CA GLN F 19 22.41 55.79 15.07
C GLN F 19 21.84 54.45 14.66
N SER F 20 22.72 53.60 14.14
CA SER F 20 22.47 52.23 13.73
C SER F 20 22.80 51.30 14.89
N MET F 21 22.12 50.16 14.94
CA MET F 21 22.28 49.17 15.99
C MET F 21 21.93 47.76 15.44
N THR F 22 22.74 46.75 15.81
CA THR F 22 22.41 45.37 15.49
C THR F 22 22.36 44.59 16.78
N LEU F 23 21.26 43.85 16.98
CA LEU F 23 20.98 42.93 18.08
C LEU F 23 21.20 41.55 17.58
N GLN F 24 22.05 40.79 18.25
CA GLN F 24 22.37 39.45 17.81
C GLN F 24 21.57 38.43 18.58
N CYS F 25 21.23 37.33 17.91
CA CYS F 25 20.52 36.24 18.54
C CYS F 25 20.93 34.91 17.94
N ALA F 26 21.23 33.97 18.80
CA ALA F 26 21.54 32.61 18.39
C ALA F 26 20.77 31.62 19.25
N GLN F 27 20.46 30.46 18.70
CA GLN F 27 19.81 29.38 19.42
C GLN F 27 20.46 28.08 19.04
N ASP F 28 20.69 27.21 20.04
CA ASP F 28 21.38 25.93 19.84
C ASP F 28 20.41 24.75 19.96
N MET F 29 19.12 24.99 19.68
CA MET F 29 18.12 23.93 19.84
C MET F 29 17.69 23.29 18.52
N ASN F 30 18.32 23.68 17.40
CA ASN F 30 18.02 23.19 16.05
C ASN F 30 16.58 23.58 15.66
N HIS F 31 16.15 24.74 16.12
CA HIS F 31 14.82 25.26 15.85
C HIS F 31 14.76 25.89 14.48
N ASN F 32 13.61 25.72 13.81
CA ASN F 32 13.36 26.30 12.51
C ASN F 32 12.93 27.75 12.61
N SER F 33 12.02 28.08 13.56
CA SER F 33 11.47 29.42 13.65
C SER F 33 12.11 30.30 14.74
N MET F 34 12.31 31.57 14.38
CA MET F 34 12.91 32.60 15.21
C MET F 34 12.06 33.85 15.11
N TYR F 35 12.08 34.64 16.19
CA TYR F 35 11.22 35.80 16.37
C TYR F 35 11.96 36.92 17.04
N TRP F 36 11.51 38.14 16.79
CA TRP F 36 11.97 39.33 17.49
C TRP F 36 10.74 40.05 17.99
N TYR F 37 10.68 40.23 19.30
CA TYR F 37 9.60 40.95 19.95
C TYR F 37 10.09 42.17 20.66
N ARG F 38 9.19 43.12 20.88
CA ARG F 38 9.49 44.25 21.75
C ARG F 38 8.45 44.22 22.84
N GLN F 39 8.89 44.46 24.05
CA GLN F 39 8.01 44.50 25.21
C GLN F 39 7.97 45.94 25.73
N ASP F 40 6.76 46.50 25.79
CA ASP F 40 6.47 47.84 26.23
C ASP F 40 5.42 47.81 27.33
N PRO F 41 5.54 48.72 28.33
CA PRO F 41 4.57 48.72 29.45
C PRO F 41 3.10 48.85 29.02
N GLY F 42 2.24 48.06 29.66
CA GLY F 42 0.80 48.07 29.42
C GLY F 42 0.30 47.40 28.16
N MET F 43 1.16 46.67 27.47
CA MET F 43 0.72 45.97 26.28
C MET F 43 1.41 44.60 26.15
N GLY F 44 0.81 43.75 25.33
CA GLY F 44 1.33 42.42 25.07
C GLY F 44 2.57 42.51 24.20
N LEU F 45 3.42 41.46 24.23
CA LEU F 45 4.59 41.41 23.37
C LEU F 45 4.15 41.70 21.95
N ARG F 46 4.95 42.51 21.21
CA ARG F 46 4.58 42.80 19.84
C ARG F 46 5.68 42.29 18.93
N LEU F 47 5.27 41.47 17.96
CA LEU F 47 6.19 40.86 17.00
C LEU F 47 6.65 41.90 15.98
N ILE F 48 7.97 42.01 15.84
CA ILE F 48 8.60 42.95 14.93
C ILE F 48 8.78 42.25 13.59
N TYR F 49 9.51 41.14 13.62
CA TYR F 49 9.79 40.27 12.49
C TYR F 49 9.89 38.88 12.95
N TYR F 50 9.65 37.92 12.05
CA TYR F 50 9.80 36.51 12.37
C TYR F 50 10.46 35.83 11.17
N SER F 51 10.96 34.63 11.39
CA SER F 51 11.61 33.80 10.40
C SER F 51 11.08 32.39 10.62
N ALA F 52 10.13 31.96 9.76
CA ALA F 52 9.44 30.66 9.89
C ALA F 52 10.43 29.49 9.73
N SER F 53 11.50 29.71 8.95
CA SER F 53 12.56 28.74 8.75
C SER F 53 13.73 29.47 8.14
N GLU F 54 14.85 28.77 8.03
CA GLU F 54 16.05 29.30 7.41
C GLU F 54 15.71 29.65 5.94
N GLY F 55 16.12 30.81 5.48
CA GLY F 55 15.86 31.18 4.09
C GLY F 55 14.60 31.99 3.83
N THR F 56 13.90 32.35 4.92
CA THR F 56 12.71 33.18 4.82
C THR F 56 12.54 34.00 6.09
N THR F 57 12.05 35.22 5.91
CA THR F 57 11.71 36.14 6.99
C THR F 57 10.45 36.88 6.58
N ASP F 58 9.73 37.45 7.56
CA ASP F 58 8.57 38.25 7.27
C ASP F 58 8.28 39.23 8.39
N LYS F 59 7.57 40.31 8.04
CA LYS F 59 7.13 41.37 8.93
C LYS F 59 6.17 40.82 9.98
N GLY F 60 6.28 41.36 11.19
CA GLY F 60 5.36 41.05 12.26
C GLY F 60 4.32 42.16 12.32
N GLU F 61 4.00 42.59 13.52
CA GLU F 61 3.00 43.64 13.75
C GLU F 61 3.63 45.03 13.68
N VAL F 62 4.90 45.18 14.15
CA VAL F 62 5.56 46.49 14.23
C VAL F 62 6.91 46.47 13.50
N PRO F 63 6.92 46.21 12.17
CA PRO F 63 8.21 46.14 11.46
C PRO F 63 8.92 47.48 11.14
N ASN F 64 8.19 48.62 11.12
CA ASN F 64 8.74 49.92 10.73
C ASN F 64 9.87 50.41 11.62
N GLY F 65 11.02 50.67 11.02
CA GLY F 65 12.21 51.14 11.71
C GLY F 65 13.20 50.02 11.98
N TYR F 66 12.83 48.82 11.59
CA TYR F 66 13.65 47.64 11.78
C TYR F 66 13.83 46.87 10.51
N ASN F 67 14.81 45.97 10.53
CA ASN F 67 15.06 45.00 9.50
C ASN F 67 15.72 43.78 10.16
N VAL F 68 15.62 42.63 9.52
CA VAL F 68 16.20 41.42 10.09
C VAL F 68 16.98 40.65 9.09
N SER F 69 17.83 39.78 9.63
CA SER F 69 18.59 38.87 8.81
C SER F 69 18.58 37.50 9.43
N ARG F 70 18.06 36.49 8.71
CA ARG F 70 18.20 35.12 9.16
C ARG F 70 19.48 34.66 8.49
N LEU F 71 20.61 34.85 9.20
CA LEU F 71 21.96 34.57 8.72
C LEU F 71 22.14 33.08 8.36
N ASN F 72 21.61 32.20 9.22
CA ASN F 72 21.69 30.74 9.08
C ASN F 72 20.60 30.17 9.98
N LYS F 73 20.57 28.83 10.20
CA LYS F 73 19.53 28.21 11.02
C LYS F 73 19.57 28.68 12.48
N ARG F 74 20.78 28.95 12.98
CA ARG F 74 21.03 29.37 14.35
C ARG F 74 20.75 30.84 14.61
N GLU F 75 21.10 31.72 13.65
CA GLU F 75 21.15 33.15 13.91
C GLU F 75 20.14 34.00 13.18
N PHE F 76 19.58 34.95 13.94
CA PHE F 76 18.57 35.89 13.49
C PHE F 76 18.86 37.24 14.13
N SER F 77 19.37 38.16 13.35
CA SER F 77 19.72 39.45 13.92
C SER F 77 18.68 40.52 13.59
N LEU F 78 18.55 41.49 14.50
CA LEU F 78 17.62 42.61 14.39
C LEU F 78 18.43 43.88 14.20
N ARG F 79 18.05 44.69 13.22
CA ARG F 79 18.76 45.93 12.94
C ARG F 79 17.82 47.10 13.09
N LEU F 80 18.33 48.16 13.75
CA LEU F 80 17.72 49.47 13.89
C LEU F 80 18.49 50.37 12.93
N GLU F 81 17.85 50.76 11.80
CA GLU F 81 18.55 51.52 10.75
C GLU F 81 18.91 52.94 11.24
N SER F 82 17.91 53.68 11.75
CA SER F 82 18.04 55.03 12.24
C SER F 82 17.23 55.09 13.51
N ALA F 83 17.88 54.82 14.65
CA ALA F 83 17.19 54.72 15.93
C ALA F 83 16.40 55.98 16.27
N ALA F 84 15.21 55.75 16.80
CA ALA F 84 14.27 56.78 17.18
C ALA F 84 13.92 56.60 18.65
N PRO F 85 13.60 57.68 19.39
CA PRO F 85 13.26 57.51 20.81
C PRO F 85 12.10 56.53 21.09
N SER F 86 11.15 56.34 20.13
CA SER F 86 10.03 55.39 20.27
C SER F 86 10.53 53.91 20.25
N GLN F 87 11.77 53.68 19.79
CA GLN F 87 12.35 52.34 19.75
C GLN F 87 12.98 51.98 21.12
N THR F 88 12.87 52.91 22.13
CA THR F 88 13.28 52.63 23.51
C THR F 88 12.32 51.54 24.01
N SER F 89 12.89 50.36 24.31
CA SER F 89 12.13 49.17 24.71
C SER F 89 13.02 48.03 25.18
N VAL F 90 12.37 46.91 25.53
CA VAL F 90 13.04 45.65 25.87
C VAL F 90 12.79 44.73 24.68
N TYR F 91 13.87 44.24 24.09
CA TYR F 91 13.77 43.39 22.92
C TYR F 91 14.03 41.97 23.31
N PHE F 92 13.14 41.08 22.90
CA PHE F 92 13.30 39.67 23.16
C PHE F 92 13.38 38.93 21.88
N CYS F 93 14.45 38.15 21.74
CA CYS F 93 14.56 37.18 20.67
C CYS F 93 13.93 35.89 21.18
N ALA F 94 13.28 35.14 20.29
CA ALA F 94 12.67 33.86 20.65
C ALA F 94 12.83 32.85 19.55
N SER F 95 12.65 31.56 19.90
CA SER F 95 12.71 30.47 18.93
C SER F 95 11.78 29.35 19.34
N SER F 96 11.29 28.59 18.36
CA SER F 96 10.44 27.40 18.54
C SER F 96 10.78 26.46 17.41
N ALA F 97 10.58 25.15 17.61
CA ALA F 97 10.86 24.08 16.62
C ALA F 97 10.17 24.35 15.29
N ALA F 98 8.94 24.87 15.33
CA ALA F 98 8.10 25.23 14.18
C ALA F 98 7.14 26.32 14.60
N VAL F 99 6.50 27.04 13.67
CA VAL F 99 5.58 28.10 14.08
C VAL F 99 4.20 27.50 14.46
N GLU F 100 3.83 26.32 13.92
CA GLU F 100 2.57 25.62 14.19
C GLU F 100 2.34 25.30 15.66
N GLY F 101 1.09 24.99 15.99
CA GLY F 101 0.57 24.68 17.31
C GLY F 101 1.31 23.69 18.20
N GLY F 102 1.44 24.11 19.46
CA GLY F 102 2.04 23.30 20.50
C GLY F 102 3.46 23.65 20.84
N ASN F 103 4.29 23.87 19.79
CA ASN F 103 5.73 24.14 19.84
C ASN F 103 6.03 25.28 20.76
N THR F 104 6.68 24.94 21.87
CA THR F 104 7.05 25.85 22.94
C THR F 104 7.98 26.91 22.41
N ILE F 105 7.71 28.18 22.78
CA ILE F 105 8.55 29.32 22.47
C ILE F 105 9.57 29.47 23.61
N TYR F 106 10.81 29.66 23.22
CA TYR F 106 11.95 29.87 24.11
C TYR F 106 12.44 31.28 23.91
N PHE F 107 12.54 32.05 24.98
CA PHE F 107 12.98 33.44 24.87
C PHE F 107 14.42 33.63 25.32
N GLY F 108 15.07 34.60 24.71
CA GLY F 108 16.40 35.05 25.10
C GLY F 108 16.25 35.91 26.35
N GLU F 109 17.38 36.31 26.94
CA GLU F 109 17.43 37.06 28.20
C GLU F 109 16.86 38.50 28.09
N GLY F 110 16.75 39.02 26.88
CA GLY F 110 16.22 40.37 26.68
C GLY F 110 17.31 41.41 26.50
N SER F 111 17.04 42.43 25.68
CA SER F 111 17.95 43.55 25.42
C SER F 111 17.23 44.85 25.71
N ARG F 112 17.74 45.59 26.69
CA ARG F 112 17.16 46.87 27.05
C ARG F 112 17.87 47.94 26.25
N LEU F 113 17.13 48.59 25.35
CA LEU F 113 17.62 49.65 24.48
C LEU F 113 16.99 50.98 24.82
N THR F 114 17.83 52.01 25.01
CA THR F 114 17.37 53.38 25.26
C THR F 114 17.93 54.27 24.16
N VAL F 115 17.01 54.92 23.41
CA VAL F 115 17.32 55.86 22.35
C VAL F 115 17.06 57.28 22.87
N LEU F 116 18.11 58.12 22.84
CA LEU F 116 18.07 59.49 23.34
C LEU F 116 18.39 60.49 22.24
N GLU F 117 17.81 61.70 22.31
CA GLU F 117 18.10 62.77 21.36
C GLU F 117 19.59 63.17 21.46
N ASP F 118 20.14 63.23 22.70
CA ASP F 118 21.55 63.49 22.96
C ASP F 118 21.96 62.72 24.20
N LEU F 119 23.26 62.53 24.40
CA LEU F 119 23.79 61.77 25.53
C LEU F 119 24.14 62.63 26.74
N LYS F 120 23.80 63.94 26.71
CA LYS F 120 24.09 64.93 27.77
C LYS F 120 23.33 64.66 29.10
N ASN F 121 22.19 63.96 29.09
CA ASN F 121 21.48 63.72 30.37
C ASN F 121 21.87 62.36 30.98
N VAL F 122 22.86 61.64 30.38
CA VAL F 122 23.29 60.33 30.87
C VAL F 122 24.18 60.56 32.11
N PHE F 123 23.80 59.95 33.24
CA PHE F 123 24.50 60.05 34.52
C PHE F 123 24.58 58.71 35.21
N PRO F 124 25.75 58.34 35.80
CA PRO F 124 25.78 57.12 36.63
C PRO F 124 25.10 57.41 37.98
N PRO F 125 24.75 56.42 38.82
CA PRO F 125 24.12 56.76 40.09
C PRO F 125 25.12 57.21 41.15
N GLU F 126 24.61 57.91 42.14
CA GLU F 126 25.31 58.25 43.36
C GLU F 126 24.82 57.17 44.31
N VAL F 127 25.72 56.48 45.01
CA VAL F 127 25.31 55.35 45.86
C VAL F 127 25.70 55.64 47.30
N ALA F 128 24.74 55.55 48.21
CA ALA F 128 24.97 55.78 49.63
C ALA F 128 24.29 54.70 50.46
N VAL F 129 24.94 54.27 51.54
CA VAL F 129 24.42 53.27 52.46
C VAL F 129 24.06 53.97 53.76
N PHE F 130 22.88 53.65 54.28
CA PHE F 130 22.38 54.23 55.50
C PHE F 130 22.33 53.14 56.54
N GLU F 131 23.14 53.32 57.59
CA GLU F 131 23.34 52.38 58.70
C GLU F 131 22.06 52.20 59.52
N PRO F 132 21.84 51.02 60.13
CA PRO F 132 20.60 50.79 60.89
C PRO F 132 20.38 51.74 62.05
N SER F 133 19.12 52.04 62.28
CA SER F 133 18.63 52.86 63.38
C SER F 133 18.86 52.10 64.69
N GLU F 134 19.48 52.76 65.71
CA GLU F 134 19.74 52.16 67.02
C GLU F 134 18.41 51.82 67.72
N ALA F 135 17.34 52.59 67.40
CA ALA F 135 15.99 52.38 67.92
C ALA F 135 15.39 51.11 67.35
N GLU F 136 15.72 50.76 66.10
CA GLU F 136 15.25 49.54 65.45
C GLU F 136 15.91 48.32 66.06
N ILE F 137 17.24 48.43 66.29
CA ILE F 137 18.03 47.37 66.90
C ILE F 137 17.48 47.04 68.29
N SER F 138 17.25 48.06 69.14
CA SER F 138 16.73 47.83 70.49
C SER F 138 15.25 47.38 70.51
N HIS F 139 14.45 47.82 69.53
CA HIS F 139 13.04 47.47 69.48
C HIS F 139 12.78 46.07 68.89
N THR F 140 13.53 45.65 67.86
CA THR F 140 13.25 44.38 67.17
C THR F 140 14.37 43.32 67.20
N GLN F 141 15.62 43.68 67.63
CA GLN F 141 16.82 42.83 67.63
C GLN F 141 17.18 42.45 66.16
N LYS F 142 16.76 43.34 65.23
CA LYS F 142 16.97 43.27 63.80
C LYS F 142 17.56 44.61 63.36
N ALA F 143 18.28 44.61 62.24
CA ALA F 143 18.97 45.82 61.77
C ALA F 143 18.84 45.94 60.27
N THR F 144 18.23 47.04 59.80
CA THR F 144 18.05 47.28 58.37
C THR F 144 18.99 48.34 57.86
N LEU F 145 19.77 47.96 56.84
CA LEU F 145 20.64 48.82 56.05
C LEU F 145 19.84 49.23 54.81
N VAL F 146 19.89 50.50 54.44
CA VAL F 146 19.20 50.97 53.24
C VAL F 146 20.28 51.47 52.29
N CYS F 147 20.11 51.18 51.03
CA CYS F 147 21.02 51.69 50.03
C CYS F 147 20.23 52.52 49.03
N LEU F 148 20.71 53.74 48.72
CA LEU F 148 20.08 54.63 47.73
C LEU F 148 20.98 54.83 46.56
N ALA F 149 20.47 54.58 45.36
CA ALA F 149 21.14 54.81 44.09
C ALA F 149 20.32 55.92 43.45
N THR F 150 20.90 57.13 43.40
CA THR F 150 20.17 58.31 42.95
C THR F 150 20.83 59.05 41.80
N GLY F 151 20.00 59.79 41.07
CA GLY F 151 20.37 60.65 39.95
C GLY F 151 20.94 59.98 38.73
N PHE F 152 20.55 58.73 38.51
CA PHE F 152 21.04 58.01 37.33
C PHE F 152 20.07 58.14 36.16
N TYR F 153 20.64 58.03 34.96
CA TYR F 153 19.90 58.11 33.72
C TYR F 153 20.71 57.50 32.59
N PRO F 154 20.12 56.63 31.74
CA PRO F 154 18.74 56.07 31.79
C PRO F 154 18.60 55.05 32.95
N ASP F 155 17.45 54.41 33.07
CA ASP F 155 17.26 53.44 34.13
C ASP F 155 17.80 52.05 33.67
N HIS F 156 19.13 51.92 33.77
CA HIS F 156 19.95 50.78 33.34
C HIS F 156 20.87 50.36 34.50
N VAL F 157 20.28 49.89 35.62
CA VAL F 157 21.05 49.56 36.82
C VAL F 157 20.69 48.20 37.41
N GLU F 158 21.66 47.59 38.10
CA GLU F 158 21.50 46.32 38.81
C GLU F 158 22.15 46.49 40.18
N LEU F 159 21.31 46.39 41.20
CA LEU F 159 21.73 46.55 42.58
C LEU F 159 21.89 45.19 43.23
N SER F 160 23.01 45.01 43.95
CA SER F 160 23.31 43.80 44.70
C SER F 160 23.95 44.14 46.05
N TRP F 161 23.82 43.20 47.00
CA TRP F 161 24.38 43.31 48.34
C TRP F 161 25.51 42.31 48.51
N TRP F 162 26.64 42.78 49.07
CA TRP F 162 27.82 41.97 49.30
C TRP F 162 28.20 42.03 50.78
N VAL F 163 28.22 40.85 51.44
CA VAL F 163 28.58 40.72 52.84
C VAL F 163 29.85 39.88 52.91
N ASN F 164 30.92 40.51 53.40
CA ASN F 164 32.27 39.95 53.54
C ASN F 164 32.77 39.39 52.19
N GLY F 165 32.51 40.19 51.14
CA GLY F 165 32.91 39.91 49.76
C GLY F 165 32.09 38.85 49.04
N LYS F 166 30.97 38.43 49.62
CA LYS F 166 30.10 37.42 49.00
C LYS F 166 28.68 37.99 48.84
N GLU F 167 28.06 37.77 47.67
CA GLU F 167 26.72 38.27 47.41
C GLU F 167 25.69 37.52 48.25
N VAL F 168 24.76 38.28 48.85
CA VAL F 168 23.69 37.72 49.69
C VAL F 168 22.35 38.03 49.01
N HIS F 169 21.34 37.20 49.30
CA HIS F 169 19.98 37.34 48.75
C HIS F 169 18.97 37.28 49.88
N SER F 170 19.29 36.51 50.95
CA SER F 170 18.42 36.44 52.12
C SER F 170 18.44 37.78 52.85
N GLY F 171 17.25 38.26 53.19
CA GLY F 171 17.06 39.52 53.91
C GLY F 171 17.26 40.73 53.07
N VAL F 172 17.27 40.56 51.75
CA VAL F 172 17.47 41.64 50.77
C VAL F 172 16.19 41.87 49.98
N CYS F 173 15.86 43.15 49.74
CA CYS F 173 14.75 43.49 48.84
C CYS F 173 14.99 44.89 48.24
N THR F 174 14.93 44.93 46.91
CA THR F 174 15.19 46.07 46.07
C THR F 174 13.91 46.46 45.38
N ASP F 175 13.65 47.78 45.24
CA ASP F 175 12.46 48.23 44.49
C ASP F 175 12.50 47.64 43.08
N PRO F 176 11.40 47.03 42.60
CA PRO F 176 11.43 46.44 41.23
C PRO F 176 11.60 47.48 40.12
N GLN F 177 11.03 48.67 40.33
CA GLN F 177 11.09 49.78 39.39
C GLN F 177 11.67 51.01 40.07
N PRO F 178 12.49 51.80 39.35
CA PRO F 178 13.00 53.05 39.95
C PRO F 178 11.92 54.11 40.02
N LEU F 179 12.10 55.10 40.89
CA LEU F 179 11.17 56.19 40.89
C LEU F 179 11.81 57.40 40.14
N LYS F 180 10.96 58.28 39.63
CA LYS F 180 11.35 59.47 38.88
C LYS F 180 11.61 60.62 39.85
N GLU F 181 12.82 61.19 39.82
CA GLU F 181 13.23 62.28 40.71
C GLU F 181 12.59 63.57 40.32
N GLN F 182 12.23 63.70 39.05
CA GLN F 182 11.53 64.87 38.51
C GLN F 182 10.32 64.31 37.71
N PRO F 183 9.25 63.84 38.40
CA PRO F 183 8.13 63.18 37.69
C PRO F 183 7.54 63.93 36.49
N ALA F 184 7.51 65.27 36.52
CA ALA F 184 6.96 66.15 35.48
C ALA F 184 7.89 66.33 34.25
N LEU F 185 9.18 65.95 34.36
CA LEU F 185 10.10 66.14 33.26
C LEU F 185 10.13 64.91 32.36
N ASN F 186 10.29 65.15 31.05
CA ASN F 186 10.37 64.12 30.01
C ASN F 186 11.63 63.22 30.20
N ASP F 187 12.76 63.83 30.57
CA ASP F 187 14.05 63.15 30.79
C ASP F 187 14.43 63.10 32.29
N SER F 188 13.42 62.89 33.16
CA SER F 188 13.64 62.70 34.60
C SER F 188 14.75 61.70 34.91
N ARG F 189 15.58 62.01 35.92
CA ARG F 189 16.59 61.06 36.35
C ARG F 189 15.94 60.08 37.36
N TYR F 190 16.68 59.08 37.80
CA TYR F 190 16.07 58.05 38.61
C TYR F 190 16.75 57.79 39.92
N ALA F 191 16.00 57.15 40.81
CA ALA F 191 16.35 56.76 42.16
C ALA F 191 15.84 55.34 42.43
N LEU F 192 16.67 54.55 43.10
CA LEU F 192 16.36 53.18 43.45
C LEU F 192 16.84 52.92 44.86
N SER F 193 16.01 52.24 45.67
CA SER F 193 16.39 51.90 47.02
C SER F 193 16.39 50.39 47.19
N SER F 194 17.15 49.93 48.17
CA SER F 194 17.19 48.51 48.53
C SER F 194 17.37 48.40 50.04
N ARG F 195 16.88 47.32 50.64
CA ARG F 195 17.06 47.11 52.08
C ARG F 195 17.71 45.74 52.30
N LEU F 196 18.61 45.65 53.29
CA LEU F 196 19.28 44.42 53.73
C LEU F 196 19.08 44.36 55.21
N ARG F 197 18.31 43.37 55.65
CA ARG F 197 18.04 43.19 57.05
C ARG F 197 18.80 41.99 57.58
N VAL F 198 19.47 42.21 58.70
CA VAL F 198 20.28 41.22 59.40
C VAL F 198 19.91 41.25 60.87
N SER F 199 20.38 40.24 61.65
CA SER F 199 20.15 40.23 63.10
C SER F 199 21.00 41.33 63.75
N ALA F 200 20.57 41.86 64.91
CA ALA F 200 21.33 42.90 65.63
C ALA F 200 22.72 42.36 66.02
N THR F 201 22.82 41.04 66.32
CA THR F 201 24.08 40.38 66.68
C THR F 201 25.03 40.32 65.45
N PHE F 202 24.49 40.30 64.22
CA PHE F 202 25.32 40.24 63.01
C PHE F 202 25.86 41.63 62.66
N TRP F 203 25.03 42.69 62.82
CA TRP F 203 25.39 44.08 62.56
C TRP F 203 26.44 44.59 63.55
N GLN F 204 26.50 44.02 64.77
CA GLN F 204 27.41 44.46 65.81
C GLN F 204 28.83 43.87 65.67
N ASN F 205 29.02 42.84 64.81
CA ASN F 205 30.34 42.25 64.61
C ASN F 205 31.12 43.08 63.55
N PRO F 206 32.34 43.59 63.83
CA PRO F 206 33.04 44.39 62.81
C PRO F 206 33.97 43.50 61.97
N HIS F 209 32.03 43.20 56.71
CA HIS F 209 31.72 44.41 55.96
C HIS F 209 30.50 44.23 55.06
N PHE F 210 29.72 45.30 54.93
CA PHE F 210 28.52 45.38 54.12
C PHE F 210 28.74 46.37 52.98
N ARG F 211 28.51 45.92 51.73
CA ARG F 211 28.68 46.75 50.54
C ARG F 211 27.46 46.64 49.64
N CYS F 212 26.90 47.78 49.29
CA CYS F 212 25.81 47.86 48.32
C CYS F 212 26.49 48.20 46.99
N GLN F 213 26.31 47.34 45.97
CA GLN F 213 26.95 47.52 44.67
C GLN F 213 25.95 47.82 43.58
N VAL F 214 26.19 48.85 42.79
CA VAL F 214 25.29 49.18 41.71
C VAL F 214 26.04 49.16 40.39
N GLN F 215 25.61 48.25 39.52
CA GLN F 215 26.14 48.17 38.17
C GLN F 215 25.30 49.11 37.31
N PHE F 216 25.93 50.11 36.72
CA PHE F 216 25.27 51.03 35.78
C PHE F 216 25.75 50.72 34.37
N TYR F 217 24.81 50.66 33.42
CA TYR F 217 25.09 50.42 32.01
C TYR F 217 24.85 51.73 31.30
N GLY F 218 25.93 52.37 30.87
CA GLY F 218 25.78 53.65 30.21
C GLY F 218 26.35 53.62 28.82
N LEU F 219 27.40 54.40 28.64
CA LEU F 219 28.09 54.59 27.38
C LEU F 219 29.21 53.56 27.20
N SER F 220 29.53 53.30 25.93
CA SER F 220 30.61 52.41 25.48
C SER F 220 31.86 53.26 25.20
N GLU F 221 33.02 52.61 24.97
CA GLU F 221 34.30 53.26 24.65
C GLU F 221 34.21 54.10 23.37
N ASN F 222 33.46 53.59 22.37
CA ASN F 222 33.25 54.21 21.06
C ASN F 222 32.29 55.41 21.10
N ASP F 223 31.57 55.62 22.23
CA ASP F 223 30.63 56.73 22.35
C ASP F 223 31.37 58.07 22.42
N GLU F 224 30.96 59.03 21.58
CA GLU F 224 31.58 60.35 21.56
C GLU F 224 31.11 61.15 22.79
N TRP F 225 32.07 61.79 23.45
CA TRP F 225 31.80 62.58 24.65
C TRP F 225 32.60 63.87 24.61
N THR F 226 31.90 65.01 24.67
CA THR F 226 32.53 66.34 24.59
C THR F 226 32.21 67.23 25.82
N GLN F 227 31.48 66.73 26.84
CA GLN F 227 31.16 67.52 28.03
C GLN F 227 32.35 67.60 28.99
N ASP F 228 32.37 68.64 29.88
CA ASP F 228 33.42 68.84 30.89
C ASP F 228 33.41 67.75 31.96
N ARG F 229 32.21 67.23 32.30
CA ARG F 229 32.04 66.16 33.29
C ARG F 229 32.58 64.83 32.76
N ALA F 230 32.90 63.90 33.68
CA ALA F 230 33.35 62.55 33.31
C ALA F 230 32.29 61.86 32.42
N LYS F 231 32.78 61.07 31.47
CA LYS F 231 31.97 60.31 30.52
C LYS F 231 31.15 59.27 31.31
N PRO F 232 29.80 59.32 31.23
CA PRO F 232 28.98 58.35 32.01
C PRO F 232 28.98 56.94 31.37
N VAL F 233 30.17 56.30 31.40
CA VAL F 233 30.41 54.94 30.88
C VAL F 233 29.76 53.90 31.78
N THR F 234 29.72 52.66 31.30
CA THR F 234 29.27 51.50 32.05
C THR F 234 30.25 51.38 33.24
N GLN F 235 29.72 51.28 34.47
CA GLN F 235 30.57 51.26 35.67
C GLN F 235 29.84 50.67 36.89
N ILE F 236 30.61 50.30 37.90
CA ILE F 236 30.11 49.83 39.20
C ILE F 236 30.32 50.97 40.23
N VAL F 237 29.25 51.37 40.92
CA VAL F 237 29.29 52.41 41.96
C VAL F 237 28.87 51.73 43.25
N SER F 238 29.70 51.83 44.30
CA SER F 238 29.37 51.11 45.52
C SER F 238 29.52 52.01 46.76
N ALA F 239 28.80 51.64 47.84
CA ALA F 239 28.83 52.30 49.13
C ALA F 239 28.91 51.23 50.21
N GLU F 240 29.71 51.50 51.24
CA GLU F 240 29.98 50.54 52.28
C GLU F 240 29.65 50.97 53.68
N ALA F 241 29.61 49.96 54.57
CA ALA F 241 29.43 50.10 56.01
C ALA F 241 30.06 48.90 56.72
N TRP F 242 30.73 49.17 57.85
CA TRP F 242 31.33 48.14 58.68
C TRP F 242 30.45 47.98 59.91
N GLY F 243 30.50 46.80 60.52
CA GLY F 243 29.71 46.45 61.70
C GLY F 243 30.00 47.30 62.93
N GLN G 4 10.69 -40.46 -17.72
CA GLN G 4 10.16 -39.40 -16.86
C GLN G 4 9.76 -39.93 -15.48
N ASN G 5 10.36 -39.35 -14.43
CA ASN G 5 10.15 -39.78 -13.05
C ASN G 5 10.01 -38.61 -12.09
N ILE G 6 9.20 -38.83 -11.05
CA ILE G 6 8.99 -37.90 -9.94
C ILE G 6 9.30 -38.71 -8.72
N ASP G 7 10.10 -38.18 -7.82
CA ASP G 7 10.41 -38.96 -6.61
C ASP G 7 10.29 -38.14 -5.33
N GLN G 8 9.60 -38.72 -4.34
CA GLN G 8 9.39 -38.14 -3.03
C GLN G 8 9.38 -39.25 -1.99
N PRO G 9 9.80 -38.99 -0.72
CA PRO G 9 9.80 -40.09 0.28
C PRO G 9 8.40 -40.70 0.48
N THR G 10 8.29 -41.98 0.83
CA THR G 10 6.99 -42.62 1.05
C THR G 10 6.31 -42.03 2.28
N GLU G 11 7.09 -41.86 3.35
CA GLU G 11 6.58 -41.41 4.62
C GLU G 11 7.62 -40.63 5.39
N MET G 12 7.12 -39.67 6.19
CA MET G 12 7.92 -38.85 7.10
C MET G 12 7.18 -38.73 8.43
N THR G 13 7.94 -38.75 9.51
CA THR G 13 7.43 -38.59 10.86
C THR G 13 8.15 -37.44 11.52
N ALA G 14 7.40 -36.49 12.06
CA ALA G 14 7.95 -35.35 12.78
C ALA G 14 7.05 -35.09 13.97
N THR G 15 7.53 -34.25 14.89
CA THR G 15 6.84 -33.92 16.12
C THR G 15 6.05 -32.65 15.94
N GLU G 16 4.91 -32.56 16.67
CA GLU G 16 4.05 -31.39 16.75
C GLU G 16 4.89 -30.15 17.17
N GLY G 17 4.69 -29.03 16.47
CA GLY G 17 5.38 -27.79 16.77
C GLY G 17 6.71 -27.63 16.06
N ALA G 18 7.19 -28.70 15.43
CA ALA G 18 8.49 -28.70 14.74
C ALA G 18 8.33 -28.36 13.26
N ILE G 19 9.39 -28.60 12.48
CA ILE G 19 9.47 -28.28 11.05
C ILE G 19 9.76 -29.55 10.22
N VAL G 20 9.14 -29.68 9.05
CA VAL G 20 9.40 -30.82 8.18
C VAL G 20 9.60 -30.30 6.76
N GLN G 21 10.57 -30.86 6.06
CA GLN G 21 10.83 -30.53 4.68
C GLN G 21 10.55 -31.72 3.83
N ILE G 22 9.59 -31.61 2.94
CA ILE G 22 9.21 -32.71 2.04
C ILE G 22 9.82 -32.46 0.69
N ASN G 23 10.71 -33.34 0.26
CA ASN G 23 11.42 -33.18 -1.01
C ASN G 23 10.74 -33.87 -2.16
N CYS G 24 10.91 -33.28 -3.33
CA CYS G 24 10.40 -33.79 -4.58
C CYS G 24 11.47 -33.59 -5.66
N THR G 25 11.97 -34.67 -6.25
CA THR G 25 12.92 -34.54 -7.36
C THR G 25 12.23 -35.02 -8.60
N TYR G 26 12.52 -34.39 -9.71
CA TYR G 26 11.85 -34.81 -10.92
C TYR G 26 12.88 -34.87 -12.07
N GLN G 27 12.73 -35.86 -12.95
CA GLN G 27 13.51 -36.06 -14.18
C GLN G 27 12.47 -36.06 -15.27
N THR G 28 12.30 -34.93 -15.98
CA THR G 28 11.24 -34.87 -16.99
C THR G 28 11.71 -34.34 -18.34
N SER G 29 10.90 -34.63 -19.40
CA SER G 29 11.10 -34.10 -20.76
C SER G 29 10.44 -32.73 -20.72
N GLY G 30 11.24 -31.70 -20.40
CA GLY G 30 10.79 -30.31 -20.27
C GLY G 30 10.11 -29.99 -18.95
N PHE G 31 9.93 -28.68 -18.66
CA PHE G 31 9.37 -28.24 -17.39
C PHE G 31 8.44 -27.05 -17.56
N ASN G 32 7.19 -27.21 -17.12
CA ASN G 32 6.20 -26.14 -17.16
C ASN G 32 5.54 -25.87 -15.80
N GLY G 33 6.23 -26.19 -14.73
CA GLY G 33 5.69 -25.98 -13.40
C GLY G 33 5.57 -27.22 -12.53
N LEU G 34 5.52 -26.97 -11.24
CA LEU G 34 5.47 -27.97 -10.19
C LEU G 34 4.42 -27.57 -9.20
N PHE G 35 3.54 -28.51 -8.91
CA PHE G 35 2.46 -28.39 -7.95
C PHE G 35 2.71 -29.14 -6.69
N TRP G 36 2.23 -28.60 -5.59
CA TRP G 36 2.13 -29.32 -4.33
C TRP G 36 0.66 -29.37 -3.95
N TYR G 37 0.19 -30.57 -3.61
CA TYR G 37 -1.16 -30.89 -3.16
C TYR G 37 -1.12 -31.57 -1.80
N GLN G 38 -2.18 -31.36 -1.03
CA GLN G 38 -2.36 -32.01 0.26
C GLN G 38 -3.55 -32.96 0.12
N GLN G 39 -3.40 -34.18 0.63
CA GLN G 39 -4.53 -35.10 0.59
C GLN G 39 -4.70 -35.76 1.93
N HIS G 40 -5.77 -35.41 2.63
CA HIS G 40 -6.11 -36.07 3.89
C HIS G 40 -6.65 -37.46 3.56
N ALA G 41 -6.47 -38.40 4.49
CA ALA G 41 -6.93 -39.79 4.34
C ALA G 41 -8.42 -39.82 4.07
N GLY G 42 -8.78 -40.50 2.99
CA GLY G 42 -10.15 -40.66 2.51
C GLY G 42 -10.74 -39.40 1.89
N GLU G 43 -9.91 -38.37 1.63
CA GLU G 43 -10.37 -37.09 1.10
C GLU G 43 -9.78 -36.82 -0.27
N ALA G 44 -10.27 -35.77 -0.93
CA ALA G 44 -9.79 -35.33 -2.22
C ALA G 44 -8.48 -34.56 -2.08
N PRO G 45 -7.54 -34.62 -3.06
CA PRO G 45 -6.34 -33.77 -3.00
C PRO G 45 -6.73 -32.29 -3.18
N THR G 46 -6.07 -31.38 -2.45
CA THR G 46 -6.38 -29.95 -2.54
C THR G 46 -5.08 -29.18 -2.79
N PHE G 47 -5.18 -28.09 -3.55
CA PHE G 47 -4.03 -27.32 -3.99
C PHE G 47 -3.32 -26.64 -2.85
N LEU G 48 -1.97 -26.70 -2.86
CA LEU G 48 -1.13 -25.99 -1.90
C LEU G 48 -0.33 -24.91 -2.60
N SER G 49 0.37 -25.24 -3.69
CA SER G 49 1.24 -24.28 -4.39
C SER G 49 1.55 -24.68 -5.81
N TYR G 50 2.00 -23.70 -6.58
CA TYR G 50 2.50 -23.88 -7.94
C TYR G 50 3.80 -23.12 -8.03
N ASN G 51 4.88 -23.77 -8.47
CA ASN G 51 6.18 -23.14 -8.67
C ASN G 51 6.64 -23.43 -10.07
N VAL G 52 7.19 -22.42 -10.75
CA VAL G 52 7.69 -22.54 -12.13
C VAL G 52 9.03 -21.75 -12.25
N LEU G 53 9.24 -20.71 -11.41
CA LEU G 53 10.55 -20.02 -11.41
C LEU G 53 11.30 -20.39 -10.16
N ASP G 54 12.59 -20.04 -10.11
CA ASP G 54 13.46 -20.38 -8.98
C ASP G 54 13.18 -19.51 -7.76
N GLY G 55 13.25 -20.14 -6.60
CA GLY G 55 13.08 -19.45 -5.34
C GLY G 55 12.09 -20.10 -4.39
N LEU G 56 11.97 -19.46 -3.24
CA LEU G 56 11.14 -19.84 -2.11
C LEU G 56 9.92 -18.95 -2.02
N GLU G 57 8.73 -19.56 -2.01
CA GLU G 57 7.46 -18.87 -1.89
C GLU G 57 6.76 -19.33 -0.60
N GLU G 58 6.47 -18.38 0.30
CA GLU G 58 5.84 -18.62 1.61
C GLU G 58 4.34 -18.34 1.56
N LYS G 59 3.54 -19.27 2.09
CA LYS G 59 2.08 -19.15 2.18
C LYS G 59 1.65 -19.62 3.58
N GLY G 60 1.71 -18.70 4.55
CA GLY G 60 1.39 -19.03 5.94
C GLY G 60 2.49 -19.88 6.56
N ARG G 61 2.15 -21.05 7.08
CA ARG G 61 3.09 -21.98 7.70
C ARG G 61 3.81 -22.84 6.66
N PHE G 62 3.35 -22.80 5.38
CA PHE G 62 3.92 -23.59 4.29
C PHE G 62 4.76 -22.72 3.33
N SER G 63 5.89 -23.26 2.93
CA SER G 63 6.79 -22.64 1.95
C SER G 63 7.08 -23.65 0.88
N SER G 64 7.21 -23.18 -0.34
CA SER G 64 7.53 -24.03 -1.49
C SER G 64 8.74 -23.47 -2.16
N PHE G 65 9.72 -24.33 -2.37
CA PHE G 65 10.97 -23.94 -3.01
C PHE G 65 11.10 -24.64 -4.31
N LEU G 66 11.77 -24.00 -5.26
CA LEU G 66 12.05 -24.65 -6.50
C LEU G 66 13.43 -24.29 -7.01
N SER G 67 14.17 -25.31 -7.44
CA SER G 67 15.42 -25.17 -8.17
C SER G 67 15.23 -25.92 -9.49
N ARG G 68 15.07 -25.19 -10.60
CA ARG G 68 14.90 -25.81 -11.92
C ARG G 68 16.17 -26.53 -12.40
N SER G 69 17.36 -25.98 -12.10
CA SER G 69 18.62 -26.56 -12.56
C SER G 69 18.91 -27.87 -11.84
N LYS G 70 18.50 -27.97 -10.58
CA LYS G 70 18.68 -29.14 -9.78
C LYS G 70 17.49 -30.12 -9.95
N GLY G 71 16.42 -29.69 -10.60
CA GLY G 71 15.21 -30.47 -10.78
C GLY G 71 14.69 -30.90 -9.42
N TYR G 72 14.53 -29.93 -8.53
CA TYR G 72 14.18 -30.19 -7.17
C TYR G 72 13.26 -29.15 -6.58
N SER G 73 12.30 -29.63 -5.78
CA SER G 73 11.42 -28.78 -5.01
C SER G 73 11.27 -29.33 -3.60
N TYR G 74 10.91 -28.46 -2.65
CA TYR G 74 10.53 -28.93 -1.34
C TYR G 74 9.35 -28.13 -0.87
N LEU G 75 8.54 -28.80 -0.07
CA LEU G 75 7.45 -28.26 0.68
C LEU G 75 7.92 -28.21 2.14
N LEU G 76 8.02 -27.01 2.72
CA LEU G 76 8.45 -26.82 4.08
C LEU G 76 7.27 -26.48 4.94
N LEU G 77 6.98 -27.30 5.95
CA LEU G 77 5.86 -27.07 6.86
C LEU G 77 6.44 -26.66 8.19
N LYS G 78 6.06 -25.48 8.68
CA LYS G 78 6.53 -24.95 9.95
C LYS G 78 5.44 -25.08 11.01
N GLU G 79 5.84 -25.06 12.28
CA GLU G 79 4.96 -25.09 13.46
C GLU G 79 3.90 -26.17 13.29
N LEU G 80 4.35 -27.41 13.00
CA LEU G 80 3.54 -28.59 12.73
C LEU G 80 2.41 -28.82 13.70
N GLN G 81 1.22 -29.02 13.17
CA GLN G 81 0.00 -29.30 13.93
C GLN G 81 -0.48 -30.66 13.50
N MET G 82 -1.33 -31.29 14.33
CA MET G 82 -1.92 -32.60 14.03
C MET G 82 -2.70 -32.57 12.71
N LYS G 83 -3.41 -31.47 12.43
CA LYS G 83 -4.21 -31.31 11.22
C LYS G 83 -3.35 -31.38 9.94
N ASP G 84 -2.00 -31.33 10.10
CA ASP G 84 -1.02 -31.40 9.02
C ASP G 84 -0.75 -32.86 8.59
N SER G 85 -1.25 -33.86 9.37
CA SER G 85 -1.15 -35.29 9.03
C SER G 85 -2.00 -35.53 7.82
N ALA G 86 -1.34 -35.88 6.72
CA ALA G 86 -1.91 -36.05 5.39
C ALA G 86 -0.83 -36.56 4.45
N SER G 87 -1.22 -36.88 3.21
CA SER G 87 -0.21 -37.16 2.15
C SER G 87 0.01 -35.88 1.41
N TYR G 88 1.24 -35.65 1.02
CA TYR G 88 1.66 -34.46 0.27
C TYR G 88 2.13 -34.93 -1.07
N LEU G 89 1.44 -34.51 -2.14
CA LEU G 89 1.70 -34.93 -3.52
C LEU G 89 2.38 -33.82 -4.28
N CYS G 90 3.44 -34.16 -5.01
CA CYS G 90 3.99 -33.18 -5.93
C CYS G 90 3.70 -33.66 -7.34
N ALA G 91 3.52 -32.72 -8.29
CA ALA G 91 3.23 -33.09 -9.67
C ALA G 91 3.96 -32.12 -10.60
N VAL G 92 4.55 -32.63 -11.67
CA VAL G 92 5.34 -31.76 -12.55
C VAL G 92 4.69 -31.76 -13.94
N ARG G 93 4.57 -30.56 -14.53
CA ARG G 93 4.06 -30.41 -15.88
C ARG G 93 5.24 -30.56 -16.84
N ASP G 94 5.16 -31.55 -17.76
CA ASP G 94 6.28 -31.78 -18.68
C ASP G 94 6.15 -30.84 -19.91
N SER G 95 7.03 -31.04 -20.90
CA SER G 95 7.10 -30.17 -22.09
C SER G 95 5.81 -30.20 -22.94
N ASN G 96 5.00 -31.28 -22.82
CA ASN G 96 3.75 -31.47 -23.56
C ASN G 96 2.54 -31.25 -22.65
N TYR G 97 2.77 -30.59 -21.51
CA TYR G 97 1.78 -30.19 -20.50
C TYR G 97 1.09 -31.42 -19.83
N GLN G 98 1.73 -32.62 -19.91
CA GLN G 98 1.28 -33.80 -19.20
C GLN G 98 1.68 -33.61 -17.72
N LEU G 99 0.72 -33.76 -16.81
CA LEU G 99 0.96 -33.62 -15.39
C LEU G 99 1.40 -34.97 -14.85
N ILE G 100 2.63 -35.06 -14.34
CA ILE G 100 3.17 -36.32 -13.79
C ILE G 100 3.15 -36.18 -12.28
N TRP G 101 2.38 -37.05 -11.64
CA TRP G 101 2.17 -37.05 -10.20
C TRP G 101 3.13 -37.96 -9.45
N GLY G 102 3.68 -37.46 -8.35
CA GLY G 102 4.50 -38.27 -7.45
C GLY G 102 3.59 -39.20 -6.63
N ALA G 103 4.15 -40.30 -6.07
CA ALA G 103 3.38 -41.28 -5.29
C ALA G 103 2.84 -40.70 -3.99
N GLY G 104 3.36 -39.56 -3.55
CA GLY G 104 2.94 -38.89 -2.33
C GLY G 104 3.80 -39.22 -1.13
N THR G 105 3.86 -38.28 -0.20
CA THR G 105 4.54 -38.49 1.09
C THR G 105 3.50 -38.43 2.19
N LYS G 106 3.37 -39.50 2.93
CA LYS G 106 2.49 -39.55 4.08
C LYS G 106 3.22 -38.87 5.25
N LEU G 107 2.62 -37.83 5.82
CA LEU G 107 3.20 -37.11 6.96
C LEU G 107 2.50 -37.53 8.23
N ILE G 108 3.29 -38.05 9.19
CA ILE G 108 2.81 -38.50 10.48
C ILE G 108 3.32 -37.51 11.52
N ILE G 109 2.39 -36.93 12.29
CA ILE G 109 2.74 -35.94 13.33
C ILE G 109 2.61 -36.62 14.66
N LYS G 110 3.69 -36.62 15.43
CA LYS G 110 3.69 -37.17 16.79
C LYS G 110 3.21 -36.06 17.73
N PRO G 111 2.08 -36.23 18.47
CA PRO G 111 1.65 -35.14 19.36
C PRO G 111 2.59 -34.96 20.55
N ASP G 112 2.70 -33.74 21.08
CA ASP G 112 3.50 -33.53 22.25
C ASP G 112 2.64 -33.88 23.49
N ILE G 113 2.91 -35.04 24.11
CA ILE G 113 2.14 -35.48 25.29
C ILE G 113 2.78 -34.84 26.55
N GLN G 114 2.08 -33.83 27.09
CA GLN G 114 2.52 -33.04 28.24
C GLN G 114 2.53 -33.85 29.54
N ASN G 115 1.44 -34.59 29.82
CA ASN G 115 1.40 -35.38 31.06
C ASN G 115 1.13 -36.87 30.74
N PRO G 116 2.17 -37.65 30.35
CA PRO G 116 1.94 -39.08 30.04
C PRO G 116 1.47 -39.83 31.28
N ASP G 117 0.54 -40.73 31.07
CA ASP G 117 -0.04 -41.54 32.13
C ASP G 117 -0.37 -42.94 31.52
N PRO G 118 0.67 -43.68 30.96
CA PRO G 118 0.41 -44.96 30.29
C PRO G 118 -0.29 -45.96 31.17
N ALA G 119 -1.35 -46.55 30.60
CA ALA G 119 -2.24 -47.51 31.26
C ALA G 119 -2.94 -48.44 30.25
N VAL G 120 -3.24 -49.66 30.70
CA VAL G 120 -3.99 -50.65 29.93
C VAL G 120 -5.28 -50.91 30.72
N TYR G 121 -6.41 -50.56 30.13
CA TYR G 121 -7.70 -50.73 30.77
C TYR G 121 -8.54 -51.75 30.08
N GLN G 122 -9.27 -52.50 30.87
CA GLN G 122 -10.23 -53.47 30.41
C GLN G 122 -11.58 -52.75 30.27
N LEU G 123 -12.11 -52.68 29.05
CA LEU G 123 -13.41 -52.09 28.87
C LEU G 123 -14.49 -53.06 29.30
N ARG G 124 -15.69 -52.52 29.52
CA ARG G 124 -16.80 -53.35 29.91
C ARG G 124 -17.26 -54.19 28.73
N ASP G 125 -17.50 -55.48 28.99
CA ASP G 125 -18.05 -56.41 28.02
C ASP G 125 -19.40 -55.88 27.51
N SER G 126 -19.70 -56.15 26.25
CA SER G 126 -20.98 -55.85 25.63
C SER G 126 -21.79 -57.11 25.74
N LYS G 127 -23.08 -57.03 26.12
CA LYS G 127 -23.88 -58.27 26.18
C LYS G 127 -24.16 -58.84 24.75
N SER G 128 -23.91 -58.02 23.72
CA SER G 128 -24.13 -58.35 22.31
C SER G 128 -22.83 -58.87 21.63
N SER G 129 -21.73 -58.91 22.34
CA SER G 129 -20.49 -59.37 21.76
C SER G 129 -19.76 -60.32 22.67
N ASP G 130 -19.06 -61.32 22.09
CA ASP G 130 -18.21 -62.27 22.82
C ASP G 130 -16.79 -61.73 23.01
N LYS G 131 -16.51 -60.49 22.55
CA LYS G 131 -15.15 -59.94 22.62
C LYS G 131 -14.81 -59.33 23.96
N SER G 132 -13.56 -59.50 24.34
CA SER G 132 -12.96 -58.87 25.50
C SER G 132 -12.05 -57.81 24.88
N VAL G 133 -12.19 -56.54 25.33
CA VAL G 133 -11.54 -55.36 24.72
C VAL G 133 -10.65 -54.62 25.74
N CYS G 134 -9.42 -54.30 25.33
CA CYS G 134 -8.39 -53.62 26.12
C CYS G 134 -7.98 -52.33 25.45
N LEU G 135 -7.76 -51.31 26.25
CA LEU G 135 -7.35 -50.02 25.76
C LEU G 135 -6.02 -49.63 26.33
N PHE G 136 -5.01 -49.52 25.46
CA PHE G 136 -3.70 -49.03 25.85
C PHE G 136 -3.74 -47.56 25.55
N THR G 137 -3.65 -46.69 26.56
CA THR G 137 -3.81 -45.25 26.36
C THR G 137 -2.88 -44.38 27.25
N ASP G 138 -2.88 -43.07 26.93
CA ASP G 138 -2.21 -41.96 27.62
C ASP G 138 -0.70 -42.09 27.67
N PHE G 139 -0.12 -42.84 26.73
CA PHE G 139 1.33 -43.03 26.58
C PHE G 139 1.95 -41.91 25.70
N ASP G 140 3.25 -41.73 25.85
CA ASP G 140 3.99 -40.72 25.10
C ASP G 140 4.13 -41.19 23.65
N SER G 141 4.30 -40.25 22.72
CA SER G 141 4.39 -40.52 21.28
C SER G 141 5.60 -41.35 20.87
N GLN G 142 6.60 -41.50 21.72
CA GLN G 142 7.77 -42.34 21.42
C GLN G 142 7.40 -43.85 21.44
N THR G 143 6.31 -44.23 22.11
CA THR G 143 5.83 -45.61 22.19
C THR G 143 5.24 -46.04 20.85
N ASN G 144 5.67 -47.23 20.36
CA ASN G 144 5.15 -47.85 19.14
C ASN G 144 4.37 -49.10 19.53
N VAL G 145 3.24 -49.31 18.86
CA VAL G 145 2.32 -50.43 19.11
C VAL G 145 2.53 -51.47 18.03
N SER G 146 2.96 -52.67 18.43
CA SER G 146 3.18 -53.77 17.50
C SER G 146 1.88 -54.53 17.26
N GLN G 147 1.71 -55.09 16.03
CA GLN G 147 0.56 -55.94 15.68
C GLN G 147 0.70 -57.27 16.44
N SER G 148 -0.41 -57.93 16.72
CA SER G 148 -0.38 -59.18 17.49
C SER G 148 0.40 -60.29 16.80
N LYS G 149 0.98 -61.18 17.60
CA LYS G 149 1.66 -62.39 17.15
C LYS G 149 0.62 -63.53 17.06
N ASP G 150 -0.45 -63.45 17.89
CA ASP G 150 -1.55 -64.40 17.96
C ASP G 150 -2.63 -63.99 16.94
N SER G 151 -3.01 -64.95 16.09
CA SER G 151 -3.99 -64.83 15.00
C SER G 151 -5.38 -64.38 15.47
N ASP G 152 -5.85 -64.89 16.64
CA ASP G 152 -7.18 -64.54 17.15
C ASP G 152 -7.15 -63.37 18.13
N VAL G 153 -6.05 -62.61 18.14
CA VAL G 153 -5.85 -61.36 18.91
C VAL G 153 -5.65 -60.24 17.88
N TYR G 154 -6.46 -59.17 17.98
CA TYR G 154 -6.44 -58.04 17.06
C TYR G 154 -6.05 -56.79 17.77
N ILE G 155 -5.02 -56.11 17.24
CA ILE G 155 -4.47 -54.87 17.81
C ILE G 155 -4.46 -53.78 16.72
N THR G 156 -5.08 -52.66 17.02
CA THR G 156 -5.13 -51.52 16.09
C THR G 156 -3.92 -50.67 16.28
N ASP G 157 -3.57 -49.85 15.29
CA ASP G 157 -2.42 -48.96 15.45
C ASP G 157 -2.78 -47.80 16.39
N LYS G 158 -1.77 -47.09 16.91
CA LYS G 158 -2.01 -45.96 17.80
C LYS G 158 -2.73 -44.85 17.02
N CYS G 159 -3.68 -44.21 17.70
CA CYS G 159 -4.59 -43.17 17.23
C CYS G 159 -4.52 -41.99 18.21
N VAL G 160 -4.53 -40.77 17.70
CA VAL G 160 -4.49 -39.57 18.54
C VAL G 160 -5.87 -38.95 18.63
N LEU G 161 -6.41 -38.79 19.83
CA LEU G 161 -7.66 -38.09 19.95
C LEU G 161 -7.44 -36.76 20.65
N ASP G 162 -8.29 -35.80 20.33
CA ASP G 162 -8.26 -34.44 20.82
C ASP G 162 -9.59 -34.09 21.49
N MET G 163 -9.58 -33.90 22.80
CA MET G 163 -10.75 -33.43 23.52
C MET G 163 -10.62 -31.92 23.53
N ARG G 164 -11.19 -31.29 22.51
CA ARG G 164 -11.05 -29.86 22.20
C ARG G 164 -11.54 -28.96 23.36
N SER G 165 -12.61 -29.38 24.05
CA SER G 165 -13.21 -28.72 25.22
C SER G 165 -12.22 -28.59 26.39
N MET G 166 -11.32 -29.59 26.53
CA MET G 166 -10.33 -29.64 27.60
C MET G 166 -8.88 -29.41 27.10
N ASP G 167 -8.71 -28.99 25.81
CA ASP G 167 -7.41 -28.78 25.13
C ASP G 167 -6.46 -29.97 25.48
N PHE G 168 -7.01 -31.17 25.43
CA PHE G 168 -6.34 -32.39 25.80
C PHE G 168 -6.19 -33.37 24.64
N LYS G 169 -4.96 -33.90 24.45
CA LYS G 169 -4.62 -34.89 23.44
C LYS G 169 -4.14 -36.20 24.08
N SER G 170 -4.51 -37.35 23.48
CA SER G 170 -4.00 -38.64 23.97
C SER G 170 -3.85 -39.70 22.88
N ASN G 171 -2.82 -40.53 23.00
CA ASN G 171 -2.60 -41.67 22.14
C ASN G 171 -3.38 -42.82 22.69
N SER G 172 -3.82 -43.74 21.83
CA SER G 172 -4.46 -44.97 22.28
C SER G 172 -4.39 -46.02 21.20
N ALA G 173 -4.43 -47.27 21.63
CA ALA G 173 -4.47 -48.44 20.77
C ALA G 173 -5.45 -49.41 21.41
N VAL G 174 -6.19 -50.15 20.58
CA VAL G 174 -7.20 -51.09 21.06
C VAL G 174 -6.77 -52.52 20.73
N ALA G 175 -6.99 -53.46 21.67
CA ALA G 175 -6.74 -54.89 21.52
C ALA G 175 -7.99 -55.65 21.91
N TRP G 176 -8.36 -56.67 21.12
CA TRP G 176 -9.53 -57.49 21.43
C TRP G 176 -9.35 -58.91 20.96
N SER G 177 -10.19 -59.79 21.50
CA SER G 177 -10.19 -61.23 21.28
C SER G 177 -11.40 -61.85 21.94
N ASN G 178 -11.76 -63.07 21.51
CA ASN G 178 -12.85 -63.83 22.13
C ASN G 178 -12.24 -65.11 22.75
N LYS G 179 -10.88 -65.21 22.70
CA LYS G 179 -10.12 -66.33 23.26
C LYS G 179 -10.15 -66.26 24.80
N SER G 180 -10.35 -67.42 25.45
CA SER G 180 -10.40 -67.58 26.90
C SER G 180 -9.08 -67.14 27.61
N ASP G 181 -7.92 -67.40 26.98
CA ASP G 181 -6.60 -67.05 27.49
C ASP G 181 -6.29 -65.53 27.39
N PHE G 182 -7.15 -64.74 26.69
CA PHE G 182 -6.92 -63.30 26.52
C PHE G 182 -7.25 -62.51 27.77
N ALA G 183 -6.24 -61.78 28.25
CA ALA G 183 -6.27 -60.87 29.40
C ALA G 183 -5.61 -59.58 28.98
N CYS G 184 -6.03 -58.46 29.58
CA CYS G 184 -5.46 -57.16 29.26
C CYS G 184 -4.00 -57.03 29.75
N ALA G 185 -3.60 -57.82 30.74
CA ALA G 185 -2.25 -57.89 31.32
C ALA G 185 -1.24 -58.40 30.27
N ASN G 186 -1.72 -59.25 29.34
CA ASN G 186 -0.94 -59.88 28.27
C ASN G 186 -1.21 -59.34 26.85
N ALA G 187 -2.27 -58.53 26.69
CA ALA G 187 -2.74 -58.02 25.40
C ALA G 187 -1.65 -57.34 24.55
N PHE G 188 -0.83 -56.50 25.16
CA PHE G 188 0.20 -55.77 24.41
C PHE G 188 1.60 -56.27 24.74
N ASN G 189 1.76 -57.59 24.98
CA ASN G 189 3.05 -58.21 25.32
C ASN G 189 4.06 -58.15 24.16
N ASN G 190 3.57 -58.07 22.91
CA ASN G 190 4.45 -57.98 21.72
C ASN G 190 4.95 -56.54 21.48
N SER G 191 4.45 -55.55 22.27
CA SER G 191 4.87 -54.15 22.15
C SER G 191 5.88 -53.77 23.22
N ILE G 192 6.75 -52.78 22.91
CA ILE G 192 7.65 -52.20 23.91
C ILE G 192 6.83 -51.07 24.56
N ILE G 193 6.27 -51.35 25.74
CA ILE G 193 5.42 -50.42 26.47
C ILE G 193 6.20 -49.75 27.62
N PRO G 194 5.80 -48.53 28.08
CA PRO G 194 6.54 -47.88 29.19
C PRO G 194 6.58 -48.74 30.46
N GLU G 195 7.68 -48.64 31.22
CA GLU G 195 7.93 -49.38 32.47
C GLU G 195 6.90 -49.03 33.52
N ASP G 196 6.48 -47.76 33.56
CA ASP G 196 5.52 -47.25 34.53
C ASP G 196 4.03 -47.48 34.10
N THR G 197 3.77 -48.32 33.05
CA THR G 197 2.40 -48.58 32.55
C THR G 197 1.52 -49.12 33.68
N PHE G 198 0.38 -48.45 33.90
CA PHE G 198 -0.59 -48.79 34.94
C PHE G 198 -1.45 -49.95 34.47
N PHE G 199 -1.51 -51.01 35.29
CA PHE G 199 -2.33 -52.20 35.02
C PHE G 199 -3.30 -52.40 36.20
N PRO G 200 -4.51 -51.79 36.16
CA PRO G 200 -5.44 -51.94 37.28
C PRO G 200 -5.77 -53.40 37.64
N SER G 201 -5.93 -53.68 38.95
CA SER G 201 -6.26 -55.01 39.50
C SER G 201 -7.63 -55.51 39.01
N GLY H 5 -17.62 -26.57 -6.60
CA GLY H 5 -16.49 -27.40 -7.00
C GLY H 5 -16.86 -28.52 -7.94
N VAL H 6 -16.27 -29.70 -7.69
CA VAL H 6 -16.41 -30.90 -8.52
C VAL H 6 -17.27 -31.93 -7.78
N THR H 7 -18.37 -32.35 -8.38
CA THR H 7 -19.29 -33.33 -7.79
C THR H 7 -19.20 -34.61 -8.59
N GLN H 8 -18.83 -35.71 -7.94
CA GLN H 8 -18.79 -36.99 -8.62
C GLN H 8 -19.57 -38.04 -7.79
N THR H 9 -20.18 -39.00 -8.48
CA THR H 9 -20.93 -40.09 -7.87
C THR H 9 -20.61 -41.41 -8.60
N PRO H 10 -20.79 -42.59 -7.96
CA PRO H 10 -21.16 -42.83 -6.56
C PRO H 10 -19.92 -42.75 -5.67
N LYS H 11 -20.10 -42.62 -4.35
CA LYS H 11 -18.99 -42.55 -3.40
C LYS H 11 -18.36 -43.92 -3.26
N PHE H 12 -19.18 -44.97 -3.37
CA PHE H 12 -18.81 -46.38 -3.24
C PHE H 12 -19.57 -47.25 -4.21
N GLN H 13 -18.91 -48.31 -4.67
CA GLN H 13 -19.52 -49.26 -5.60
C GLN H 13 -18.80 -50.58 -5.55
N VAL H 14 -19.58 -51.65 -5.45
CA VAL H 14 -19.14 -53.04 -5.53
C VAL H 14 -19.60 -53.54 -6.90
N LEU H 15 -18.70 -54.12 -7.67
CA LEU H 15 -19.04 -54.68 -8.97
C LEU H 15 -18.57 -56.08 -9.03
N LYS H 16 -19.26 -56.88 -9.83
CA LYS H 16 -18.83 -58.24 -10.15
C LYS H 16 -18.02 -58.14 -11.47
N THR H 17 -17.00 -59.00 -11.66
CA THR H 17 -16.19 -59.08 -12.87
C THR H 17 -17.14 -59.24 -14.08
N GLY H 18 -16.99 -58.35 -15.07
CA GLY H 18 -17.81 -58.33 -16.27
C GLY H 18 -18.92 -57.29 -16.32
N GLN H 19 -19.28 -56.70 -15.16
CA GLN H 19 -20.34 -55.69 -15.02
C GLN H 19 -19.94 -54.32 -15.59
N SER H 20 -20.90 -53.59 -16.19
CA SER H 20 -20.77 -52.23 -16.69
C SER H 20 -21.01 -51.27 -15.53
N MET H 21 -20.38 -50.10 -15.59
CA MET H 21 -20.44 -49.07 -14.56
C MET H 21 -20.23 -47.68 -15.17
N THR H 22 -21.03 -46.69 -14.76
CA THR H 22 -20.86 -45.31 -15.19
C THR H 22 -20.70 -44.47 -13.95
N LEU H 23 -19.62 -43.69 -13.92
CA LEU H 23 -19.27 -42.73 -12.88
C LEU H 23 -19.58 -41.39 -13.44
N GLN H 24 -20.29 -40.58 -12.67
CA GLN H 24 -20.72 -39.26 -13.10
C GLN H 24 -19.87 -38.18 -12.47
N CYS H 25 -19.68 -37.10 -13.20
CA CYS H 25 -18.94 -35.95 -12.71
C CYS H 25 -19.46 -34.67 -13.29
N ALA H 26 -19.66 -33.69 -12.43
CA ALA H 26 -20.06 -32.35 -12.85
C ALA H 26 -19.21 -31.31 -12.11
N GLN H 27 -19.01 -30.16 -12.75
CA GLN H 27 -18.29 -29.05 -12.14
C GLN H 27 -19.05 -27.77 -12.47
N ASP H 28 -19.17 -26.88 -11.49
CA ASP H 28 -19.89 -25.61 -11.66
C ASP H 28 -18.91 -24.41 -11.67
N MET H 29 -17.65 -24.65 -12.10
CA MET H 29 -16.67 -23.57 -12.09
C MET H 29 -16.42 -22.94 -13.47
N ASN H 30 -17.19 -23.37 -14.49
CA ASN H 30 -17.08 -22.92 -15.87
C ASN H 30 -15.68 -23.27 -16.42
N HIS H 31 -15.15 -24.42 -15.98
CA HIS H 31 -13.86 -24.90 -16.42
C HIS H 31 -13.97 -25.57 -17.78
N ASN H 32 -12.94 -25.37 -18.60
CA ASN H 32 -12.85 -26.01 -19.90
C ASN H 32 -12.37 -27.46 -19.80
N SER H 33 -11.35 -27.71 -18.93
CA SER H 33 -10.64 -29.00 -18.76
C SER H 33 -11.19 -29.88 -17.68
N MET H 34 -11.41 -31.17 -18.00
CA MET H 34 -11.89 -32.19 -17.07
C MET H 34 -11.02 -33.43 -17.23
N TYR H 35 -10.86 -34.17 -16.15
CA TYR H 35 -9.96 -35.31 -16.02
C TYR H 35 -10.59 -36.42 -15.22
N TRP H 36 -10.14 -37.64 -15.47
CA TRP H 36 -10.47 -38.82 -14.68
C TRP H 36 -9.14 -39.48 -14.33
N TYR H 37 -8.91 -39.61 -13.02
CA TYR H 37 -7.73 -40.25 -12.49
C TYR H 37 -8.09 -41.48 -11.67
N ARG H 38 -7.15 -42.38 -11.52
CA ARG H 38 -7.30 -43.49 -10.59
C ARG H 38 -6.14 -43.40 -9.63
N GLN H 39 -6.43 -43.61 -8.36
CA GLN H 39 -5.43 -43.58 -7.32
C GLN H 39 -5.31 -44.99 -6.73
N ASP H 40 -4.11 -45.52 -6.76
CA ASP H 40 -3.77 -46.85 -6.29
C ASP H 40 -2.61 -46.75 -5.31
N PRO H 41 -2.60 -47.63 -4.27
CA PRO H 41 -1.49 -47.58 -3.28
C PRO H 41 -0.09 -47.70 -3.89
N GLY H 42 0.84 -46.91 -3.38
CA GLY H 42 2.25 -46.91 -3.79
C GLY H 42 2.56 -46.26 -5.13
N MET H 43 1.59 -45.54 -5.71
CA MET H 43 1.86 -44.89 -6.98
C MET H 43 1.13 -43.54 -7.09
N GLY H 44 1.61 -42.73 -8.00
CA GLY H 44 1.03 -41.42 -8.22
C GLY H 44 -0.26 -41.55 -8.99
N LEU H 45 -1.11 -40.51 -8.90
CA LEU H 45 -2.36 -40.49 -9.65
C LEU H 45 -2.06 -40.81 -11.11
N ARG H 46 -2.91 -41.61 -11.74
CA ARG H 46 -2.69 -41.95 -13.15
C ARG H 46 -3.91 -41.51 -13.92
N LEU H 47 -3.67 -40.72 -14.96
CA LEU H 47 -4.71 -40.17 -15.81
C LEU H 47 -5.26 -41.26 -16.73
N ILE H 48 -6.58 -41.39 -16.72
CA ILE H 48 -7.28 -42.40 -17.52
C ILE H 48 -7.65 -41.75 -18.85
N TYR H 49 -8.44 -40.67 -18.76
CA TYR H 49 -8.87 -39.86 -19.87
C TYR H 49 -8.95 -38.44 -19.46
N TYR H 50 -8.88 -37.54 -20.43
CA TYR H 50 -9.04 -36.11 -20.15
C TYR H 50 -9.85 -35.49 -21.27
N SER H 51 -10.36 -34.29 -21.01
CA SER H 51 -11.16 -33.52 -21.95
C SER H 51 -10.66 -32.09 -21.86
N ALA H 52 -9.82 -31.68 -22.84
CA ALA H 52 -9.17 -30.36 -22.86
C ALA H 52 -10.19 -29.23 -22.91
N SER H 53 -11.34 -29.48 -23.55
CA SER H 53 -12.46 -28.55 -23.64
C SER H 53 -13.68 -29.31 -24.07
N GLU H 54 -14.81 -28.63 -24.07
CA GLU H 54 -16.08 -29.22 -24.50
C GLU H 54 -15.94 -29.61 -25.99
N GLY H 55 -16.38 -30.80 -26.34
CA GLY H 55 -16.32 -31.24 -27.73
C GLY H 55 -15.08 -32.03 -28.11
N THR H 56 -14.19 -32.31 -27.13
CA THR H 56 -13.00 -33.11 -27.37
C THR H 56 -12.64 -33.89 -26.12
N THR H 57 -12.08 -35.09 -26.33
CA THR H 57 -11.57 -35.97 -25.27
C THR H 57 -10.35 -36.69 -25.78
N ASP H 58 -9.51 -37.23 -24.89
CA ASP H 58 -8.35 -38.00 -25.29
C ASP H 58 -7.89 -38.92 -24.17
N LYS H 59 -7.18 -39.99 -24.57
CA LYS H 59 -6.61 -41.00 -23.70
C LYS H 59 -5.56 -40.38 -22.80
N GLY H 60 -5.51 -40.89 -21.56
CA GLY H 60 -4.48 -40.50 -20.61
C GLY H 60 -3.40 -41.56 -20.65
N GLU H 61 -2.88 -41.92 -19.48
CA GLU H 61 -1.84 -42.92 -19.34
C GLU H 61 -2.42 -44.36 -19.30
N VAL H 62 -3.61 -44.54 -18.67
CA VAL H 62 -4.20 -45.87 -18.46
C VAL H 62 -5.65 -45.91 -19.02
N PRO H 63 -5.84 -45.70 -20.36
CA PRO H 63 -7.21 -45.67 -20.90
C PRO H 63 -7.91 -47.04 -21.09
N ASN H 64 -7.15 -48.16 -21.18
CA ASN H 64 -7.69 -49.50 -21.47
C ASN H 64 -8.65 -50.00 -20.41
N GLY H 65 -9.85 -50.33 -20.84
CA GLY H 65 -10.92 -50.84 -19.98
C GLY H 65 -11.90 -49.74 -19.60
N TYR H 66 -11.66 -48.54 -20.09
CA TYR H 66 -12.49 -47.37 -19.82
C TYR H 66 -12.86 -46.64 -21.08
N ASN H 67 -13.87 -45.79 -20.97
CA ASN H 67 -14.30 -44.85 -22.01
C ASN H 67 -14.92 -43.65 -21.30
N VAL H 68 -14.95 -42.52 -22.00
CA VAL H 68 -15.50 -41.31 -21.42
C VAL H 68 -16.44 -40.61 -22.35
N SER H 69 -17.23 -39.74 -21.75
CA SER H 69 -18.11 -38.87 -22.50
C SER H 69 -18.08 -37.48 -21.93
N ARG H 70 -17.70 -36.50 -22.73
CA ARG H 70 -17.81 -35.10 -22.32
C ARG H 70 -19.19 -34.68 -22.83
N LEU H 71 -20.20 -34.90 -22.01
CA LEU H 71 -21.62 -34.66 -22.32
C LEU H 71 -21.89 -33.19 -22.68
N ASN H 72 -21.27 -32.26 -21.94
CA ASN H 72 -21.42 -30.80 -22.10
C ASN H 72 -20.25 -30.18 -21.35
N LYS H 73 -20.22 -28.84 -21.18
CA LYS H 73 -19.10 -28.15 -20.52
C LYS H 73 -18.95 -28.58 -19.06
N ARG H 74 -20.09 -28.85 -18.40
CA ARG H 74 -20.14 -29.24 -17.01
C ARG H 74 -19.79 -30.69 -16.74
N GLU H 75 -20.23 -31.62 -17.61
CA GLU H 75 -20.20 -33.04 -17.30
C GLU H 75 -19.27 -33.90 -18.13
N PHE H 76 -18.59 -34.79 -17.43
CA PHE H 76 -17.60 -35.72 -17.96
C PHE H 76 -17.77 -37.05 -17.24
N SER H 77 -18.35 -38.02 -17.92
CA SER H 77 -18.59 -39.31 -17.27
C SER H 77 -17.55 -40.35 -17.69
N LEU H 78 -17.26 -41.29 -16.80
CA LEU H 78 -16.32 -42.39 -17.03
C LEU H 78 -17.09 -43.70 -17.00
N ARG H 79 -16.84 -44.55 -17.99
CA ARG H 79 -17.50 -45.84 -18.14
C ARG H 79 -16.50 -46.98 -18.05
N LEU H 80 -16.87 -48.01 -17.31
CA LEU H 80 -16.17 -49.30 -17.20
C LEU H 80 -17.00 -50.25 -18.03
N GLU H 81 -16.48 -50.69 -19.19
CA GLU H 81 -17.23 -51.55 -20.12
C GLU H 81 -17.49 -52.94 -19.53
N SER H 82 -16.41 -53.63 -19.11
CA SER H 82 -16.44 -54.96 -18.52
C SER H 82 -15.50 -54.93 -17.35
N ALA H 83 -16.03 -54.64 -16.16
CA ALA H 83 -15.26 -54.50 -14.94
C ALA H 83 -14.32 -55.69 -14.70
N ALA H 84 -13.09 -55.36 -14.32
CA ALA H 84 -12.04 -56.34 -14.04
C ALA H 84 -11.50 -56.09 -12.64
N PRO H 85 -11.06 -57.12 -11.89
CA PRO H 85 -10.53 -56.89 -10.53
C PRO H 85 -9.40 -55.85 -10.45
N SER H 86 -8.60 -55.66 -11.54
CA SER H 86 -7.52 -54.66 -11.58
C SER H 86 -8.08 -53.21 -11.61
N GLN H 87 -9.38 -53.05 -11.89
CA GLN H 87 -10.01 -51.72 -11.92
C GLN H 87 -10.49 -51.34 -10.49
N THR H 88 -10.20 -52.20 -9.48
CA THR H 88 -10.47 -51.89 -8.07
C THR H 88 -9.53 -50.74 -7.74
N SER H 89 -10.10 -49.57 -7.44
CA SER H 89 -9.35 -48.33 -7.22
C SER H 89 -10.24 -47.24 -6.67
N VAL H 90 -9.63 -46.09 -6.40
CA VAL H 90 -10.31 -44.85 -6.02
C VAL H 90 -10.22 -43.96 -7.26
N TYR H 91 -11.37 -43.54 -7.74
CA TYR H 91 -11.44 -42.73 -8.95
C TYR H 91 -11.71 -41.28 -8.60
N PHE H 92 -10.91 -40.40 -9.14
CA PHE H 92 -11.06 -38.98 -8.92
C PHE H 92 -11.33 -38.28 -10.19
N CYS H 93 -12.44 -37.54 -10.22
CA CYS H 93 -12.72 -36.64 -11.30
C CYS H 93 -12.06 -35.31 -10.92
N ALA H 94 -11.57 -34.57 -11.92
CA ALA H 94 -10.94 -33.29 -11.67
C ALA H 94 -11.27 -32.30 -12.77
N SER H 95 -11.08 -31.01 -12.49
CA SER H 95 -11.28 -29.96 -13.48
C SER H 95 -10.30 -28.80 -13.24
N SER H 96 -10.02 -28.05 -14.31
CA SER H 96 -9.17 -26.86 -14.32
C SER H 96 -9.63 -25.93 -15.43
N ALA H 97 -9.39 -24.63 -15.25
CA ALA H 97 -9.80 -23.64 -16.22
C ALA H 97 -9.26 -23.98 -17.64
N ALA H 98 -8.03 -24.52 -17.70
CA ALA H 98 -7.31 -24.89 -18.94
C ALA H 98 -6.30 -25.95 -18.59
N VAL H 99 -5.79 -26.69 -19.58
CA VAL H 99 -4.78 -27.75 -19.36
C VAL H 99 -3.39 -27.14 -19.10
N GLU H 100 -3.07 -25.98 -19.71
CA GLU H 100 -1.77 -25.29 -19.60
C GLU H 100 -1.35 -24.97 -18.18
N GLY H 101 -0.04 -24.71 -18.03
CA GLY H 101 0.66 -24.33 -16.81
C GLY H 101 0.06 -23.28 -15.86
N GLY H 102 0.07 -23.65 -14.60
CA GLY H 102 -0.39 -22.80 -13.51
C GLY H 102 -1.79 -23.04 -13.01
N ASN H 103 -2.71 -23.36 -13.96
CA ASN H 103 -4.14 -23.60 -13.69
C ASN H 103 -4.32 -24.67 -12.66
N THR H 104 -4.85 -24.26 -11.52
CA THR H 104 -5.14 -25.14 -10.39
C THR H 104 -6.15 -26.21 -10.79
N ILE H 105 -5.85 -27.47 -10.42
CA ILE H 105 -6.70 -28.62 -10.56
C ILE H 105 -7.58 -28.74 -9.31
N TYR H 106 -8.86 -28.97 -9.53
CA TYR H 106 -9.86 -29.14 -8.49
C TYR H 106 -10.35 -30.57 -8.56
N PHE H 107 -10.29 -31.31 -7.45
CA PHE H 107 -10.72 -32.70 -7.46
C PHE H 107 -12.10 -32.90 -6.84
N GLY H 108 -12.78 -33.93 -7.32
CA GLY H 108 -14.04 -34.42 -6.78
C GLY H 108 -13.73 -35.20 -5.52
N GLU H 109 -14.77 -35.62 -4.78
CA GLU H 109 -14.67 -36.32 -3.50
C GLU H 109 -14.06 -37.73 -3.62
N GLY H 110 -14.08 -38.30 -4.82
CA GLY H 110 -13.54 -39.63 -5.05
C GLY H 110 -14.61 -40.71 -5.06
N SER H 111 -14.40 -41.75 -5.88
CA SER H 111 -15.29 -42.91 -5.99
C SER H 111 -14.49 -44.16 -5.71
N ARG H 112 -14.84 -44.87 -4.65
CA ARG H 112 -14.17 -46.08 -4.25
C ARG H 112 -14.93 -47.22 -4.90
N LEU H 113 -14.23 -47.93 -5.77
CA LEU H 113 -14.77 -49.01 -6.57
C LEU H 113 -14.05 -50.31 -6.27
N THR H 114 -14.82 -51.37 -6.04
CA THR H 114 -14.26 -52.68 -5.79
C THR H 114 -14.89 -53.67 -6.76
N VAL H 115 -14.05 -54.32 -7.57
CA VAL H 115 -14.45 -55.33 -8.54
C VAL H 115 -14.04 -56.70 -7.99
N LEU H 116 -15.04 -57.58 -7.84
CA LEU H 116 -14.85 -58.91 -7.29
C LEU H 116 -15.25 -59.99 -8.29
N GLU H 117 -14.57 -61.15 -8.25
CA GLU H 117 -14.88 -62.28 -9.13
C GLU H 117 -16.31 -62.76 -8.81
N ASP H 118 -16.63 -62.79 -7.51
CA ASP H 118 -17.99 -63.09 -7.05
C ASP H 118 -18.25 -62.38 -5.71
N LEU H 119 -19.52 -62.09 -5.46
CA LEU H 119 -19.93 -61.30 -4.31
C LEU H 119 -20.05 -62.11 -3.03
N LYS H 120 -19.60 -63.37 -3.01
CA LYS H 120 -19.69 -64.24 -1.82
C LYS H 120 -18.77 -63.82 -0.64
N ASN H 121 -17.71 -63.00 -0.85
CA ASN H 121 -16.88 -62.57 0.27
C ASN H 121 -17.36 -61.20 0.85
N VAL H 122 -18.46 -60.64 0.31
CA VAL H 122 -19.00 -59.37 0.80
C VAL H 122 -19.74 -59.62 2.13
N PHE H 123 -19.35 -58.88 3.16
CA PHE H 123 -19.96 -58.99 4.48
C PHE H 123 -20.19 -57.62 5.08
N PRO H 124 -21.32 -57.40 5.75
CA PRO H 124 -21.49 -56.11 6.45
C PRO H 124 -20.68 -56.15 7.76
N PRO H 125 -20.47 -55.03 8.50
CA PRO H 125 -19.76 -55.20 9.76
C PRO H 125 -20.68 -55.63 10.89
N GLU H 126 -20.05 -56.22 11.92
CA GLU H 126 -20.68 -56.49 13.19
C GLU H 126 -20.23 -55.28 14.02
N VAL H 127 -21.13 -54.63 14.73
CA VAL H 127 -20.80 -53.41 15.48
C VAL H 127 -21.11 -53.61 16.94
N ALA H 128 -20.15 -53.29 17.82
CA ALA H 128 -20.34 -53.40 19.26
C ALA H 128 -19.68 -52.22 19.95
N VAL H 129 -20.34 -51.74 21.03
CA VAL H 129 -19.84 -50.64 21.87
C VAL H 129 -19.40 -51.21 23.22
N PHE H 130 -18.23 -50.79 23.67
CA PHE H 130 -17.65 -51.23 24.90
C PHE H 130 -17.57 -50.01 25.82
N GLU H 131 -18.29 -50.09 26.94
CA GLU H 131 -18.40 -49.05 27.95
C GLU H 131 -17.08 -48.80 28.70
N PRO H 132 -16.85 -47.55 29.18
CA PRO H 132 -15.57 -47.23 29.81
C PRO H 132 -15.23 -48.06 31.03
N SER H 133 -13.93 -48.28 31.19
CA SER H 133 -13.31 -48.94 32.33
C SER H 133 -13.49 -48.05 33.57
N GLU H 134 -14.00 -48.61 34.69
CA GLU H 134 -14.17 -47.89 35.94
C GLU H 134 -12.81 -47.46 36.50
N ALA H 135 -11.75 -48.25 36.22
CA ALA H 135 -10.39 -47.94 36.61
C ALA H 135 -9.86 -46.70 35.88
N GLU H 136 -10.28 -46.47 34.63
CA GLU H 136 -9.85 -45.31 33.86
C GLU H 136 -10.52 -44.08 34.43
N ILE H 137 -11.85 -44.19 34.72
CA ILE H 137 -12.64 -43.10 35.29
C ILE H 137 -12.00 -42.63 36.59
N SER H 138 -11.68 -43.56 37.52
CA SER H 138 -11.10 -43.19 38.81
C SER H 138 -9.64 -42.71 38.69
N HIS H 139 -8.88 -43.22 37.72
CA HIS H 139 -7.49 -42.82 37.53
C HIS H 139 -7.33 -41.50 36.79
N THR H 140 -8.17 -41.21 35.77
CA THR H 140 -7.96 -40.01 34.93
C THR H 140 -9.10 -38.98 34.92
N GLN H 141 -10.30 -39.33 35.46
CA GLN H 141 -11.53 -38.49 35.45
C GLN H 141 -11.98 -38.28 33.98
N LYS H 142 -11.63 -39.26 33.15
CA LYS H 142 -11.94 -39.35 31.73
C LYS H 142 -12.51 -40.74 31.46
N ALA H 143 -13.31 -40.88 30.40
CA ALA H 143 -14.00 -42.13 30.11
C ALA H 143 -13.96 -42.41 28.63
N THR H 144 -13.37 -43.53 28.22
CA THR H 144 -13.29 -43.90 26.81
C THR H 144 -14.23 -45.05 26.49
N LEU H 145 -15.17 -44.81 25.59
CA LEU H 145 -16.00 -45.82 24.96
C LEU H 145 -15.26 -46.28 23.69
N VAL H 146 -15.28 -47.60 23.42
CA VAL H 146 -14.67 -48.11 22.20
C VAL H 146 -15.80 -48.71 21.35
N CYS H 147 -15.70 -48.47 20.05
CA CYS H 147 -16.58 -49.07 19.09
C CYS H 147 -15.77 -49.98 18.16
N LEU H 148 -16.23 -51.22 17.97
CA LEU H 148 -15.59 -52.14 17.02
C LEU H 148 -16.52 -52.50 15.90
N ALA H 149 -16.07 -52.30 14.67
CA ALA H 149 -16.78 -52.67 13.43
C ALA H 149 -15.93 -53.77 12.82
N THR H 150 -16.40 -55.01 12.90
CA THR H 150 -15.58 -56.17 12.52
C THR H 150 -16.22 -57.04 11.45
N GLY H 151 -15.35 -57.75 10.73
CA GLY H 151 -15.71 -58.73 9.72
C GLY H 151 -16.33 -58.19 8.46
N PHE H 152 -16.08 -56.93 8.12
CA PHE H 152 -16.68 -56.37 6.91
C PHE H 152 -15.76 -56.50 5.69
N TYR H 153 -16.38 -56.52 4.51
CA TYR H 153 -15.69 -56.62 3.23
C TYR H 153 -16.63 -56.18 2.12
N PRO H 154 -16.20 -55.31 1.18
CA PRO H 154 -14.89 -54.60 1.10
C PRO H 154 -14.79 -53.49 2.16
N ASP H 155 -13.70 -52.71 2.17
CA ASP H 155 -13.56 -51.64 3.15
C ASP H 155 -14.34 -50.41 2.60
N HIS H 156 -15.68 -50.48 2.72
CA HIS H 156 -16.65 -49.47 2.28
C HIS H 156 -17.53 -49.06 3.49
N VAL H 157 -16.90 -48.44 4.51
CA VAL H 157 -17.59 -48.10 5.76
C VAL H 157 -17.33 -46.67 6.17
N GLU H 158 -18.30 -46.08 6.90
CA GLU H 158 -18.20 -44.77 7.51
C GLU H 158 -18.70 -44.91 8.93
N LEU H 159 -17.79 -44.68 9.88
CA LEU H 159 -18.08 -44.78 11.29
C LEU H 159 -18.29 -43.37 11.85
N SER H 160 -19.38 -43.21 12.61
CA SER H 160 -19.73 -41.96 13.28
C SER H 160 -20.25 -42.22 14.67
N TRP H 161 -20.07 -41.24 15.56
CA TRP H 161 -20.55 -41.29 16.94
C TRP H 161 -21.65 -40.30 17.09
N TRP H 162 -22.65 -40.68 17.87
CA TRP H 162 -23.82 -39.86 18.11
C TRP H 162 -24.04 -39.75 19.62
N VAL H 163 -24.00 -38.50 20.12
CA VAL H 163 -24.23 -38.20 21.52
C VAL H 163 -25.52 -37.39 21.61
N ASN H 164 -26.53 -37.99 22.27
CA ASN H 164 -27.87 -37.46 22.47
C ASN H 164 -28.49 -37.10 21.13
N GLY H 165 -28.33 -38.02 20.18
CA GLY H 165 -28.88 -37.92 18.83
C GLY H 165 -28.18 -36.97 17.88
N LYS H 166 -27.01 -36.44 18.28
CA LYS H 166 -26.25 -35.52 17.44
C LYS H 166 -24.84 -36.07 17.21
N GLU H 167 -24.34 -35.93 15.98
CA GLU H 167 -23.01 -36.38 15.60
C GLU H 167 -21.93 -35.56 16.30
N VAL H 168 -20.93 -36.26 16.87
CA VAL H 168 -19.81 -35.61 17.53
C VAL H 168 -18.52 -35.98 16.82
N HIS H 169 -17.51 -35.10 16.93
CA HIS H 169 -16.19 -35.29 16.32
C HIS H 169 -15.13 -35.04 17.37
N SER H 170 -15.40 -34.13 18.32
CA SER H 170 -14.47 -33.84 19.41
C SER H 170 -14.38 -35.05 20.33
N GLY H 171 -13.16 -35.45 20.66
CA GLY H 171 -12.89 -36.57 21.54
C GLY H 171 -13.03 -37.91 20.86
N VAL H 172 -13.05 -37.89 19.53
CA VAL H 172 -13.23 -39.08 18.69
C VAL H 172 -11.93 -39.40 17.96
N CYS H 173 -11.58 -40.68 17.92
CA CYS H 173 -10.50 -41.14 17.08
C CYS H 173 -10.92 -42.44 16.46
N THR H 174 -10.94 -42.48 15.14
CA THR H 174 -11.24 -43.66 14.34
C THR H 174 -10.00 -44.02 13.59
N ASP H 175 -9.63 -45.33 13.57
CA ASP H 175 -8.45 -45.76 12.81
C ASP H 175 -8.56 -45.27 11.37
N PRO H 176 -7.50 -44.62 10.82
CA PRO H 176 -7.54 -44.15 9.42
C PRO H 176 -7.63 -45.29 8.40
N GLN H 177 -7.01 -46.44 8.71
CA GLN H 177 -7.04 -47.62 7.85
C GLN H 177 -7.62 -48.80 8.61
N PRO H 178 -8.41 -49.68 7.96
CA PRO H 178 -8.93 -50.85 8.68
C PRO H 178 -7.83 -51.88 8.87
N LEU H 179 -8.05 -52.80 9.77
CA LEU H 179 -7.14 -53.88 10.07
C LEU H 179 -7.59 -55.15 9.34
N LYS H 180 -6.66 -55.85 8.68
CA LYS H 180 -6.96 -57.14 8.07
C LYS H 180 -7.00 -58.17 9.18
N GLU H 181 -8.15 -58.81 9.36
CA GLU H 181 -8.33 -59.84 10.37
C GLU H 181 -7.49 -61.08 10.04
N GLN H 182 -7.34 -61.40 8.73
CA GLN H 182 -6.50 -62.52 8.23
C GLN H 182 -5.41 -61.89 7.34
N PRO H 183 -4.36 -61.25 7.92
CA PRO H 183 -3.36 -60.52 7.11
C PRO H 183 -2.76 -61.26 5.91
N ALA H 184 -2.63 -62.59 5.97
CA ALA H 184 -2.05 -63.40 4.88
C ALA H 184 -3.01 -63.67 3.72
N LEU H 185 -4.34 -63.45 3.92
CA LEU H 185 -5.33 -63.72 2.87
C LEU H 185 -5.51 -62.50 1.98
N ASN H 186 -5.64 -62.74 0.66
CA ASN H 186 -5.80 -61.71 -0.38
C ASN H 186 -7.15 -60.98 -0.22
N ASP H 187 -8.20 -61.72 0.14
CA ASP H 187 -9.53 -61.18 0.31
C ASP H 187 -9.94 -61.14 1.81
N SER H 188 -9.01 -60.79 2.71
CA SER H 188 -9.28 -60.74 4.16
C SER H 188 -10.43 -59.78 4.50
N ARG H 189 -11.24 -60.14 5.51
CA ARG H 189 -12.29 -59.27 6.01
C ARG H 189 -11.60 -58.24 6.90
N TYR H 190 -12.29 -57.14 7.22
CA TYR H 190 -11.65 -56.07 7.98
C TYR H 190 -12.28 -55.81 9.32
N ALA H 191 -11.50 -55.09 10.15
CA ALA H 191 -11.88 -54.59 11.45
C ALA H 191 -11.48 -53.12 11.53
N LEU H 192 -12.34 -52.32 12.15
CA LEU H 192 -12.12 -50.90 12.37
C LEU H 192 -12.53 -50.60 13.78
N SER H 193 -11.69 -49.84 14.48
CA SER H 193 -12.02 -49.42 15.84
C SER H 193 -12.11 -47.93 15.88
N SER H 194 -12.89 -47.44 16.80
CA SER H 194 -13.04 -46.02 17.08
C SER H 194 -13.16 -45.88 18.55
N ARG H 195 -12.73 -44.74 19.05
CA ARG H 195 -12.84 -44.38 20.46
C ARG H 195 -13.57 -43.07 20.60
N LEU H 196 -14.33 -42.93 21.66
CA LEU H 196 -14.92 -41.66 22.01
C LEU H 196 -14.55 -41.41 23.47
N ARG H 197 -13.83 -40.33 23.74
CA ARG H 197 -13.44 -39.99 25.09
C ARG H 197 -14.20 -38.75 25.56
N VAL H 198 -14.79 -38.87 26.74
CA VAL H 198 -15.55 -37.82 27.37
C VAL H 198 -15.07 -37.67 28.80
N SER H 199 -15.49 -36.58 29.47
CA SER H 199 -15.14 -36.39 30.89
C SER H 199 -15.92 -37.41 31.73
N ALA H 200 -15.39 -37.76 32.91
CA ALA H 200 -16.07 -38.70 33.81
C ALA H 200 -17.45 -38.16 34.15
N THR H 201 -17.59 -36.82 34.35
CA THR H 201 -18.86 -36.15 34.69
C THR H 201 -19.89 -36.27 33.55
N PHE H 202 -19.41 -36.30 32.32
CA PHE H 202 -20.32 -36.46 31.18
C PHE H 202 -20.81 -37.91 31.11
N TRP H 203 -19.90 -38.87 31.31
CA TRP H 203 -20.23 -40.29 31.29
C TRP H 203 -21.16 -40.64 32.48
N GLN H 204 -20.97 -40.02 33.63
CA GLN H 204 -21.74 -40.29 34.84
C GLN H 204 -23.18 -39.75 34.84
N ASN H 205 -23.57 -39.00 33.79
CA ASN H 205 -24.94 -38.54 33.66
C ASN H 205 -25.74 -39.71 33.04
N PRO H 206 -26.70 -40.28 33.79
CA PRO H 206 -27.43 -41.46 33.29
C PRO H 206 -28.36 -41.20 32.09
N ARG H 207 -28.59 -39.92 31.72
CA ARG H 207 -29.44 -39.68 30.58
C ARG H 207 -28.64 -39.25 29.35
N ASN H 208 -27.31 -39.39 29.42
CA ASN H 208 -26.43 -39.18 28.27
C ASN H 208 -26.45 -40.47 27.49
N HIS H 209 -26.83 -40.38 26.20
CA HIS H 209 -26.95 -41.50 25.26
C HIS H 209 -25.83 -41.42 24.22
N PHE H 210 -25.16 -42.56 23.99
CA PHE H 210 -24.01 -42.70 23.10
C PHE H 210 -24.31 -43.77 22.07
N ARG H 211 -24.03 -43.49 20.80
CA ARG H 211 -24.29 -44.47 19.75
C ARG H 211 -23.16 -44.46 18.73
N CYS H 212 -22.69 -45.63 18.41
CA CYS H 212 -21.72 -45.81 17.37
C CYS H 212 -22.49 -46.30 16.13
N GLN H 213 -22.38 -45.57 15.01
CA GLN H 213 -23.10 -45.90 13.79
C GLN H 213 -22.14 -46.21 12.66
N VAL H 214 -22.37 -47.32 11.97
CA VAL H 214 -21.52 -47.69 10.86
C VAL H 214 -22.37 -47.83 9.61
N GLN H 215 -22.07 -46.96 8.64
CA GLN H 215 -22.68 -47.05 7.34
C GLN H 215 -21.83 -47.99 6.50
N PHE H 216 -22.45 -49.05 5.97
CA PHE H 216 -21.78 -50.00 5.08
C PHE H 216 -22.34 -49.83 3.71
N TYR H 217 -21.47 -49.79 2.69
CA TYR H 217 -21.83 -49.69 1.29
C TYR H 217 -21.56 -51.02 0.71
N GLY H 218 -22.63 -51.74 0.45
CA GLY H 218 -22.53 -53.10 -0.07
C GLY H 218 -23.26 -53.25 -1.38
N LEU H 219 -23.99 -54.32 -1.46
CA LEU H 219 -24.79 -54.75 -2.59
C LEU H 219 -26.07 -53.89 -2.76
N SER H 220 -26.60 -53.90 -3.98
CA SER H 220 -27.84 -53.23 -4.31
C SER H 220 -28.89 -54.28 -4.69
N GLU H 221 -30.14 -53.83 -4.94
CA GLU H 221 -31.31 -54.63 -5.31
C GLU H 221 -31.02 -55.58 -6.48
N ASN H 222 -30.34 -55.08 -7.51
CA ASN H 222 -30.05 -55.80 -8.75
C ASN H 222 -28.93 -56.83 -8.62
N ASP H 223 -28.11 -56.78 -7.57
CA ASP H 223 -27.05 -57.77 -7.40
C ASP H 223 -27.64 -59.13 -7.05
N GLU H 224 -27.22 -60.16 -7.78
CA GLU H 224 -27.67 -61.53 -7.58
C GLU H 224 -27.07 -62.07 -6.29
N TRP H 225 -27.87 -62.76 -5.50
CA TRP H 225 -27.38 -63.31 -4.24
C TRP H 225 -27.84 -64.76 -4.09
N THR H 226 -26.88 -65.70 -3.93
CA THR H 226 -27.17 -67.14 -3.83
C THR H 226 -26.66 -67.77 -2.52
N GLN H 227 -26.03 -67.00 -1.61
CA GLN H 227 -25.53 -67.57 -0.36
C GLN H 227 -26.64 -67.79 0.67
N ASP H 228 -26.38 -68.67 1.67
CA ASP H 228 -27.32 -68.98 2.78
C ASP H 228 -27.54 -67.79 3.73
N ARG H 229 -26.47 -67.07 4.04
CA ARG H 229 -26.55 -65.90 4.92
C ARG H 229 -27.30 -64.73 4.21
N ALA H 230 -27.68 -63.69 4.97
CA ALA H 230 -28.41 -62.49 4.48
C ALA H 230 -27.61 -61.72 3.42
N LYS H 231 -28.32 -61.14 2.44
CA LYS H 231 -27.74 -60.37 1.35
C LYS H 231 -27.04 -59.11 1.93
N PRO H 232 -25.70 -58.95 1.72
CA PRO H 232 -24.97 -57.81 2.32
C PRO H 232 -25.19 -56.50 1.57
N VAL H 233 -26.42 -56.03 1.61
CA VAL H 233 -26.87 -54.78 0.99
C VAL H 233 -26.25 -53.56 1.72
N THR H 234 -26.27 -52.38 1.08
CA THR H 234 -25.91 -51.11 1.71
C THR H 234 -26.80 -51.00 2.98
N GLN H 235 -26.21 -50.76 4.14
CA GLN H 235 -26.99 -50.71 5.40
C GLN H 235 -26.24 -49.96 6.50
N ILE H 236 -26.98 -49.54 7.55
CA ILE H 236 -26.44 -48.91 8.75
C ILE H 236 -26.50 -49.97 9.88
N VAL H 237 -25.35 -50.22 10.54
CA VAL H 237 -25.24 -51.16 11.66
C VAL H 237 -24.81 -50.32 12.87
N SER H 238 -25.56 -50.40 13.98
CA SER H 238 -25.21 -49.55 15.11
C SER H 238 -25.22 -50.30 16.45
N ALA H 239 -24.60 -49.69 17.47
CA ALA H 239 -24.58 -50.18 18.86
C ALA H 239 -24.63 -48.98 19.75
N GLU H 240 -25.27 -49.13 20.90
CA GLU H 240 -25.48 -48.01 21.81
C GLU H 240 -25.03 -48.30 23.26
N ALA H 241 -25.00 -47.21 24.04
CA ALA H 241 -24.71 -47.23 25.47
C ALA H 241 -25.32 -45.98 26.12
N TRP H 242 -25.76 -46.11 27.36
CA TRP H 242 -26.22 -44.98 28.16
C TRP H 242 -25.16 -44.70 29.22
N GLY H 243 -25.13 -43.46 29.71
CA GLY H 243 -24.21 -43.06 30.78
C GLY H 243 -24.55 -43.82 32.04
N ARG H 244 -23.58 -44.01 32.92
CA ARG H 244 -23.77 -44.77 34.15
C ARG H 244 -23.51 -43.89 35.37
N ALA H 245 -24.52 -43.74 36.26
CA ALA H 245 -24.44 -42.97 37.50
C ALA H 245 -23.98 -43.86 38.68
C4 30W I . -1.41 22.18 5.48
C6 30W I . -2.33 25.18 3.58
C11 30W I . -2.40 20.93 11.06
C7 30W I . -3.18 25.80 4.48
C9 30W I . -2.01 25.77 2.24
C10 30W I . -1.97 21.13 9.64
N1 30W I . -3.04 23.64 7.30
N2 30W I . -2.66 22.12 8.96
N3 30W I . -1.68 21.75 6.76
O10 30W I . -1.07 20.48 9.14
C2 30W I . -2.44 22.40 7.69
C8A 30W I . -2.82 24.16 6.05
N8 30W I . -3.44 25.31 5.71
N5 30W I . -1.74 24.01 3.88
C4A 30W I . -1.99 23.49 5.09
O4 30W I . -0.75 21.48 4.72
CL CL J . 5.11 9.33 -1.50
C1 GOL K . -19.57 4.06 -12.41
O1 GOL K . -20.22 4.43 -13.59
C2 GOL K . -20.48 4.32 -11.23
O2 GOL K . -20.95 5.66 -11.26
C3 GOL K . -21.64 3.35 -11.09
O3 GOL K . -22.25 3.49 -9.82
C1 B3P L . 7.79 16.88 14.33
C2 B3P L . 6.82 16.20 13.39
C3 B3P L . 8.90 15.94 14.70
N1 B3P L . 9.81 16.54 15.68
C4 B3P L . 10.56 15.67 16.71
C5 B3P L . 11.77 16.57 17.00
C6 B3P L . 9.69 15.47 17.96
C7 B3P L . 11.02 14.28 16.22
N2 B3P L . 5.79 17.17 12.97
C8 B3P L . 4.95 16.85 11.74
C9 B3P L . 3.99 18.04 11.57
C10 B3P L . 4.16 15.55 11.94
C11 B3P L . 5.86 16.73 10.51
O1 B3P L . 2.98 17.77 10.59
O2 B3P L . 3.57 15.43 13.24
O3 B3P L . 6.80 17.80 10.47
O4 B3P L . 12.51 16.18 18.16
O5 B3P L . 8.76 16.52 18.16
O6 B3P L . 11.74 14.33 14.99
C1 GOL M . -4.56 3.09 -22.31
O1 GOL M . -5.68 3.89 -22.65
C2 GOL M . -4.26 3.15 -20.83
O2 GOL M . -5.44 3.29 -20.06
C3 GOL M . -3.52 1.92 -20.39
O3 GOL M . -2.40 2.36 -19.65
C1 GOL N . -12.57 5.94 -22.71
C1 GOL N . -10.36 5.62 -26.26
O1 GOL N . -11.31 5.35 -23.01
O1 GOL N . -10.77 6.89 -26.72
C2 GOL N . -12.81 5.97 -21.22
C2 GOL N . -9.18 5.74 -25.33
O2 GOL N . -12.27 4.79 -20.61
O2 GOL N . -9.60 6.21 -24.05
C3 GOL N . -14.30 6.04 -20.97
C3 GOL N . -8.43 4.44 -25.19
O3 GOL N . -14.61 5.75 -19.62
O3 GOL N . -9.23 3.43 -24.59
C4 30W O . 1.34 -21.85 -28.77
C6 30W O . 1.74 -24.92 -30.72
C11 30W O . 3.09 -20.72 -23.36
C7 30W O . 2.62 -25.63 -29.91
C9 30W O . 1.21 -25.51 -31.99
C10 30W O . 2.48 -20.90 -24.72
N1 30W O . 3.05 -23.44 -27.15
N2 30W O . 3.04 -21.92 -25.47
N3 30W O . 1.82 -21.47 -27.52
O10 30W O . 1.53 -20.23 -25.10
C2 30W O . 2.64 -22.19 -26.71
C8A 30W O . 2.63 -23.95 -28.35
N8 30W O . 3.06 -25.17 -28.73
N5 30W O . 1.32 -23.70 -30.38
C4A 30W O . 1.76 -23.20 -29.21
O4 30W O . 0.65 -21.09 -29.42
C1 GOL P . -7.90 -1.68 -31.73
O1 GOL P . -7.47 -2.51 -32.80
C2 GOL P . -6.69 -1.21 -30.94
O2 GOL P . -7.02 0.01 -30.26
C3 GOL P . -6.27 -2.26 -29.94
O3 GOL P . -5.89 -3.47 -30.59
C1 GOL Q . 17.80 -4.29 -50.15
O1 GOL Q . 16.63 -4.47 -50.92
C2 GOL Q . 17.58 -4.67 -48.70
O2 GOL Q . 16.84 -5.90 -48.65
C3 GOL Q . 18.89 -4.85 -47.98
O3 GOL Q . 19.48 -3.60 -47.61
C1 B3P R . -6.25 -16.05 -18.53
C2 B3P R . -5.81 -15.65 -19.92
C3 B3P R . -7.62 -16.68 -18.47
N1 B3P R . -8.56 -15.71 -17.89
C4 B3P R . -9.25 -15.85 -16.53
C5 B3P R . -9.99 -14.52 -16.36
C6 B3P R . -10.29 -16.97 -16.60
C7 B3P R . -8.32 -16.08 -15.33
N2 B3P R . -4.93 -16.69 -20.48
C8 B3P R . -4.21 -16.50 -21.80
C9 B3P R . -3.38 -15.20 -21.76
C10 B3P R . -5.24 -16.42 -22.93
C11 B3P R . -3.27 -17.71 -21.98
O1 B3P R . -2.57 -15.12 -20.60
O2 B3P R . -6.23 -17.44 -22.84
O3 B3P R . -2.46 -17.59 -23.13
O4 B3P R . -9.25 -13.41 -16.86
O5 B3P R . -9.73 -18.26 -16.82
O6 B3P R . -7.19 -15.21 -15.29
C1 GOL S . 16.12 42.42 29.95
O1 GOL S . 15.27 41.53 30.65
C2 GOL S . 16.96 43.26 30.89
O2 GOL S . 17.97 43.97 30.13
C3 GOL S . 17.63 42.46 31.98
O3 GOL S . 17.77 43.22 33.18
#